data_5QS0
# 
_entry.id   5QS0 
# 
_audit_conform.dict_name       mmcif_pdbx.dic 
_audit_conform.dict_version    5.387 
_audit_conform.dict_location   http://mmcif.pdb.org/dictionaries/ascii/mmcif_pdbx.dic 
# 
loop_
_database_2.database_id 
_database_2.database_code 
_database_2.pdbx_database_accession 
_database_2.pdbx_DOI 
PDB   5QS0         pdb_00005qs0 10.2210/pdb5qs0/pdb 
WWPDB D_1001402333 ?            ?                   
# 
loop_
_pdbx_audit_revision_history.ordinal 
_pdbx_audit_revision_history.data_content_type 
_pdbx_audit_revision_history.major_revision 
_pdbx_audit_revision_history.minor_revision 
_pdbx_audit_revision_history.revision_date 
1 'Structure model' 1 0 2019-07-10 
2 'Structure model' 1 1 2019-08-07 
3 'Structure model' 1 2 2024-03-06 
# 
_pdbx_audit_revision_details.ordinal             1 
_pdbx_audit_revision_details.revision_ordinal    1 
_pdbx_audit_revision_details.data_content_type   'Structure model' 
_pdbx_audit_revision_details.provider            repository 
_pdbx_audit_revision_details.type                'Initial release' 
_pdbx_audit_revision_details.description         ? 
_pdbx_audit_revision_details.details             ? 
# 
loop_
_pdbx_audit_revision_group.ordinal 
_pdbx_audit_revision_group.revision_ordinal 
_pdbx_audit_revision_group.data_content_type 
_pdbx_audit_revision_group.group 
1 2 'Structure model' 'Author supporting evidence' 
2 2 'Structure model' 'Data collection'            
3 2 'Structure model' 'Structure summary'          
4 3 'Structure model' 'Data collection'            
5 3 'Structure model' 'Database references'        
6 3 'Structure model' 'Derived calculations'       
# 
loop_
_pdbx_audit_revision_category.ordinal 
_pdbx_audit_revision_category.revision_ordinal 
_pdbx_audit_revision_category.data_content_type 
_pdbx_audit_revision_category.category 
1 2 'Structure model' pdbx_entity_instance_feature 
2 2 'Structure model' pdbx_entry_details           
3 3 'Structure model' chem_comp_atom               
4 3 'Structure model' chem_comp_bond               
5 3 'Structure model' database_2                   
6 3 'Structure model' pdbx_struct_conn_angle       
7 3 'Structure model' struct_conn                  
# 
loop_
_pdbx_audit_revision_item.ordinal 
_pdbx_audit_revision_item.revision_ordinal 
_pdbx_audit_revision_item.data_content_type 
_pdbx_audit_revision_item.item 
1  3 'Structure model' '_database_2.pdbx_DOI'                        
2  3 'Structure model' '_database_2.pdbx_database_accession'         
3  3 'Structure model' '_pdbx_struct_conn_angle.ptnr1_auth_comp_id'  
4  3 'Structure model' '_pdbx_struct_conn_angle.ptnr1_auth_seq_id'   
5  3 'Structure model' '_pdbx_struct_conn_angle.ptnr1_label_alt_id'  
6  3 'Structure model' '_pdbx_struct_conn_angle.ptnr1_label_asym_id' 
7  3 'Structure model' '_pdbx_struct_conn_angle.ptnr1_label_atom_id' 
8  3 'Structure model' '_pdbx_struct_conn_angle.ptnr1_label_comp_id' 
9  3 'Structure model' '_pdbx_struct_conn_angle.ptnr1_label_seq_id'  
10 3 'Structure model' '_pdbx_struct_conn_angle.ptnr1_symmetry'      
11 3 'Structure model' '_pdbx_struct_conn_angle.ptnr2_auth_seq_id'   
12 3 'Structure model' '_pdbx_struct_conn_angle.ptnr2_label_asym_id' 
13 3 'Structure model' '_pdbx_struct_conn_angle.ptnr3_auth_comp_id'  
14 3 'Structure model' '_pdbx_struct_conn_angle.ptnr3_auth_seq_id'   
15 3 'Structure model' '_pdbx_struct_conn_angle.ptnr3_label_alt_id'  
16 3 'Structure model' '_pdbx_struct_conn_angle.ptnr3_label_asym_id' 
17 3 'Structure model' '_pdbx_struct_conn_angle.ptnr3_label_atom_id' 
18 3 'Structure model' '_pdbx_struct_conn_angle.ptnr3_label_comp_id' 
19 3 'Structure model' '_pdbx_struct_conn_angle.ptnr3_label_seq_id'  
20 3 'Structure model' '_pdbx_struct_conn_angle.ptnr3_symmetry'      
21 3 'Structure model' '_pdbx_struct_conn_angle.value'               
22 3 'Structure model' '_struct_conn.pdbx_dist_value'                
23 3 'Structure model' '_struct_conn.pdbx_ptnr1_label_alt_id'        
24 3 'Structure model' '_struct_conn.ptnr1_auth_comp_id'             
25 3 'Structure model' '_struct_conn.ptnr1_auth_seq_id'              
26 3 'Structure model' '_struct_conn.ptnr1_label_asym_id'            
27 3 'Structure model' '_struct_conn.ptnr1_label_atom_id'            
28 3 'Structure model' '_struct_conn.ptnr1_label_comp_id'            
29 3 'Structure model' '_struct_conn.ptnr1_label_seq_id'             
30 3 'Structure model' '_struct_conn.ptnr2_auth_comp_id'             
31 3 'Structure model' '_struct_conn.ptnr2_auth_seq_id'              
32 3 'Structure model' '_struct_conn.ptnr2_label_asym_id'            
33 3 'Structure model' '_struct_conn.ptnr2_label_atom_id'            
34 3 'Structure model' '_struct_conn.ptnr2_label_comp_id'            
35 3 'Structure model' '_struct_conn.ptnr2_symmetry'                 
# 
_pdbx_database_status.entry_id                        5QS0 
_pdbx_database_status.status_code                     REL 
_pdbx_database_status.status_code_sf                  REL 
_pdbx_database_status.status_code_mr                  ? 
_pdbx_database_status.status_code_cs                  ? 
_pdbx_database_status.recvd_initial_deposition_date   2019-05-25 
_pdbx_database_status.deposit_site                    RCSB 
_pdbx_database_status.process_site                    RCSB 
_pdbx_database_status.SG_entry                        ? 
_pdbx_database_status.pdb_format_compatible           Y 
_pdbx_database_status.methods_development_category    ? 
_pdbx_database_status.status_code_nmr_data            ? 
# 
loop_
_audit_author.name 
_audit_author.pdbx_ordinal 
'Newman, J.A.'        1  
'Gavard, A.E.'        2  
'Fernandez-Cid, A.'   3  
'Sherestha, L.'       4  
'Burgess-Brown, N.A.' 5  
'von Delft, F.'       6  
'Arrowsmith, C.H.'    7  
'Edwards, A.'         8  
'Bountra, C.'         9  
'Gileadi, O.'         10 
# 
_citation.id                        primary 
_citation.title                     'PanDDA analysis group deposition' 
_citation.journal_abbrev            'To Be Published' 
_citation.journal_volume            ? 
_citation.page_first                ? 
_citation.page_last                 ? 
_citation.year                      ? 
_citation.journal_id_ASTM           ? 
_citation.country                   ? 
_citation.journal_id_ISSN           ? 
_citation.journal_id_CSD            0353 
_citation.book_publisher            ? 
_citation.pdbx_database_id_PubMed   ? 
_citation.pdbx_database_id_DOI      ? 
# 
loop_
_citation_author.citation_id 
_citation_author.name 
_citation_author.identifier_ORCID 
_citation_author.ordinal 
primary 'Newman, J.A.'        ? 1  
primary 'Gavard, A.E.'        ? 2  
primary 'Fernandez-Cid, A.'   ? 3  
primary 'Sherestha, L.'       ? 4  
primary 'Burgess-Brown, N.A.' ? 5  
primary 'von Delft, F.'       ? 6  
primary 'Arrowsmith, C.H.'    ? 7  
primary 'Edwards, A.'         ? 8  
primary 'Bountra, C.'         ? 9  
primary 'Gileadi, O.'         ? 10 
# 
loop_
_entity.id 
_entity.type 
_entity.src_method 
_entity.pdbx_description 
_entity.formula_weight 
_entity.pdbx_number_of_molecules 
_entity.pdbx_ec 
_entity.pdbx_mutation 
_entity.pdbx_fragment 
_entity.details 
1 polymer     man 'T-box transcription factor T'               19597.586 1  ? ? ? ? 
2 non-polymer syn 'CADMIUM ION'                                112.411   5  ? ? ? ? 
3 non-polymer syn 'N-(3-acetylphenyl)morpholine-4-carboxamide' 248.278   2  ? ? ? ? 
4 water       nat water                                        18.015    70 ? ? ? ? 
# 
_entity_name_com.entity_id   1 
_entity_name_com.name        'Brachyury protein,Protein T' 
# 
_entity_poly.entity_id                      1 
_entity_poly.type                           'polypeptide(L)' 
_entity_poly.nstd_linkage                   no 
_entity_poly.nstd_monomer                   no 
_entity_poly.pdbx_seq_one_letter_code       
;GELRVGLEESELWLRFKELTNEMIVTKNGRRMFPVLKVNVSGLDPNAMYSFLLDFVAADNHRWKYVNGEWVPGGKPEPQA
PSCVYIHPDSPNFGAHWMKAPVSFSKVKLTNKLNGGGQIMLNSLHKYEPRIHIVRVGGPQRMITSHCFPETQFIAVTAYQ
NEEITALKIKYN
;
_entity_poly.pdbx_seq_one_letter_code_can   
;GELRVGLEESELWLRFKELTNEMIVTKNGRRMFPVLKVNVSGLDPNAMYSFLLDFVAADNHRWKYVNGEWVPGGKPEPQA
PSCVYIHPDSPNFGAHWMKAPVSFSKVKLTNKLNGGGQIMLNSLHKYEPRIHIVRVGGPQRMITSHCFPETQFIAVTAYQ
NEEITALKIKYN
;
_entity_poly.pdbx_strand_id                 A 
_entity_poly.pdbx_target_identifier         ? 
# 
loop_
_pdbx_entity_nonpoly.entity_id 
_pdbx_entity_nonpoly.name 
_pdbx_entity_nonpoly.comp_id 
2 'CADMIUM ION'                                CD  
3 'N-(3-acetylphenyl)morpholine-4-carboxamide' NZ4 
4 water                                        HOH 
# 
loop_
_entity_poly_seq.entity_id 
_entity_poly_seq.num 
_entity_poly_seq.mon_id 
_entity_poly_seq.hetero 
1 1   GLY n 
1 2   GLU n 
1 3   LEU n 
1 4   ARG n 
1 5   VAL n 
1 6   GLY n 
1 7   LEU n 
1 8   GLU n 
1 9   GLU n 
1 10  SER n 
1 11  GLU n 
1 12  LEU n 
1 13  TRP n 
1 14  LEU n 
1 15  ARG n 
1 16  PHE n 
1 17  LYS n 
1 18  GLU n 
1 19  LEU n 
1 20  THR n 
1 21  ASN n 
1 22  GLU n 
1 23  MET n 
1 24  ILE n 
1 25  VAL n 
1 26  THR n 
1 27  LYS n 
1 28  ASN n 
1 29  GLY n 
1 30  ARG n 
1 31  ARG n 
1 32  MET n 
1 33  PHE n 
1 34  PRO n 
1 35  VAL n 
1 36  LEU n 
1 37  LYS n 
1 38  VAL n 
1 39  ASN n 
1 40  VAL n 
1 41  SER n 
1 42  GLY n 
1 43  LEU n 
1 44  ASP n 
1 45  PRO n 
1 46  ASN n 
1 47  ALA n 
1 48  MET n 
1 49  TYR n 
1 50  SER n 
1 51  PHE n 
1 52  LEU n 
1 53  LEU n 
1 54  ASP n 
1 55  PHE n 
1 56  VAL n 
1 57  ALA n 
1 58  ALA n 
1 59  ASP n 
1 60  ASN n 
1 61  HIS n 
1 62  ARG n 
1 63  TRP n 
1 64  LYS n 
1 65  TYR n 
1 66  VAL n 
1 67  ASN n 
1 68  GLY n 
1 69  GLU n 
1 70  TRP n 
1 71  VAL n 
1 72  PRO n 
1 73  GLY n 
1 74  GLY n 
1 75  LYS n 
1 76  PRO n 
1 77  GLU n 
1 78  PRO n 
1 79  GLN n 
1 80  ALA n 
1 81  PRO n 
1 82  SER n 
1 83  CYS n 
1 84  VAL n 
1 85  TYR n 
1 86  ILE n 
1 87  HIS n 
1 88  PRO n 
1 89  ASP n 
1 90  SER n 
1 91  PRO n 
1 92  ASN n 
1 93  PHE n 
1 94  GLY n 
1 95  ALA n 
1 96  HIS n 
1 97  TRP n 
1 98  MET n 
1 99  LYS n 
1 100 ALA n 
1 101 PRO n 
1 102 VAL n 
1 103 SER n 
1 104 PHE n 
1 105 SER n 
1 106 LYS n 
1 107 VAL n 
1 108 LYS n 
1 109 LEU n 
1 110 THR n 
1 111 ASN n 
1 112 LYS n 
1 113 LEU n 
1 114 ASN n 
1 115 GLY n 
1 116 GLY n 
1 117 GLY n 
1 118 GLN n 
1 119 ILE n 
1 120 MET n 
1 121 LEU n 
1 122 ASN n 
1 123 SER n 
1 124 LEU n 
1 125 HIS n 
1 126 LYS n 
1 127 TYR n 
1 128 GLU n 
1 129 PRO n 
1 130 ARG n 
1 131 ILE n 
1 132 HIS n 
1 133 ILE n 
1 134 VAL n 
1 135 ARG n 
1 136 VAL n 
1 137 GLY n 
1 138 GLY n 
1 139 PRO n 
1 140 GLN n 
1 141 ARG n 
1 142 MET n 
1 143 ILE n 
1 144 THR n 
1 145 SER n 
1 146 HIS n 
1 147 CYS n 
1 148 PHE n 
1 149 PRO n 
1 150 GLU n 
1 151 THR n 
1 152 GLN n 
1 153 PHE n 
1 154 ILE n 
1 155 ALA n 
1 156 VAL n 
1 157 THR n 
1 158 ALA n 
1 159 TYR n 
1 160 GLN n 
1 161 ASN n 
1 162 GLU n 
1 163 GLU n 
1 164 ILE n 
1 165 THR n 
1 166 ALA n 
1 167 LEU n 
1 168 LYS n 
1 169 ILE n 
1 170 LYS n 
1 171 TYR n 
1 172 ASN n 
# 
_entity_src_gen.entity_id                          1 
_entity_src_gen.pdbx_src_id                        1 
_entity_src_gen.pdbx_alt_source_flag               sample 
_entity_src_gen.pdbx_seq_type                      'Biological sequence' 
_entity_src_gen.pdbx_beg_seq_num                   1 
_entity_src_gen.pdbx_end_seq_num                   172 
_entity_src_gen.gene_src_common_name               Human 
_entity_src_gen.gene_src_genus                     ? 
_entity_src_gen.pdbx_gene_src_gene                 'TBXT, T' 
_entity_src_gen.gene_src_species                   ? 
_entity_src_gen.gene_src_strain                    ? 
_entity_src_gen.gene_src_tissue                    ? 
_entity_src_gen.gene_src_tissue_fraction           ? 
_entity_src_gen.gene_src_details                   ? 
_entity_src_gen.pdbx_gene_src_fragment             ? 
_entity_src_gen.pdbx_gene_src_scientific_name      'Homo sapiens' 
_entity_src_gen.pdbx_gene_src_ncbi_taxonomy_id     9606 
_entity_src_gen.pdbx_gene_src_variant              ? 
_entity_src_gen.pdbx_gene_src_cell_line            ? 
_entity_src_gen.pdbx_gene_src_atcc                 ? 
_entity_src_gen.pdbx_gene_src_organ                ? 
_entity_src_gen.pdbx_gene_src_organelle            ? 
_entity_src_gen.pdbx_gene_src_cell                 ? 
_entity_src_gen.pdbx_gene_src_cellular_location    ? 
_entity_src_gen.host_org_common_name               ? 
_entity_src_gen.pdbx_host_org_scientific_name      'Escherichia coli' 
_entity_src_gen.pdbx_host_org_ncbi_taxonomy_id     562 
_entity_src_gen.host_org_genus                     ? 
_entity_src_gen.pdbx_host_org_gene                 ? 
_entity_src_gen.pdbx_host_org_organ                ? 
_entity_src_gen.host_org_species                   ? 
_entity_src_gen.pdbx_host_org_tissue               ? 
_entity_src_gen.pdbx_host_org_tissue_fraction      ? 
_entity_src_gen.pdbx_host_org_strain               ? 
_entity_src_gen.pdbx_host_org_variant              ? 
_entity_src_gen.pdbx_host_org_cell_line            ? 
_entity_src_gen.pdbx_host_org_atcc                 ? 
_entity_src_gen.pdbx_host_org_culture_collection   ? 
_entity_src_gen.pdbx_host_org_cell                 ? 
_entity_src_gen.pdbx_host_org_organelle            ? 
_entity_src_gen.pdbx_host_org_cellular_location    ? 
_entity_src_gen.pdbx_host_org_vector_type          ? 
_entity_src_gen.pdbx_host_org_vector               ? 
_entity_src_gen.host_org_details                   ? 
_entity_src_gen.expression_system_id               ? 
_entity_src_gen.plasmid_name                       ? 
_entity_src_gen.plasmid_details                    ? 
_entity_src_gen.pdbx_description                   ? 
# 
loop_
_chem_comp.id 
_chem_comp.type 
_chem_comp.mon_nstd_flag 
_chem_comp.name 
_chem_comp.pdbx_synonyms 
_chem_comp.formula 
_chem_comp.formula_weight 
ALA 'L-peptide linking' y ALANINE                                      ? 'C3 H7 N O2'     89.093  
ARG 'L-peptide linking' y ARGININE                                     ? 'C6 H15 N4 O2 1' 175.209 
ASN 'L-peptide linking' y ASPARAGINE                                   ? 'C4 H8 N2 O3'    132.118 
ASP 'L-peptide linking' y 'ASPARTIC ACID'                              ? 'C4 H7 N O4'     133.103 
CD  non-polymer         . 'CADMIUM ION'                                ? 'Cd 2'           112.411 
CYS 'L-peptide linking' y CYSTEINE                                     ? 'C3 H7 N O2 S'   121.158 
GLN 'L-peptide linking' y GLUTAMINE                                    ? 'C5 H10 N2 O3'   146.144 
GLU 'L-peptide linking' y 'GLUTAMIC ACID'                              ? 'C5 H9 N O4'     147.129 
GLY 'peptide linking'   y GLYCINE                                      ? 'C2 H5 N O2'     75.067  
HIS 'L-peptide linking' y HISTIDINE                                    ? 'C6 H10 N3 O2 1' 156.162 
HOH non-polymer         . WATER                                        ? 'H2 O'           18.015  
ILE 'L-peptide linking' y ISOLEUCINE                                   ? 'C6 H13 N O2'    131.173 
LEU 'L-peptide linking' y LEUCINE                                      ? 'C6 H13 N O2'    131.173 
LYS 'L-peptide linking' y LYSINE                                       ? 'C6 H15 N2 O2 1' 147.195 
MET 'L-peptide linking' y METHIONINE                                   ? 'C5 H11 N O2 S'  149.211 
NZ4 non-polymer         . 'N-(3-acetylphenyl)morpholine-4-carboxamide' ? 'C13 H16 N2 O3'  248.278 
PHE 'L-peptide linking' y PHENYLALANINE                                ? 'C9 H11 N O2'    165.189 
PRO 'L-peptide linking' y PROLINE                                      ? 'C5 H9 N O2'     115.130 
SER 'L-peptide linking' y SERINE                                       ? 'C3 H7 N O3'     105.093 
THR 'L-peptide linking' y THREONINE                                    ? 'C4 H9 N O3'     119.119 
TRP 'L-peptide linking' y TRYPTOPHAN                                   ? 'C11 H12 N2 O2'  204.225 
TYR 'L-peptide linking' y TYROSINE                                     ? 'C9 H11 N O3'    181.189 
VAL 'L-peptide linking' y VALINE                                       ? 'C5 H11 N O2'    117.146 
# 
loop_
_pdbx_poly_seq_scheme.asym_id 
_pdbx_poly_seq_scheme.entity_id 
_pdbx_poly_seq_scheme.seq_id 
_pdbx_poly_seq_scheme.mon_id 
_pdbx_poly_seq_scheme.ndb_seq_num 
_pdbx_poly_seq_scheme.pdb_seq_num 
_pdbx_poly_seq_scheme.auth_seq_num 
_pdbx_poly_seq_scheme.pdb_mon_id 
_pdbx_poly_seq_scheme.auth_mon_id 
_pdbx_poly_seq_scheme.pdb_strand_id 
_pdbx_poly_seq_scheme.pdb_ins_code 
_pdbx_poly_seq_scheme.hetero 
A 1 1   GLY 1   40  ?   ?   ?   A . n 
A 1 2   GLU 2   41  41  GLU GLU A . n 
A 1 3   LEU 3   42  42  LEU LEU A . n 
A 1 4   ARG 4   43  43  ARG ARG A . n 
A 1 5   VAL 5   44  44  VAL VAL A . n 
A 1 6   GLY 6   45  45  GLY GLY A . n 
A 1 7   LEU 7   46  46  LEU LEU A . n 
A 1 8   GLU 8   47  47  GLU GLU A . n 
A 1 9   GLU 9   48  48  GLU GLU A . n 
A 1 10  SER 10  49  49  SER SER A . n 
A 1 11  GLU 11  50  50  GLU GLU A . n 
A 1 12  LEU 12  51  51  LEU LEU A . n 
A 1 13  TRP 13  52  52  TRP TRP A . n 
A 1 14  LEU 14  53  53  LEU LEU A . n 
A 1 15  ARG 15  54  54  ARG ARG A . n 
A 1 16  PHE 16  55  55  PHE PHE A . n 
A 1 17  LYS 17  56  56  LYS LYS A . n 
A 1 18  GLU 18  57  57  GLU GLU A . n 
A 1 19  LEU 19  58  58  LEU LEU A . n 
A 1 20  THR 20  59  59  THR THR A . n 
A 1 21  ASN 21  60  60  ASN ASN A . n 
A 1 22  GLU 22  61  61  GLU GLU A . n 
A 1 23  MET 23  62  62  MET MET A . n 
A 1 24  ILE 24  63  63  ILE ILE A . n 
A 1 25  VAL 25  64  64  VAL VAL A . n 
A 1 26  THR 26  65  65  THR THR A . n 
A 1 27  LYS 27  66  66  LYS LYS A . n 
A 1 28  ASN 28  67  67  ASN ASN A . n 
A 1 29  GLY 29  68  68  GLY GLY A . n 
A 1 30  ARG 30  69  69  ARG ARG A . n 
A 1 31  ARG 31  70  70  ARG ARG A . n 
A 1 32  MET 32  71  71  MET MET A . n 
A 1 33  PHE 33  72  72  PHE PHE A . n 
A 1 34  PRO 34  73  73  PRO PRO A . n 
A 1 35  VAL 35  74  74  VAL VAL A . n 
A 1 36  LEU 36  75  75  LEU LEU A . n 
A 1 37  LYS 37  76  76  LYS LYS A . n 
A 1 38  VAL 38  77  77  VAL VAL A . n 
A 1 39  ASN 39  78  78  ASN ASN A . n 
A 1 40  VAL 40  79  79  VAL VAL A . n 
A 1 41  SER 41  80  80  SER SER A . n 
A 1 42  GLY 42  81  81  GLY GLY A . n 
A 1 43  LEU 43  82  82  LEU LEU A . n 
A 1 44  ASP 44  83  83  ASP ASP A . n 
A 1 45  PRO 45  84  84  PRO PRO A . n 
A 1 46  ASN 46  85  85  ASN ASN A . n 
A 1 47  ALA 47  86  86  ALA ALA A . n 
A 1 48  MET 48  87  87  MET MET A . n 
A 1 49  TYR 49  88  88  TYR TYR A . n 
A 1 50  SER 50  89  89  SER SER A . n 
A 1 51  PHE 51  90  90  PHE PHE A . n 
A 1 52  LEU 52  91  91  LEU LEU A . n 
A 1 53  LEU 53  92  92  LEU LEU A . n 
A 1 54  ASP 54  93  93  ASP ASP A . n 
A 1 55  PHE 55  94  94  PHE PHE A . n 
A 1 56  VAL 56  95  95  VAL VAL A . n 
A 1 57  ALA 57  96  96  ALA ALA A . n 
A 1 58  ALA 58  97  97  ALA ALA A . n 
A 1 59  ASP 59  98  98  ASP ASP A . n 
A 1 60  ASN 60  99  99  ASN ASN A . n 
A 1 61  HIS 61  100 100 HIS HIS A . n 
A 1 62  ARG 62  101 101 ARG ARG A . n 
A 1 63  TRP 63  102 102 TRP TRP A . n 
A 1 64  LYS 64  103 103 LYS LYS A . n 
A 1 65  TYR 65  104 104 TYR TYR A . n 
A 1 66  VAL 66  105 105 VAL VAL A . n 
A 1 67  ASN 67  106 106 ASN ASN A . n 
A 1 68  GLY 68  107 107 GLY GLY A . n 
A 1 69  GLU 69  108 108 GLU GLU A . n 
A 1 70  TRP 70  109 109 TRP TRP A . n 
A 1 71  VAL 71  110 110 VAL VAL A . n 
A 1 72  PRO 72  111 111 PRO PRO A . n 
A 1 73  GLY 73  112 112 GLY GLY A . n 
A 1 74  GLY 74  113 113 GLY GLY A . n 
A 1 75  LYS 75  114 114 LYS LYS A . n 
A 1 76  PRO 76  115 115 PRO PRO A . n 
A 1 77  GLU 77  116 116 GLU GLU A . n 
A 1 78  PRO 78  117 117 PRO PRO A . n 
A 1 79  GLN 79  118 118 GLN GLN A . n 
A 1 80  ALA 80  119 119 ALA ALA A . n 
A 1 81  PRO 81  120 120 PRO PRO A . n 
A 1 82  SER 82  121 121 SER SER A . n 
A 1 83  CYS 83  122 122 CYS CYS A . n 
A 1 84  VAL 84  123 123 VAL VAL A . n 
A 1 85  TYR 85  124 124 TYR TYR A . n 
A 1 86  ILE 86  125 125 ILE ILE A . n 
A 1 87  HIS 87  126 126 HIS HIS A . n 
A 1 88  PRO 88  127 127 PRO PRO A . n 
A 1 89  ASP 89  128 128 ASP ASP A . n 
A 1 90  SER 90  129 129 SER SER A . n 
A 1 91  PRO 91  130 130 PRO PRO A . n 
A 1 92  ASN 92  131 131 ASN ASN A . n 
A 1 93  PHE 93  132 132 PHE PHE A . n 
A 1 94  GLY 94  133 133 GLY GLY A . n 
A 1 95  ALA 95  134 134 ALA ALA A . n 
A 1 96  HIS 96  135 135 HIS HIS A . n 
A 1 97  TRP 97  136 136 TRP TRP A . n 
A 1 98  MET 98  137 137 MET MET A . n 
A 1 99  LYS 99  138 138 LYS LYS A . n 
A 1 100 ALA 100 139 139 ALA ALA A . n 
A 1 101 PRO 101 140 140 PRO PRO A . n 
A 1 102 VAL 102 141 141 VAL VAL A . n 
A 1 103 SER 103 142 142 SER SER A . n 
A 1 104 PHE 104 143 143 PHE PHE A . n 
A 1 105 SER 105 144 144 SER SER A . n 
A 1 106 LYS 106 145 145 LYS LYS A . n 
A 1 107 VAL 107 146 146 VAL VAL A . n 
A 1 108 LYS 108 147 147 LYS LYS A . n 
A 1 109 LEU 109 148 148 LEU LEU A . n 
A 1 110 THR 110 149 149 THR THR A . n 
A 1 111 ASN 111 150 150 ASN ASN A . n 
A 1 112 LYS 112 151 151 LYS LYS A . n 
A 1 113 LEU 113 152 152 LEU LEU A . n 
A 1 114 ASN 114 153 153 ASN ASN A . n 
A 1 115 GLY 115 154 154 GLY GLY A . n 
A 1 116 GLY 116 155 155 GLY GLY A . n 
A 1 117 GLY 117 156 156 GLY GLY A . n 
A 1 118 GLN 118 157 157 GLN GLN A . n 
A 1 119 ILE 119 158 158 ILE ILE A . n 
A 1 120 MET 120 159 159 MET MET A . n 
A 1 121 LEU 121 160 160 LEU LEU A . n 
A 1 122 ASN 122 161 161 ASN ASN A . n 
A 1 123 SER 123 162 162 SER SER A . n 
A 1 124 LEU 124 163 163 LEU LEU A . n 
A 1 125 HIS 125 164 164 HIS HIS A . n 
A 1 126 LYS 126 165 165 LYS LYS A . n 
A 1 127 TYR 127 166 166 TYR TYR A . n 
A 1 128 GLU 128 167 167 GLU GLU A . n 
A 1 129 PRO 129 168 168 PRO PRO A . n 
A 1 130 ARG 130 169 169 ARG ARG A . n 
A 1 131 ILE 131 170 170 ILE ILE A . n 
A 1 132 HIS 132 171 171 HIS HIS A . n 
A 1 133 ILE 133 172 172 ILE ILE A . n 
A 1 134 VAL 134 173 173 VAL VAL A . n 
A 1 135 ARG 135 174 174 ARG ARG A . n 
A 1 136 VAL 136 175 175 VAL VAL A . n 
A 1 137 GLY 137 176 176 GLY GLY A . n 
A 1 138 GLY 138 177 177 GLY GLY A . n 
A 1 139 PRO 139 178 178 PRO PRO A . n 
A 1 140 GLN 140 179 179 GLN GLN A . n 
A 1 141 ARG 141 180 180 ARG ARG A . n 
A 1 142 MET 142 181 181 MET MET A . n 
A 1 143 ILE 143 182 182 ILE ILE A . n 
A 1 144 THR 144 183 183 THR THR A . n 
A 1 145 SER 145 184 184 SER SER A . n 
A 1 146 HIS 146 185 185 HIS HIS A . n 
A 1 147 CYS 147 186 186 CYS CYS A . n 
A 1 148 PHE 148 187 187 PHE PHE A . n 
A 1 149 PRO 149 188 188 PRO PRO A . n 
A 1 150 GLU 150 189 189 GLU GLU A . n 
A 1 151 THR 151 190 190 THR THR A . n 
A 1 152 GLN 152 191 191 GLN GLN A . n 
A 1 153 PHE 153 192 192 PHE PHE A . n 
A 1 154 ILE 154 193 193 ILE ILE A . n 
A 1 155 ALA 155 194 194 ALA ALA A . n 
A 1 156 VAL 156 195 195 VAL VAL A . n 
A 1 157 THR 157 196 196 THR THR A . n 
A 1 158 ALA 158 197 197 ALA ALA A . n 
A 1 159 TYR 159 198 198 TYR TYR A . n 
A 1 160 GLN 160 199 199 GLN GLN A . n 
A 1 161 ASN 161 200 200 ASN ASN A . n 
A 1 162 GLU 162 201 201 GLU GLU A . n 
A 1 163 GLU 163 202 202 GLU GLU A . n 
A 1 164 ILE 164 203 203 ILE ILE A . n 
A 1 165 THR 165 204 204 THR THR A . n 
A 1 166 ALA 166 205 205 ALA ALA A . n 
A 1 167 LEU 167 206 206 LEU LEU A . n 
A 1 168 LYS 168 207 207 LYS LYS A . n 
A 1 169 ILE 169 208 208 ILE ILE A . n 
A 1 170 LYS 170 209 209 LYS LYS A . n 
A 1 171 TYR 171 210 210 TYR TYR A . n 
A 1 172 ASN 172 211 211 ASN ASN A . n 
# 
loop_
_pdbx_nonpoly_scheme.asym_id 
_pdbx_nonpoly_scheme.entity_id 
_pdbx_nonpoly_scheme.mon_id 
_pdbx_nonpoly_scheme.ndb_seq_num 
_pdbx_nonpoly_scheme.pdb_seq_num 
_pdbx_nonpoly_scheme.auth_seq_num 
_pdbx_nonpoly_scheme.pdb_mon_id 
_pdbx_nonpoly_scheme.auth_mon_id 
_pdbx_nonpoly_scheme.pdb_strand_id 
_pdbx_nonpoly_scheme.pdb_ins_code 
B 2 CD  1  301 1  CD  CD  A . 
C 2 CD  1  302 2  CD  CD  A . 
D 2 CD  1  303 3  CD  CD  A . 
E 2 CD  1  304 4  CD  CD  A . 
F 2 CD  1  305 5  CD  CD  A . 
G 3 NZ4 1  306 1  NZ4 LIG A . 
H 3 NZ4 1  307 2  NZ4 LIG A . 
I 4 HOH 1  401 2  HOH HOH A . 
I 4 HOH 2  402 48 HOH HOH A . 
I 4 HOH 3  403 68 HOH HOH A . 
I 4 HOH 4  404 71 HOH HOH A . 
I 4 HOH 5  405 53 HOH HOH A . 
I 4 HOH 6  406 79 HOH HOH A . 
I 4 HOH 7  407 61 HOH HOH A . 
I 4 HOH 8  408 24 HOH HOH A . 
I 4 HOH 9  409 58 HOH HOH A . 
I 4 HOH 10 410 21 HOH HOH A . 
I 4 HOH 11 411 41 HOH HOH A . 
I 4 HOH 12 412 45 HOH HOH A . 
I 4 HOH 13 413 54 HOH HOH A . 
I 4 HOH 14 414 50 HOH HOH A . 
I 4 HOH 15 415 52 HOH HOH A . 
I 4 HOH 16 416 56 HOH HOH A . 
I 4 HOH 17 417 51 HOH HOH A . 
I 4 HOH 18 418 16 HOH HOH A . 
I 4 HOH 19 419 14 HOH HOH A . 
I 4 HOH 20 420 4  HOH HOH A . 
I 4 HOH 21 421 44 HOH HOH A . 
I 4 HOH 22 422 18 HOH HOH A . 
I 4 HOH 23 423 47 HOH HOH A . 
I 4 HOH 24 424 70 HOH HOH A . 
I 4 HOH 25 425 31 HOH HOH A . 
I 4 HOH 26 426 52 HOH HOH A . 
I 4 HOH 27 427 10 HOH HOH A . 
I 4 HOH 28 428 17 HOH HOH A . 
I 4 HOH 29 429 32 HOH HOH A . 
I 4 HOH 30 430 33 HOH HOH A . 
I 4 HOH 31 431 1  HOH HOH A . 
I 4 HOH 32 432 6  HOH HOH A . 
I 4 HOH 33 433 75 HOH HOH A . 
I 4 HOH 34 434 69 HOH HOH A . 
I 4 HOH 35 435 55 HOH HOH A . 
I 4 HOH 36 436 45 HOH HOH A . 
I 4 HOH 37 437 67 HOH HOH A . 
I 4 HOH 38 438 49 HOH HOH A . 
I 4 HOH 39 439 73 HOH HOH A . 
I 4 HOH 40 440 63 HOH HOH A . 
I 4 HOH 41 441 60 HOH HOH A . 
I 4 HOH 42 442 8  HOH HOH A . 
I 4 HOH 43 443 8  HOH HOH A . 
I 4 HOH 44 444 66 HOH HOH A . 
I 4 HOH 45 445 7  HOH HOH A . 
I 4 HOH 46 446 28 HOH HOH A . 
I 4 HOH 47 447 11 HOH HOH A . 
I 4 HOH 48 448 12 HOH HOH A . 
I 4 HOH 49 449 64 HOH HOH A . 
I 4 HOH 50 450 14 HOH HOH A . 
I 4 HOH 51 451 46 HOH HOH A . 
I 4 HOH 52 452 1  HOH HOH A . 
I 4 HOH 53 453 30 HOH HOH A . 
I 4 HOH 54 454 77 HOH HOH A . 
I 4 HOH 55 455 4  HOH HOH A . 
I 4 HOH 56 456 65 HOH HOH A . 
I 4 HOH 57 457 23 HOH HOH A . 
I 4 HOH 58 458 6  HOH HOH A . 
I 4 HOH 59 459 3  HOH HOH A . 
I 4 HOH 60 460 3  HOH HOH A . 
I 4 HOH 61 461 5  HOH HOH A . 
I 4 HOH 62 462 72 HOH HOH A . 
I 4 HOH 63 463 10 HOH HOH A . 
I 4 HOH 64 464 15 HOH HOH A . 
I 4 HOH 65 465 62 HOH HOH A . 
I 4 HOH 66 466 78 HOH HOH A . 
I 4 HOH 67 467 43 HOH HOH A . 
I 4 HOH 68 468 16 HOH HOH A . 
I 4 HOH 69 469 17 HOH HOH A . 
I 4 HOH 70 470 18 HOH HOH A . 
# 
loop_
_pdbx_unobs_or_zero_occ_atoms.id 
_pdbx_unobs_or_zero_occ_atoms.PDB_model_num 
_pdbx_unobs_or_zero_occ_atoms.polymer_flag 
_pdbx_unobs_or_zero_occ_atoms.occupancy_flag 
_pdbx_unobs_or_zero_occ_atoms.auth_asym_id 
_pdbx_unobs_or_zero_occ_atoms.auth_comp_id 
_pdbx_unobs_or_zero_occ_atoms.auth_seq_id 
_pdbx_unobs_or_zero_occ_atoms.PDB_ins_code 
_pdbx_unobs_or_zero_occ_atoms.auth_atom_id 
_pdbx_unobs_or_zero_occ_atoms.label_alt_id 
_pdbx_unobs_or_zero_occ_atoms.label_asym_id 
_pdbx_unobs_or_zero_occ_atoms.label_comp_id 
_pdbx_unobs_or_zero_occ_atoms.label_seq_id 
_pdbx_unobs_or_zero_occ_atoms.label_atom_id 
1 1 Y 1 A ARG 43 ? CG  ? A ARG 4 CG  
2 1 Y 1 A ARG 43 ? CD  ? A ARG 4 CD  
3 1 Y 1 A ARG 43 ? NE  ? A ARG 4 NE  
4 1 Y 1 A ARG 43 ? CZ  ? A ARG 4 CZ  
5 1 Y 1 A ARG 43 ? NH1 ? A ARG 4 NH1 
6 1 Y 1 A ARG 43 ? NH2 ? A ARG 4 NH2 
# 
loop_
_software.pdbx_ordinal 
_software.name 
_software.version 
_software.date 
_software.type 
_software.contact_author 
_software.contact_author_email 
_software.classification 
_software.location 
_software.language 
_software.citation_id 
1 REFMAC      5.8.0238 ?               program 'Garib N. Murshudov' garib@ysbl.york.ac.uk    refinement        
http://www.ccp4.ac.uk/dist/html/refmac5.html        Fortran_77 ? 
2 Aimless     0.7.1    27/03/18        program 'Phil Evans'         ?                        'data scaling'    
http://www.mrc-lmb.cam.ac.uk/harry/pre/aimless.html ?          ? 
3 PDB_EXTRACT 3.23     'SEP. 23, 2016' package PDB                  deposit@deposit.rcsb.org 'data extraction' 
http://sw-tools.pdb.org/apps/PDB_EXTRACT/           C++        ? 
4 XDS         .        ?               program ?                    ?                        'data reduction'  ? ?          ? 
5 REFMAC      .        ?               program ?                    ?                        phasing           ? ?          ? 
# 
_cell.entry_id           5QS0 
_cell.length_a           59.846 
_cell.length_b           59.846 
_cell.length_c           110.282 
_cell.angle_alpha        90.000 
_cell.angle_beta         90.000 
_cell.angle_gamma        90.000 
_cell.Z_PDB              8 
_cell.pdbx_unique_axis   ? 
# 
_symmetry.entry_id                         5QS0 
_symmetry.Int_Tables_number                91 
_symmetry.space_group_name_H-M             'P 41 2 2' 
_symmetry.pdbx_full_space_group_name_H-M   ? 
_symmetry.cell_setting                     ? 
# 
_exptl.crystals_number   1 
_exptl.entry_id          5QS0 
_exptl.method            'X-RAY DIFFRACTION' 
# 
_exptl_crystal.id                    1 
_exptl_crystal.pdbx_mosaicity        0.000 
_exptl_crystal.pdbx_mosaicity_esd    ? 
_exptl_crystal.density_Matthews      2.52 
_exptl_crystal.density_diffrn        ? 
_exptl_crystal.density_meas          ? 
_exptl_crystal.density_meas_temp     ? 
_exptl_crystal.density_percent_sol   51.18 
_exptl_crystal.size_max              ? 
_exptl_crystal.size_mid              ? 
_exptl_crystal.size_min              ? 
_exptl_crystal.size_rad              ? 
_exptl_crystal.description           ? 
# 
_exptl_crystal_grow.crystal_id      1 
_exptl_crystal_grow.method          'VAPOR DIFFUSION, SITTING DROP' 
_exptl_crystal_grow.pH              4.5 
_exptl_crystal_grow.temp            298 
_exptl_crystal_grow.pdbx_details    '0.1 M CdCl, 0.1 M Acetate pH 4.5, 32% PEG 400' 
_exptl_crystal_grow.temp_details    ? 
_exptl_crystal_grow.pdbx_pH_range   ? 
# 
_diffrn.id                     1 
_diffrn.ambient_temp           100 
_diffrn.crystal_id             1 
_diffrn.ambient_temp_details   ? 
# 
_diffrn_detector.detector               PIXEL 
_diffrn_detector.type                   'DECTRIS PILATUS 6M' 
_diffrn_detector.pdbx_collection_date   2018-07-23 
_diffrn_detector.diffrn_id              1 
_diffrn_detector.details                ? 
# 
_diffrn_radiation.diffrn_id                        1 
_diffrn_radiation.wavelength_id                    1 
_diffrn_radiation.pdbx_diffrn_protocol             'SINGLE WAVELENGTH' 
_diffrn_radiation.pdbx_monochromatic_or_laue_m_l   M 
_diffrn_radiation.monochromator                    ? 
_diffrn_radiation.pdbx_scattering_type             x-ray 
# 
_diffrn_radiation_wavelength.id           1 
_diffrn_radiation_wavelength.wavelength   0.91587 
_diffrn_radiation_wavelength.wt           1.0 
# 
_diffrn_source.diffrn_id                   1 
_diffrn_source.source                      SYNCHROTRON 
_diffrn_source.type                        'DIAMOND BEAMLINE I04-1' 
_diffrn_source.pdbx_wavelength_list        0.91587 
_diffrn_source.pdbx_synchrotron_site       Diamond 
_diffrn_source.pdbx_synchrotron_beamline   I04-1 
_diffrn_source.pdbx_wavelength             ? 
# 
_reflns.entry_id                     5QS0 
_reflns.pdbx_diffrn_id               1 
_reflns.pdbx_ordinal                 1 
_reflns.observed_criterion_sigma_I   ? 
_reflns.observed_criterion_sigma_F   ? 
_reflns.d_resolution_low             55.130 
_reflns.d_resolution_high            1.600 
_reflns.number_obs                   27286 
_reflns.number_all                   ? 
_reflns.percent_possible_obs         100.000 
_reflns.pdbx_Rmerge_I_obs            0.087 
_reflns.pdbx_Rsym_value              ? 
_reflns.pdbx_netI_over_sigmaI        12.700 
_reflns.B_iso_Wilson_estimate        ? 
_reflns.pdbx_redundancy              11.900 
_reflns.pdbx_Rrim_I_all              0.091 
_reflns.pdbx_Rpim_I_all              0.026 
_reflns.pdbx_CC_half                 0.998 
_reflns.pdbx_netI_over_av_sigmaI     ? 
_reflns.pdbx_number_measured_all     325691 
_reflns.pdbx_scaling_rejects         293 
_reflns.pdbx_chi_squared             ? 
_reflns.Rmerge_F_all                 ? 
_reflns.Rmerge_F_obs                 ? 
_reflns.observed_criterion_F_max     ? 
_reflns.observed_criterion_F_min     ? 
_reflns.observed_criterion_I_max     ? 
_reflns.observed_criterion_I_min     ? 
_reflns.pdbx_d_res_high_opt          ? 
_reflns.pdbx_d_res_low_opt           ? 
_reflns.details                      ? 
# 
loop_
_reflns_shell.pdbx_diffrn_id 
_reflns_shell.pdbx_ordinal 
_reflns_shell.d_res_high 
_reflns_shell.d_res_low 
_reflns_shell.number_measured_obs 
_reflns_shell.number_measured_all 
_reflns_shell.number_unique_obs 
_reflns_shell.pdbx_rejects 
_reflns_shell.Rmerge_I_obs 
_reflns_shell.meanI_over_sigI_obs 
_reflns_shell.pdbx_Rsym_value 
_reflns_shell.pdbx_chi_squared 
_reflns_shell.pdbx_redundancy 
_reflns_shell.percent_possible_obs 
_reflns_shell.pdbx_netI_over_sigmaI_obs 
_reflns_shell.number_possible 
_reflns_shell.number_unique_all 
_reflns_shell.Rmerge_F_all 
_reflns_shell.Rmerge_F_obs 
_reflns_shell.Rmerge_I_all 
_reflns_shell.meanI_over_sigI_all 
_reflns_shell.percent_possible_all 
_reflns_shell.pdbx_Rrim_I_all 
_reflns_shell.pdbx_Rpim_I_all 
_reflns_shell.pdbx_CC_half 
1 1 1.600 1.640  ? 19272 ? ? 1.754 ? ? ? 9.900  ? 1.100  ? 1955 ? ? ? ? 99.900 1.852 0.588 0.748 
1 2 7.160 55.130 ? 3971  ? ? 0.063 ? ? ? 10.100 ? 31.500 ? 392  ? ? ? ? 99.900 0.067 0.020 0.998 
# 
_refine.entry_id                                 5QS0 
_refine.pdbx_refine_id                           'X-RAY DIFFRACTION' 
_refine.ls_d_res_high                            1.6000 
_refine.ls_d_res_low                             52.6600 
_refine.pdbx_ls_sigma_F                          0.000 
_refine.pdbx_data_cutoff_high_absF               ? 
_refine.pdbx_data_cutoff_low_absF                ? 
_refine.ls_percent_reflns_obs                    99.8900 
_refine.ls_number_reflns_obs                     25862 
_refine.ls_number_reflns_all                     ? 
_refine.pdbx_ls_cross_valid_method               THROUGHOUT 
_refine.ls_matrix_type                           ? 
_refine.pdbx_R_Free_selection_details            RANDOM 
_refine.details                                  
'HYDROGENS HAVE BEEN ADDED IN THE RIDING POSITIONS U VALUES      : REFINED INDIVIDUALLY' 
_refine.ls_R_factor_all                          ? 
_refine.ls_R_factor_obs                          0.2212 
_refine.ls_R_factor_R_work                       0.2200 
_refine.ls_wR_factor_R_work                      ? 
_refine.ls_R_factor_R_free                       0.2462 
_refine.ls_wR_factor_R_free                      ? 
_refine.ls_percent_reflns_R_free                 5.0000 
_refine.ls_number_reflns_R_free                  1355 
_refine.ls_number_reflns_R_work                  ? 
_refine.ls_R_factor_R_free_error                 ? 
_refine.B_iso_mean                               38.6220 
_refine.solvent_model_param_bsol                 ? 
_refine.solvent_model_param_ksol                 ? 
_refine.pdbx_isotropic_thermal_model             ? 
_refine.aniso_B[1][1]                            1.2600 
_refine.aniso_B[2][2]                            1.2600 
_refine.aniso_B[3][3]                            -2.5300 
_refine.aniso_B[1][2]                            -0.0000 
_refine.aniso_B[1][3]                            -0.0000 
_refine.aniso_B[2][3]                            -0.0000 
_refine.correlation_coeff_Fo_to_Fc               0.9600 
_refine.correlation_coeff_Fo_to_Fc_free          0.9490 
_refine.overall_SU_R_Cruickshank_DPI             ? 
_refine.pdbx_overall_SU_R_free_Cruickshank_DPI   ? 
_refine.pdbx_overall_SU_R_Blow_DPI               ? 
_refine.pdbx_overall_SU_R_free_Blow_DPI          ? 
_refine.overall_SU_R_free                        ? 
_refine.pdbx_overall_ESU_R                       0.1150 
_refine.pdbx_overall_ESU_R_Free                  0.1090 
_refine.overall_SU_ML                            0.0970 
_refine.overall_SU_B                             3.0030 
_refine.solvent_model_details                    MASK 
_refine.pdbx_solvent_vdw_probe_radii             1.2000 
_refine.pdbx_solvent_ion_probe_radii             0.8000 
_refine.pdbx_solvent_shrinkage_radii             0.8000 
_refine.ls_number_parameters                     ? 
_refine.ls_number_restraints                     ? 
_refine.pdbx_starting_model                      6f58 
_refine.pdbx_method_to_determine_struct          'FOURIER SYNTHESIS' 
_refine.pdbx_stereochemistry_target_values       'MAXIMUM LIKELIHOOD' 
_refine.pdbx_stereochem_target_val_spec_case     ? 
_refine.overall_FOM_work_R_set                   ? 
_refine.B_iso_max                                111.630 
_refine.B_iso_min                                18.450 
_refine.pdbx_overall_phase_error                 ? 
_refine.occupancy_max                            ? 
_refine.occupancy_min                            ? 
_refine.pdbx_diffrn_id                           1 
_refine.pdbx_TLS_residual_ADP_flag               ? 
_refine.pdbx_ls_sigma_I                          ? 
_refine.pdbx_data_cutoff_high_rms_absF           ? 
_refine.ls_R_factor_R_free_error_details         ? 
# 
_refine_hist.cycle_id                         final 
_refine_hist.pdbx_refine_id                   'X-RAY DIFFRACTION' 
_refine_hist.d_res_high                       1.6000 
_refine_hist.d_res_low                        52.6600 
_refine_hist.pdbx_number_atoms_ligand         40 
_refine_hist.number_atoms_solvent             70 
_refine_hist.number_atoms_total               1479 
_refine_hist.pdbx_number_residues_total       172 
_refine_hist.pdbx_B_iso_mean_ligand           46.57 
_refine_hist.pdbx_B_iso_mean_solvent          38.98 
_refine_hist.pdbx_number_atoms_protein        1369 
_refine_hist.pdbx_number_atoms_nucleic_acid   0 
# 
loop_
_refine_ls_restr.pdbx_refine_id 
_refine_ls_restr.type 
_refine_ls_restr.number 
_refine_ls_restr.dev_ideal 
_refine_ls_restr.dev_ideal_target 
_refine_ls_restr.weight 
_refine_ls_restr.pdbx_restraint_function 
'X-RAY DIFFRACTION' r_bond_refined_d       2286 0.009  0.014  ? ? 
'X-RAY DIFFRACTION' r_bond_other_d         1716 0.001  0.017  ? ? 
'X-RAY DIFFRACTION' r_angle_refined_deg    2580 1.631  1.648  ? ? 
'X-RAY DIFFRACTION' r_angle_other_deg      3996 1.328  1.568  ? ? 
'X-RAY DIFFRACTION' r_dihedral_angle_1_deg 228  7.757  5.000  ? ? 
'X-RAY DIFFRACTION' r_dihedral_angle_2_deg 93   26.708 21.290 ? ? 
'X-RAY DIFFRACTION' r_dihedral_angle_3_deg 298  17.650 15.000 ? ? 
'X-RAY DIFFRACTION' r_dihedral_angle_4_deg 10   19.475 15.000 ? ? 
'X-RAY DIFFRACTION' r_chiral_restr         215  0.082  0.200  ? ? 
'X-RAY DIFFRACTION' r_gen_planes_refined   2168 0.009  0.020  ? ? 
'X-RAY DIFFRACTION' r_gen_planes_other     422  0.002  0.020  ? ? 
'X-RAY DIFFRACTION' r_mcbond_it            1047 3.295  3.866  ? ? 
'X-RAY DIFFRACTION' r_mcbond_other         1045 3.296  3.859  ? ? 
'X-RAY DIFFRACTION' r_mcangle_it           1118 5.391  5.819  ? ? 
# 
_refine_ls_shell.d_res_high                       1.6000 
_refine_ls_shell.d_res_low                        1.6410 
_refine_ls_shell.pdbx_total_number_of_bins_used   20 
_refine_ls_shell.percent_reflns_obs               99.3900 
_refine_ls_shell.number_reflns_R_work             1818 
_refine_ls_shell.R_factor_all                     ? 
_refine_ls_shell.R_factor_R_work                  0.3480 
_refine_ls_shell.R_factor_R_free                  0.2880 
_refine_ls_shell.percent_reflns_R_free            ? 
_refine_ls_shell.number_reflns_R_free             123 
_refine_ls_shell.R_factor_R_free_error            ? 
_refine_ls_shell.number_reflns_all                1941 
_refine_ls_shell.number_reflns_obs                ? 
_refine_ls_shell.pdbx_refine_id                   'X-RAY DIFFRACTION' 
# 
_struct.entry_id                  5QS0 
_struct.title                     
'PanDDA analysis group deposition -- Crystal Structure of human Brachyury in complex with Z274555794' 
_struct.pdbx_model_details        ? 
_struct.pdbx_CASP_flag            ? 
_struct.pdbx_model_type_details   ? 
# 
_struct_keywords.entry_id        5QS0 
_struct_keywords.text            'SGC - Diamond I04-1 fragment screening, PanDDA, XChemExplorer, TRANSCRIPTION' 
_struct_keywords.pdbx_keywords   TRANSCRIPTION 
# 
loop_
_struct_asym.id 
_struct_asym.pdbx_blank_PDB_chainid_flag 
_struct_asym.pdbx_modified 
_struct_asym.entity_id 
_struct_asym.details 
A N N 1 ? 
B N N 2 ? 
C N N 2 ? 
D N N 2 ? 
E N N 2 ? 
F N N 2 ? 
G N N 3 ? 
H N N 3 ? 
I N N 4 ? 
# 
_struct_ref.id                         1 
_struct_ref.db_name                    UNP 
_struct_ref.db_code                    TBXT_HUMAN 
_struct_ref.pdbx_db_accession          O15178 
_struct_ref.pdbx_db_isoform            ? 
_struct_ref.entity_id                  1 
_struct_ref.pdbx_seq_one_letter_code   
;ELRVGLEESELWLRFKELTNEMIVTKNGRRMFPVLKVNVSGLDPNAMYSFLLDFVAADNHRWKYVNGEWVPGGKPEPQAP
SCVYIHPDSPNFGAHWMKAPVSFSKVKLTNKLNGGGQIMLNSLHKYEPRIHIVRVGGPQRMITSHCFPETQFIAVTAYQN
EEITALKIKYN
;
_struct_ref.pdbx_align_begin           41 
# 
_struct_ref_seq.align_id                      1 
_struct_ref_seq.ref_id                        1 
_struct_ref_seq.pdbx_PDB_id_code              5QS0 
_struct_ref_seq.pdbx_strand_id                A 
_struct_ref_seq.seq_align_beg                 2 
_struct_ref_seq.pdbx_seq_align_beg_ins_code   ? 
_struct_ref_seq.seq_align_end                 172 
_struct_ref_seq.pdbx_seq_align_end_ins_code   ? 
_struct_ref_seq.pdbx_db_accession             O15178 
_struct_ref_seq.db_align_beg                  41 
_struct_ref_seq.pdbx_db_align_beg_ins_code    ? 
_struct_ref_seq.db_align_end                  211 
_struct_ref_seq.pdbx_db_align_end_ins_code    ? 
_struct_ref_seq.pdbx_auth_seq_align_beg       41 
_struct_ref_seq.pdbx_auth_seq_align_end       211 
# 
_struct_ref_seq_dif.align_id                     1 
_struct_ref_seq_dif.pdbx_pdb_id_code             5QS0 
_struct_ref_seq_dif.mon_id                       GLY 
_struct_ref_seq_dif.pdbx_pdb_strand_id           A 
_struct_ref_seq_dif.seq_num                      1 
_struct_ref_seq_dif.pdbx_pdb_ins_code            ? 
_struct_ref_seq_dif.pdbx_seq_db_name             UNP 
_struct_ref_seq_dif.pdbx_seq_db_accession_code   O15178 
_struct_ref_seq_dif.db_mon_id                    ? 
_struct_ref_seq_dif.pdbx_seq_db_seq_num          ? 
_struct_ref_seq_dif.details                      'expression tag' 
_struct_ref_seq_dif.pdbx_auth_seq_num            40 
_struct_ref_seq_dif.pdbx_ordinal                 1 
# 
_pdbx_struct_assembly.id                   1 
_pdbx_struct_assembly.details              author_defined_assembly 
_pdbx_struct_assembly.method_details       ? 
_pdbx_struct_assembly.oligomeric_details   monomeric 
_pdbx_struct_assembly.oligomeric_count     1 
# 
_pdbx_struct_assembly_gen.assembly_id       1 
_pdbx_struct_assembly_gen.oper_expression   1 
_pdbx_struct_assembly_gen.asym_id_list      A,B,C,D,E,F,G,H,I 
# 
_pdbx_struct_oper_list.id                   1 
_pdbx_struct_oper_list.type                 'identity operation' 
_pdbx_struct_oper_list.name                 1_555 
_pdbx_struct_oper_list.symmetry_operation   x,y,z 
_pdbx_struct_oper_list.matrix[1][1]         1.0000000000 
_pdbx_struct_oper_list.matrix[1][2]         0.0000000000 
_pdbx_struct_oper_list.matrix[1][3]         0.0000000000 
_pdbx_struct_oper_list.vector[1]            0.0000000000 
_pdbx_struct_oper_list.matrix[2][1]         0.0000000000 
_pdbx_struct_oper_list.matrix[2][2]         1.0000000000 
_pdbx_struct_oper_list.matrix[2][3]         0.0000000000 
_pdbx_struct_oper_list.vector[2]            0.0000000000 
_pdbx_struct_oper_list.matrix[3][1]         0.0000000000 
_pdbx_struct_oper_list.matrix[3][2]         0.0000000000 
_pdbx_struct_oper_list.matrix[3][3]         1.0000000000 
_pdbx_struct_oper_list.vector[3]            0.0000000000 
# 
loop_
_struct_conf.conf_type_id 
_struct_conf.id 
_struct_conf.pdbx_PDB_helix_id 
_struct_conf.beg_label_comp_id 
_struct_conf.beg_label_asym_id 
_struct_conf.beg_label_seq_id 
_struct_conf.pdbx_beg_PDB_ins_code 
_struct_conf.end_label_comp_id 
_struct_conf.end_label_asym_id 
_struct_conf.end_label_seq_id 
_struct_conf.pdbx_end_PDB_ins_code 
_struct_conf.beg_auth_comp_id 
_struct_conf.beg_auth_asym_id 
_struct_conf.beg_auth_seq_id 
_struct_conf.end_auth_comp_id 
_struct_conf.end_auth_asym_id 
_struct_conf.end_auth_seq_id 
_struct_conf.pdbx_PDB_helix_class 
_struct_conf.details 
_struct_conf.pdbx_PDB_helix_length 
HELX_P HELX_P1 AA1 GLU A 9   ? LEU A 19  ? GLU A 48  LEU A 58  1 ? 11 
HELX_P HELX_P2 AA2 GLY A 94  ? ALA A 100 ? GLY A 133 ALA A 139 1 ? 7  
HELX_P HELX_P3 AA3 PRO A 149 ? GLN A 152 ? PRO A 188 GLN A 191 5 ? 4  
HELX_P HELX_P4 AA4 ASN A 161 ? ASN A 172 ? ASN A 200 ASN A 211 1 ? 12 
# 
_struct_conf_type.id          HELX_P 
_struct_conf_type.criteria    ? 
_struct_conf_type.reference   ? 
# 
loop_
_struct_conn.id 
_struct_conn.conn_type_id 
_struct_conn.pdbx_leaving_atom_flag 
_struct_conn.pdbx_PDB_id 
_struct_conn.ptnr1_label_asym_id 
_struct_conn.ptnr1_label_comp_id 
_struct_conn.ptnr1_label_seq_id 
_struct_conn.ptnr1_label_atom_id 
_struct_conn.pdbx_ptnr1_label_alt_id 
_struct_conn.pdbx_ptnr1_PDB_ins_code 
_struct_conn.pdbx_ptnr1_standard_comp_id 
_struct_conn.ptnr1_symmetry 
_struct_conn.ptnr2_label_asym_id 
_struct_conn.ptnr2_label_comp_id 
_struct_conn.ptnr2_label_seq_id 
_struct_conn.ptnr2_label_atom_id 
_struct_conn.pdbx_ptnr2_label_alt_id 
_struct_conn.pdbx_ptnr2_PDB_ins_code 
_struct_conn.ptnr1_auth_asym_id 
_struct_conn.ptnr1_auth_comp_id 
_struct_conn.ptnr1_auth_seq_id 
_struct_conn.ptnr2_auth_asym_id 
_struct_conn.ptnr2_auth_comp_id 
_struct_conn.ptnr2_auth_seq_id 
_struct_conn.ptnr2_symmetry 
_struct_conn.pdbx_ptnr3_label_atom_id 
_struct_conn.pdbx_ptnr3_label_seq_id 
_struct_conn.pdbx_ptnr3_label_comp_id 
_struct_conn.pdbx_ptnr3_label_asym_id 
_struct_conn.pdbx_ptnr3_label_alt_id 
_struct_conn.pdbx_ptnr3_PDB_ins_code 
_struct_conn.details 
_struct_conn.pdbx_dist_value 
_struct_conn.pdbx_value_order 
_struct_conn.pdbx_role 
metalc1  metalc ? ? A HIS 61  NE2 ? ? ? 1_555 E CD  . CD ? ? A HIS 100 A CD  304 1_555 ? ? ? ? ? ? ? 2.114 ? ? 
metalc2  metalc ? ? A CYS 83  SG  ? ? ? 1_555 D CD  . CD ? ? A CYS 122 A CD  303 1_555 ? ? ? ? ? ? ? 2.696 ? ? 
metalc3  metalc ? ? A CYS 83  SG  ? ? ? 1_555 F CD  . CD ? ? A CYS 122 A CD  305 1_555 ? ? ? ? ? ? ? 2.438 ? ? 
metalc4  metalc ? ? A GLU 128 OE1 ? ? ? 1_555 B CD  . CD ? ? A GLU 167 A CD  301 1_555 ? ? ? ? ? ? ? 2.368 ? ? 
metalc5  metalc ? ? A GLU 128 OE1 ? ? ? 1_555 B CD  . CD ? ? A GLU 167 A CD  301 5_655 ? ? ? ? ? ? ? 2.368 ? ? 
metalc6  metalc ? ? A GLU 128 OE1 ? ? ? 1_555 C CD  . CD ? ? A GLU 167 A CD  302 1_555 ? ? ? ? ? ? ? 2.669 ? ? 
metalc7  metalc ? ? A GLU 128 OE2 ? ? ? 1_555 C CD  . CD ? ? A GLU 167 A CD  302 1_555 ? ? ? ? ? ? ? 2.205 ? ? 
metalc8  metalc ? ? A CYS 147 SG  A ? ? 1_555 B CD  . CD ? ? A CYS 186 A CD  301 1_555 ? ? ? ? ? ? ? 2.413 ? ? 
metalc9  metalc ? ? A CYS 147 SG  B ? ? 1_555 B CD  . CD ? ? A CYS 186 A CD  301 1_555 ? ? ? ? ? ? ? 2.557 ? ? 
metalc10 metalc ? ? A CYS 147 SG  A ? ? 1_555 B CD  . CD ? ? A CYS 186 A CD  301 5_655 ? ? ? ? ? ? ? 2.413 ? ? 
metalc11 metalc ? ? A CYS 147 SG  B ? ? 1_555 B CD  . CD ? ? A CYS 186 A CD  301 5_655 ? ? ? ? ? ? ? 2.557 ? ? 
metalc12 metalc ? ? A CYS 147 SG  A ? ? 1_555 C CD  . CD ? ? A CYS 186 A CD  302 5_655 ? ? ? ? ? ? ? 2.486 ? ? 
metalc13 metalc ? ? A CYS 147 SG  B ? ? 1_555 C CD  . CD ? ? A CYS 186 A CD  302 5_655 ? ? ? ? ? ? ? 2.374 ? ? 
metalc14 metalc ? ? B CD  .   CD  ? ? ? 1_555 I HOH . O  ? ? A CD  301 A HOH 452 1_555 ? ? ? ? ? ? ? 2.276 ? ? 
metalc15 metalc ? ? B CD  .   CD  ? ? ? 1_555 I HOH . O  ? ? A CD  301 A HOH 452 5_655 ? ? ? ? ? ? ? 2.276 ? ? 
metalc16 metalc ? ? C CD  .   CD  ? ? ? 1_555 I HOH . O  ? ? A CD  302 A HOH 455 5_655 ? ? ? ? ? ? ? 2.488 ? ? 
metalc17 metalc ? ? C CD  .   CD  ? ? ? 1_555 I HOH . O  ? ? A CD  302 A HOH 460 1_555 ? ? ? ? ? ? ? 2.444 ? ? 
metalc18 metalc ? ? D CD  .   CD  ? ? ? 1_555 I HOH . O  ? ? A CD  303 A HOH 454 1_555 ? ? ? ? ? ? ? 2.469 ? ? 
metalc19 metalc ? ? D CD  .   CD  ? ? ? 1_555 I HOH . O  ? ? A CD  303 A HOH 469 1_555 ? ? ? ? ? ? ? 2.680 ? ? 
metalc20 metalc ? ? E CD  .   CD  ? ? ? 1_555 I HOH . O  ? ? A CD  304 A HOH 445 1_555 ? ? ? ? ? ? ? 2.300 ? ? 
metalc21 metalc ? ? E CD  .   CD  ? ? ? 1_555 I HOH . O  ? ? A CD  304 A HOH 458 1_555 ? ? ? ? ? ? ? 2.414 ? ? 
metalc22 metalc ? ? E CD  .   CD  ? ? ? 1_555 I HOH . O  ? ? A CD  304 A HOH 461 1_555 ? ? ? ? ? ? ? 2.345 ? ? 
metalc23 metalc ? ? F CD  .   CD  ? ? ? 1_555 I HOH . O  ? ? A CD  305 A HOH 448 1_555 ? ? ? ? ? ? ? 2.541 ? ? 
metalc24 metalc ? ? F CD  .   CD  ? ? ? 1_555 I HOH . O  ? ? A CD  305 A HOH 470 1_555 ? ? ? ? ? ? ? 2.498 ? ? 
# 
_struct_conn_type.id          metalc 
_struct_conn_type.criteria    ? 
_struct_conn_type.reference   ? 
# 
loop_
_pdbx_struct_conn_angle.id 
_pdbx_struct_conn_angle.ptnr1_label_atom_id 
_pdbx_struct_conn_angle.ptnr1_label_alt_id 
_pdbx_struct_conn_angle.ptnr1_label_asym_id 
_pdbx_struct_conn_angle.ptnr1_label_comp_id 
_pdbx_struct_conn_angle.ptnr1_label_seq_id 
_pdbx_struct_conn_angle.ptnr1_auth_atom_id 
_pdbx_struct_conn_angle.ptnr1_auth_asym_id 
_pdbx_struct_conn_angle.ptnr1_auth_comp_id 
_pdbx_struct_conn_angle.ptnr1_auth_seq_id 
_pdbx_struct_conn_angle.ptnr1_PDB_ins_code 
_pdbx_struct_conn_angle.ptnr1_symmetry 
_pdbx_struct_conn_angle.ptnr2_label_atom_id 
_pdbx_struct_conn_angle.ptnr2_label_alt_id 
_pdbx_struct_conn_angle.ptnr2_label_asym_id 
_pdbx_struct_conn_angle.ptnr2_label_comp_id 
_pdbx_struct_conn_angle.ptnr2_label_seq_id 
_pdbx_struct_conn_angle.ptnr2_auth_atom_id 
_pdbx_struct_conn_angle.ptnr2_auth_asym_id 
_pdbx_struct_conn_angle.ptnr2_auth_comp_id 
_pdbx_struct_conn_angle.ptnr2_auth_seq_id 
_pdbx_struct_conn_angle.ptnr2_PDB_ins_code 
_pdbx_struct_conn_angle.ptnr2_symmetry 
_pdbx_struct_conn_angle.ptnr3_label_atom_id 
_pdbx_struct_conn_angle.ptnr3_label_alt_id 
_pdbx_struct_conn_angle.ptnr3_label_asym_id 
_pdbx_struct_conn_angle.ptnr3_label_comp_id 
_pdbx_struct_conn_angle.ptnr3_label_seq_id 
_pdbx_struct_conn_angle.ptnr3_auth_atom_id 
_pdbx_struct_conn_angle.ptnr3_auth_asym_id 
_pdbx_struct_conn_angle.ptnr3_auth_comp_id 
_pdbx_struct_conn_angle.ptnr3_auth_seq_id 
_pdbx_struct_conn_angle.ptnr3_PDB_ins_code 
_pdbx_struct_conn_angle.ptnr3_symmetry 
_pdbx_struct_conn_angle.value 
_pdbx_struct_conn_angle.value_esd 
1  NE2 ? A HIS 61  ? A HIS 100 ? 1_555 CD ? E CD . ? A CD 304 ? 1_555 O   ? I HOH .   ? A HOH 445 ? 1_555 102.3 ? 
2  NE2 ? A HIS 61  ? A HIS 100 ? 1_555 CD ? E CD . ? A CD 304 ? 1_555 O   ? I HOH .   ? A HOH 458 ? 1_555 101.2 ? 
3  O   ? I HOH .   ? A HOH 445 ? 1_555 CD ? E CD . ? A CD 304 ? 1_555 O   ? I HOH .   ? A HOH 458 ? 1_555 107.6 ? 
4  NE2 ? A HIS 61  ? A HIS 100 ? 1_555 CD ? E CD . ? A CD 304 ? 1_555 O   ? I HOH .   ? A HOH 461 ? 1_555 114.2 ? 
5  O   ? I HOH .   ? A HOH 445 ? 1_555 CD ? E CD . ? A CD 304 ? 1_555 O   ? I HOH .   ? A HOH 461 ? 1_555 110.1 ? 
6  O   ? I HOH .   ? A HOH 458 ? 1_555 CD ? E CD . ? A CD 304 ? 1_555 O   ? I HOH .   ? A HOH 461 ? 1_555 119.8 ? 
7  SG  ? A CYS 83  ? A CYS 122 ? 1_555 CD ? D CD . ? A CD 303 ? 1_555 O   ? I HOH .   ? A HOH 454 ? 1_555 94.7  ? 
8  SG  ? A CYS 83  ? A CYS 122 ? 1_555 CD ? D CD . ? A CD 303 ? 1_555 O   ? I HOH .   ? A HOH 469 ? 1_555 87.4  ? 
9  O   ? I HOH .   ? A HOH 454 ? 1_555 CD ? D CD . ? A CD 303 ? 1_555 O   ? I HOH .   ? A HOH 469 ? 1_555 170.5 ? 
10 SG  ? A CYS 83  ? A CYS 122 ? 1_555 CD ? F CD . ? A CD 305 ? 1_555 O   ? I HOH .   ? A HOH 448 ? 1_555 99.5  ? 
11 SG  ? A CYS 83  ? A CYS 122 ? 1_555 CD ? F CD . ? A CD 305 ? 1_555 O   ? I HOH .   ? A HOH 470 ? 1_555 85.9  ? 
12 O   ? I HOH .   ? A HOH 448 ? 1_555 CD ? F CD . ? A CD 305 ? 1_555 O   ? I HOH .   ? A HOH 470 ? 1_555 173.2 ? 
13 OE1 ? A GLU 128 ? A GLU 167 ? 1_555 CD ? B CD . ? A CD 301 ? 1_555 OE1 ? A GLU 128 ? A GLU 167 ? 1_555 0.0   ? 
14 OE1 ? A GLU 128 ? A GLU 167 ? 1_555 CD ? B CD . ? A CD 301 ? 1_555 SG  A A CYS 147 ? A CYS 186 ? 1_555 94.3  ? 
15 OE1 ? A GLU 128 ? A GLU 167 ? 1_555 CD ? B CD . ? A CD 301 ? 1_555 SG  A A CYS 147 ? A CYS 186 ? 1_555 94.3  ? 
16 OE1 ? A GLU 128 ? A GLU 167 ? 1_555 CD ? B CD . ? A CD 301 ? 1_555 SG  B A CYS 147 ? A CYS 186 ? 1_555 91.6  ? 
17 OE1 ? A GLU 128 ? A GLU 167 ? 1_555 CD ? B CD . ? A CD 301 ? 1_555 SG  B A CYS 147 ? A CYS 186 ? 1_555 91.6  ? 
18 SG  A A CYS 147 ? A CYS 186 ? 1_555 CD ? B CD . ? A CD 301 ? 1_555 SG  B A CYS 147 ? A CYS 186 ? 1_555 35.5  ? 
19 OE1 ? A GLU 128 ? A GLU 167 ? 1_555 CD ? B CD . ? A CD 301 ? 1_555 SG  A A CYS 147 ? A CYS 186 ? 1_555 94.3  ? 
20 OE1 ? A GLU 128 ? A GLU 167 ? 1_555 CD ? B CD . ? A CD 301 ? 1_555 SG  A A CYS 147 ? A CYS 186 ? 1_555 94.3  ? 
21 SG  A A CYS 147 ? A CYS 186 ? 1_555 CD ? B CD . ? A CD 301 ? 1_555 SG  A A CYS 147 ? A CYS 186 ? 1_555 0.0   ? 
22 SG  B A CYS 147 ? A CYS 186 ? 1_555 CD ? B CD . ? A CD 301 ? 1_555 SG  A A CYS 147 ? A CYS 186 ? 1_555 35.5  ? 
23 OE1 ? A GLU 128 ? A GLU 167 ? 1_555 CD ? B CD . ? A CD 301 ? 1_555 SG  B A CYS 147 ? A CYS 186 ? 1_555 91.6  ? 
24 OE1 ? A GLU 128 ? A GLU 167 ? 1_555 CD ? B CD . ? A CD 301 ? 1_555 SG  B A CYS 147 ? A CYS 186 ? 1_555 91.6  ? 
25 SG  A A CYS 147 ? A CYS 186 ? 1_555 CD ? B CD . ? A CD 301 ? 1_555 SG  B A CYS 147 ? A CYS 186 ? 1_555 35.5  ? 
26 SG  B A CYS 147 ? A CYS 186 ? 1_555 CD ? B CD . ? A CD 301 ? 1_555 SG  B A CYS 147 ? A CYS 186 ? 1_555 0.0   ? 
27 SG  A A CYS 147 ? A CYS 186 ? 1_555 CD ? B CD . ? A CD 301 ? 1_555 SG  B A CYS 147 ? A CYS 186 ? 1_555 35.5  ? 
28 OE1 ? A GLU 128 ? A GLU 167 ? 1_555 CD ? B CD . ? A CD 301 ? 1_555 O   ? I HOH .   ? A HOH 452 ? 1_555 89.1  ? 
29 OE1 ? A GLU 128 ? A GLU 167 ? 1_555 CD ? B CD . ? A CD 301 ? 1_555 O   ? I HOH .   ? A HOH 452 ? 1_555 89.1  ? 
30 SG  A A CYS 147 ? A CYS 186 ? 1_555 CD ? B CD . ? A CD 301 ? 1_555 O   ? I HOH .   ? A HOH 452 ? 1_555 76.2  ? 
31 SG  B A CYS 147 ? A CYS 186 ? 1_555 CD ? B CD . ? A CD 301 ? 1_555 O   ? I HOH .   ? A HOH 452 ? 1_555 111.5 ? 
32 SG  A A CYS 147 ? A CYS 186 ? 1_555 CD ? B CD . ? A CD 301 ? 1_555 O   ? I HOH .   ? A HOH 452 ? 1_555 76.2  ? 
33 SG  B A CYS 147 ? A CYS 186 ? 1_555 CD ? B CD . ? A CD 301 ? 1_555 O   ? I HOH .   ? A HOH 452 ? 1_555 111.5 ? 
34 OE1 ? A GLU 128 ? A GLU 167 ? 1_555 CD ? B CD . ? A CD 301 ? 1_555 O   ? I HOH .   ? A HOH 452 ? 5_655 93.5  ? 
35 OE1 ? A GLU 128 ? A GLU 167 ? 1_555 CD ? B CD . ? A CD 301 ? 1_555 O   ? I HOH .   ? A HOH 452 ? 5_655 93.5  ? 
36 SG  A A CYS 147 ? A CYS 186 ? 1_555 CD ? B CD . ? A CD 301 ? 1_555 O   ? I HOH .   ? A HOH 452 ? 5_655 113.4 ? 
37 SG  B A CYS 147 ? A CYS 186 ? 1_555 CD ? B CD . ? A CD 301 ? 1_555 O   ? I HOH .   ? A HOH 452 ? 5_655 148.9 ? 
38 SG  A A CYS 147 ? A CYS 186 ? 1_555 CD ? B CD . ? A CD 301 ? 1_555 O   ? I HOH .   ? A HOH 452 ? 5_655 113.4 ? 
39 SG  B A CYS 147 ? A CYS 186 ? 1_555 CD ? B CD . ? A CD 301 ? 1_555 O   ? I HOH .   ? A HOH 452 ? 5_655 148.9 ? 
40 O   ? I HOH .   ? A HOH 452 ? 1_555 CD ? B CD . ? A CD 301 ? 1_555 O   ? I HOH .   ? A HOH 452 ? 5_655 38.0  ? 
41 OE1 ? A GLU 128 ? A GLU 167 ? 1_555 CD ? C CD . ? A CD 302 ? 1_555 OE2 ? A GLU 128 ? A GLU 167 ? 1_555 52.4  ? 
42 OE1 ? A GLU 128 ? A GLU 167 ? 1_555 CD ? C CD . ? A CD 302 ? 1_555 SG  A A CYS 147 ? A CYS 186 ? 1_555 30.5  ? 
43 OE2 ? A GLU 128 ? A GLU 167 ? 1_555 CD ? C CD . ? A CD 302 ? 1_555 SG  A A CYS 147 ? A CYS 186 ? 1_555 74.4  ? 
44 OE1 ? A GLU 128 ? A GLU 167 ? 1_555 CD ? C CD . ? A CD 302 ? 1_555 SG  B A CYS 147 ? A CYS 186 ? 1_555 42.5  ? 
45 OE2 ? A GLU 128 ? A GLU 167 ? 1_555 CD ? C CD . ? A CD 302 ? 1_555 SG  B A CYS 147 ? A CYS 186 ? 1_555 76.0  ? 
46 SG  A A CYS 147 ? A CYS 186 ? 1_555 CD ? C CD . ? A CD 302 ? 1_555 SG  B A CYS 147 ? A CYS 186 ? 1_555 15.6  ? 
47 OE1 ? A GLU 128 ? A GLU 167 ? 1_555 CD ? C CD . ? A CD 302 ? 1_555 O   ? I HOH .   ? A HOH 455 ? 5_655 143.5 ? 
48 OE2 ? A GLU 128 ? A GLU 167 ? 1_555 CD ? C CD . ? A CD 302 ? 1_555 O   ? I HOH .   ? A HOH 455 ? 5_655 101.9 ? 
49 SG  A A CYS 147 ? A CYS 186 ? 1_555 CD ? C CD . ? A CD 302 ? 1_555 O   ? I HOH .   ? A HOH 455 ? 5_655 128.6 ? 
50 SG  B A CYS 147 ? A CYS 186 ? 1_555 CD ? C CD . ? A CD 302 ? 1_555 O   ? I HOH .   ? A HOH 455 ? 5_655 113.0 ? 
51 OE1 ? A GLU 128 ? A GLU 167 ? 1_555 CD ? C CD . ? A CD 302 ? 1_555 O   ? I HOH .   ? A HOH 460 ? 1_555 109.7 ? 
52 OE2 ? A GLU 128 ? A GLU 167 ? 1_555 CD ? C CD . ? A CD 302 ? 1_555 O   ? I HOH .   ? A HOH 460 ? 1_555 108.1 ? 
53 SG  A A CYS 147 ? A CYS 186 ? 1_555 CD ? C CD . ? A CD 302 ? 1_555 O   ? I HOH .   ? A HOH 460 ? 1_555 127.6 ? 
54 SG  B A CYS 147 ? A CYS 186 ? 1_555 CD ? C CD . ? A CD 302 ? 1_555 O   ? I HOH .   ? A HOH 460 ? 1_555 142.5 ? 
55 O   ? I HOH .   ? A HOH 455 ? 5_655 CD ? C CD . ? A CD 302 ? 1_555 O   ? I HOH .   ? A HOH 460 ? 1_555 102.7 ? 
# 
loop_
_struct_mon_prot_cis.pdbx_id 
_struct_mon_prot_cis.label_comp_id 
_struct_mon_prot_cis.label_seq_id 
_struct_mon_prot_cis.label_asym_id 
_struct_mon_prot_cis.label_alt_id 
_struct_mon_prot_cis.pdbx_PDB_ins_code 
_struct_mon_prot_cis.auth_comp_id 
_struct_mon_prot_cis.auth_seq_id 
_struct_mon_prot_cis.auth_asym_id 
_struct_mon_prot_cis.pdbx_label_comp_id_2 
_struct_mon_prot_cis.pdbx_label_seq_id_2 
_struct_mon_prot_cis.pdbx_label_asym_id_2 
_struct_mon_prot_cis.pdbx_PDB_ins_code_2 
_struct_mon_prot_cis.pdbx_auth_comp_id_2 
_struct_mon_prot_cis.pdbx_auth_seq_id_2 
_struct_mon_prot_cis.pdbx_auth_asym_id_2 
_struct_mon_prot_cis.pdbx_PDB_model_num 
_struct_mon_prot_cis.pdbx_omega_angle 
1 PHE 33 A . ? PHE 72  A PRO 34 A ? PRO 73  A 1 -7.05  
2 SER 90 A . ? SER 129 A PRO 91 A ? PRO 130 A 1 -12.15 
# 
loop_
_struct_sheet.id 
_struct_sheet.type 
_struct_sheet.number_strands 
_struct_sheet.details 
AA1 ? 3 ? 
AA2 ? 5 ? 
AA3 ? 4 ? 
AA4 ? 3 ? 
AA5 ? 2 ? 
# 
loop_
_struct_sheet_order.sheet_id 
_struct_sheet_order.range_id_1 
_struct_sheet_order.range_id_2 
_struct_sheet_order.offset 
_struct_sheet_order.sense 
AA1 1 2 ? anti-parallel 
AA1 2 3 ? anti-parallel 
AA2 1 2 ? parallel      
AA2 2 3 ? anti-parallel 
AA2 3 4 ? anti-parallel 
AA2 4 5 ? anti-parallel 
AA3 1 2 ? anti-parallel 
AA3 2 3 ? anti-parallel 
AA3 3 4 ? anti-parallel 
AA4 1 2 ? anti-parallel 
AA4 2 3 ? parallel      
AA5 1 2 ? anti-parallel 
# 
loop_
_struct_sheet_range.sheet_id 
_struct_sheet_range.id 
_struct_sheet_range.beg_label_comp_id 
_struct_sheet_range.beg_label_asym_id 
_struct_sheet_range.beg_label_seq_id 
_struct_sheet_range.pdbx_beg_PDB_ins_code 
_struct_sheet_range.end_label_comp_id 
_struct_sheet_range.end_label_asym_id 
_struct_sheet_range.end_label_seq_id 
_struct_sheet_range.pdbx_end_PDB_ins_code 
_struct_sheet_range.beg_auth_comp_id 
_struct_sheet_range.beg_auth_asym_id 
_struct_sheet_range.beg_auth_seq_id 
_struct_sheet_range.end_auth_comp_id 
_struct_sheet_range.end_auth_asym_id 
_struct_sheet_range.end_auth_seq_id 
AA1 1 ARG A 4   ? LEU A 7   ? ARG A 43  LEU A 46  
AA1 2 LYS A 37  ? SER A 41  ? LYS A 76  SER A 80  
AA1 3 VAL A 102 ? SER A 103 ? VAL A 141 SER A 142 
AA2 1 GLU A 22  ? ILE A 24  ? GLU A 61  ILE A 63  
AA2 2 PHE A 153 ? VAL A 156 ? PHE A 192 VAL A 195 
AA2 3 LYS A 126 ? VAL A 136 ? LYS A 165 VAL A 175 
AA2 4 MET A 48  ? ALA A 57  ? MET A 87  ALA A 96  
AA2 5 ASN A 92  ? PHE A 93  ? ASN A 131 PHE A 132 
AA3 1 TYR A 85  ? ILE A 86  ? TYR A 124 ILE A 125 
AA3 2 MET A 48  ? ALA A 57  ? MET A 87  ALA A 96  
AA3 3 LYS A 126 ? VAL A 136 ? LYS A 165 VAL A 175 
AA3 4 MET A 142 ? CYS A 147 ? MET A 181 CYS A 186 
AA4 1 ARG A 30  ? ARG A 31  ? ARG A 69  ARG A 70  
AA4 2 LYS A 108 ? THR A 110 ? LYS A 147 THR A 149 
AA4 3 ILE A 119 ? MET A 120 ? ILE A 158 MET A 159 
AA5 1 TRP A 63  ? VAL A 66  ? TRP A 102 VAL A 105 
AA5 2 GLU A 69  ? PRO A 72  ? GLU A 108 PRO A 111 
# 
loop_
_pdbx_struct_sheet_hbond.sheet_id 
_pdbx_struct_sheet_hbond.range_id_1 
_pdbx_struct_sheet_hbond.range_id_2 
_pdbx_struct_sheet_hbond.range_1_label_atom_id 
_pdbx_struct_sheet_hbond.range_1_label_comp_id 
_pdbx_struct_sheet_hbond.range_1_label_asym_id 
_pdbx_struct_sheet_hbond.range_1_label_seq_id 
_pdbx_struct_sheet_hbond.range_1_PDB_ins_code 
_pdbx_struct_sheet_hbond.range_1_auth_atom_id 
_pdbx_struct_sheet_hbond.range_1_auth_comp_id 
_pdbx_struct_sheet_hbond.range_1_auth_asym_id 
_pdbx_struct_sheet_hbond.range_1_auth_seq_id 
_pdbx_struct_sheet_hbond.range_2_label_atom_id 
_pdbx_struct_sheet_hbond.range_2_label_comp_id 
_pdbx_struct_sheet_hbond.range_2_label_asym_id 
_pdbx_struct_sheet_hbond.range_2_label_seq_id 
_pdbx_struct_sheet_hbond.range_2_PDB_ins_code 
_pdbx_struct_sheet_hbond.range_2_auth_atom_id 
_pdbx_struct_sheet_hbond.range_2_auth_comp_id 
_pdbx_struct_sheet_hbond.range_2_auth_asym_id 
_pdbx_struct_sheet_hbond.range_2_auth_seq_id 
AA1 1 2 N GLY A 6   ? N GLY A 45  O ASN A 39  ? O ASN A 78  
AA1 2 3 N VAL A 38  ? N VAL A 77  O VAL A 102 ? O VAL A 141 
AA2 1 2 N MET A 23  ? N MET A 62  O VAL A 156 ? O VAL A 195 
AA2 2 3 O PHE A 153 ? O PHE A 192 N TYR A 127 ? N TYR A 166 
AA2 3 4 O ARG A 130 ? O ARG A 169 N ASP A 54  ? N ASP A 93  
AA2 4 5 N TYR A 49  ? N TYR A 88  O ASN A 92  ? O ASN A 131 
AA3 1 2 O TYR A 85  ? O TYR A 124 N LEU A 53  ? N LEU A 92  
AA3 2 3 N ASP A 54  ? N ASP A 93  O ARG A 130 ? O ARG A 169 
AA3 3 4 N ILE A 133 ? N ILE A 172 O THR A 144 ? O THR A 183 
AA4 1 2 N ARG A 30  ? N ARG A 69  O LEU A 109 ? O LEU A 148 
AA4 2 3 N LYS A 108 ? N LYS A 147 O ILE A 119 ? O ILE A 158 
AA5 1 2 N VAL A 66  ? N VAL A 105 O GLU A 69  ? O GLU A 108 
# 
loop_
_struct_site.id 
_struct_site.pdbx_evidence_code 
_struct_site.pdbx_auth_asym_id 
_struct_site.pdbx_auth_comp_id 
_struct_site.pdbx_auth_seq_id 
_struct_site.pdbx_auth_ins_code 
_struct_site.pdbx_num_residues 
_struct_site.details 
AC1 Software A CD  301 ? 8 'binding site for residue CD A 301'  
AC2 Software A CD  302 ? 6 'binding site for residue CD A 302'  
AC3 Software A CD  303 ? 4 'binding site for residue CD A 303'  
AC4 Software A CD  304 ? 5 'binding site for residue CD A 304'  
AC5 Software A CD  305 ? 4 'binding site for residue CD A 305'  
AC6 Software A NZ4 306 ? 7 'binding site for residue NZ4 A 306' 
AC7 Software A NZ4 307 ? 7 'binding site for residue NZ4 A 307' 
# 
loop_
_struct_site_gen.id 
_struct_site_gen.site_id 
_struct_site_gen.pdbx_num_res 
_struct_site_gen.label_comp_id 
_struct_site_gen.label_asym_id 
_struct_site_gen.label_seq_id 
_struct_site_gen.pdbx_auth_ins_code 
_struct_site_gen.auth_comp_id 
_struct_site_gen.auth_asym_id 
_struct_site_gen.auth_seq_id 
_struct_site_gen.label_atom_id 
_struct_site_gen.label_alt_id 
_struct_site_gen.symmetry 
_struct_site_gen.details 
1  AC1 8 GLU A 128 ? GLU A 167 . ? 1_555 ? 
2  AC1 8 GLU A 128 ? GLU A 167 . ? 5_655 ? 
3  AC1 8 CYS A 147 ? CYS A 186 . ? 5_655 ? 
4  AC1 8 CYS A 147 ? CYS A 186 . ? 1_555 ? 
5  AC1 8 CD  C .   ? CD  A 302 . ? 1_555 ? 
6  AC1 8 CD  C .   ? CD  A 302 . ? 5_655 ? 
7  AC1 8 HOH I .   ? HOH A 452 . ? 5_655 ? 
8  AC1 8 HOH I .   ? HOH A 452 . ? 1_555 ? 
9  AC2 6 GLU A 128 ? GLU A 167 . ? 1_555 ? 
10 AC2 6 CYS A 147 ? CYS A 186 . ? 5_655 ? 
11 AC2 6 CD  B .   ? CD  A 301 . ? 1_555 ? 
12 AC2 6 CD  B .   ? CD  A 301 . ? 5_655 ? 
13 AC2 6 HOH I .   ? HOH A 455 . ? 5_655 ? 
14 AC2 6 HOH I .   ? HOH A 460 . ? 1_555 ? 
15 AC3 4 CYS A 83  ? CYS A 122 . ? 1_555 ? 
16 AC3 4 HOH I .   ? HOH A 454 . ? 1_555 ? 
17 AC3 4 HOH I .   ? HOH A 457 . ? 1_555 ? 
18 AC3 4 HOH I .   ? HOH A 469 . ? 1_555 ? 
19 AC4 5 LEU A 52  ? LEU A 91  . ? 5_655 ? 
20 AC4 5 HIS A 61  ? HIS A 100 . ? 1_555 ? 
21 AC4 5 HOH I .   ? HOH A 445 . ? 1_555 ? 
22 AC4 5 HOH I .   ? HOH A 458 . ? 1_555 ? 
23 AC4 5 HOH I .   ? HOH A 461 . ? 1_555 ? 
24 AC5 4 CYS A 83  ? CYS A 122 . ? 1_555 ? 
25 AC5 4 HOH I .   ? HOH A 448 . ? 1_555 ? 
26 AC5 4 HOH I .   ? HOH A 469 . ? 1_555 ? 
27 AC5 4 HOH I .   ? HOH A 470 . ? 1_555 ? 
28 AC6 7 HIS A 61  ? HIS A 100 . ? 1_555 ? 
29 AC6 7 PRO A 72  ? PRO A 111 . ? 1_555 ? 
30 AC6 7 GLY A 73  ? GLY A 112 . ? 1_555 ? 
31 AC6 7 GLY A 74  ? GLY A 113 . ? 1_555 ? 
32 AC6 7 PRO A 76  ? PRO A 115 . ? 1_555 ? 
33 AC6 7 NZ4 H .   ? NZ4 A 307 . ? 1_555 ? 
34 AC6 7 HOH I .   ? HOH A 445 . ? 1_555 ? 
35 AC7 7 SER A 50  ? SER A 89  . ? 5_655 ? 
36 AC7 7 ILE A 86  ? ILE A 125 . ? 5_655 ? 
37 AC7 7 SER A 90  ? SER A 129 . ? 5_655 ? 
38 AC7 7 PHE A 93  ? PHE A 132 . ? 2_654 ? 
39 AC7 7 VAL A 136 ? VAL A 175 . ? 5_655 ? 
40 AC7 7 ARG A 141 ? ARG A 180 . ? 5_655 ? 
41 AC7 7 NZ4 G .   ? NZ4 A 306 . ? 1_555 ? 
# 
_pdbx_validate_rmsd_bond.id                        1 
_pdbx_validate_rmsd_bond.PDB_model_num             1 
_pdbx_validate_rmsd_bond.auth_atom_id_1            CD 
_pdbx_validate_rmsd_bond.auth_asym_id_1            A 
_pdbx_validate_rmsd_bond.auth_comp_id_1            GLU 
_pdbx_validate_rmsd_bond.auth_seq_id_1             167 
_pdbx_validate_rmsd_bond.PDB_ins_code_1            ? 
_pdbx_validate_rmsd_bond.label_alt_id_1            ? 
_pdbx_validate_rmsd_bond.auth_atom_id_2            OE2 
_pdbx_validate_rmsd_bond.auth_asym_id_2            A 
_pdbx_validate_rmsd_bond.auth_comp_id_2            GLU 
_pdbx_validate_rmsd_bond.auth_seq_id_2             167 
_pdbx_validate_rmsd_bond.PDB_ins_code_2            ? 
_pdbx_validate_rmsd_bond.label_alt_id_2            ? 
_pdbx_validate_rmsd_bond.bond_value                1.185 
_pdbx_validate_rmsd_bond.bond_target_value         1.252 
_pdbx_validate_rmsd_bond.bond_deviation            -0.067 
_pdbx_validate_rmsd_bond.bond_standard_deviation   0.011 
_pdbx_validate_rmsd_bond.linker_flag               N 
# 
loop_
_pdbx_validate_torsion.id 
_pdbx_validate_torsion.PDB_model_num 
_pdbx_validate_torsion.auth_comp_id 
_pdbx_validate_torsion.auth_asym_id 
_pdbx_validate_torsion.auth_seq_id 
_pdbx_validate_torsion.PDB_ins_code 
_pdbx_validate_torsion.label_alt_id 
_pdbx_validate_torsion.phi 
_pdbx_validate_torsion.psi 
1 1 THR A 59  ? ? 77.48  102.44 
2 1 PHE A 143 ? ? -91.10 55.65  
# 
_pdbx_struct_special_symmetry.id              1 
_pdbx_struct_special_symmetry.PDB_model_num   1 
_pdbx_struct_special_symmetry.auth_asym_id    A 
_pdbx_struct_special_symmetry.auth_comp_id    CD 
_pdbx_struct_special_symmetry.auth_seq_id     301 
_pdbx_struct_special_symmetry.PDB_ins_code    ? 
_pdbx_struct_special_symmetry.label_asym_id   B 
_pdbx_struct_special_symmetry.label_comp_id   CD 
_pdbx_struct_special_symmetry.label_seq_id    . 
# 
_phasing.method   MR 
# 
_pdbx_entry_details.entry_id                 5QS0 
_pdbx_entry_details.has_ligand_of_interest   Y 
_pdbx_entry_details.compound_details         ? 
_pdbx_entry_details.source_details           ? 
_pdbx_entry_details.nonpolymer_details       ? 
_pdbx_entry_details.sequence_details         ? 
# 
loop_
_pdbx_distant_solvent_atoms.id 
_pdbx_distant_solvent_atoms.PDB_model_num 
_pdbx_distant_solvent_atoms.auth_atom_id 
_pdbx_distant_solvent_atoms.label_alt_id 
_pdbx_distant_solvent_atoms.auth_asym_id 
_pdbx_distant_solvent_atoms.auth_comp_id 
_pdbx_distant_solvent_atoms.auth_seq_id 
_pdbx_distant_solvent_atoms.PDB_ins_code 
_pdbx_distant_solvent_atoms.neighbor_macromolecule_distance 
_pdbx_distant_solvent_atoms.neighbor_ligand_distance 
1 1 O ? A HOH 469 ? 6.25 . 
2 1 O ? A HOH 470 ? 6.40 . 
# 
_pdbx_unobs_or_zero_occ_residues.id               1 
_pdbx_unobs_or_zero_occ_residues.PDB_model_num    1 
_pdbx_unobs_or_zero_occ_residues.polymer_flag     Y 
_pdbx_unobs_or_zero_occ_residues.occupancy_flag   1 
_pdbx_unobs_or_zero_occ_residues.auth_asym_id     A 
_pdbx_unobs_or_zero_occ_residues.auth_comp_id     GLY 
_pdbx_unobs_or_zero_occ_residues.auth_seq_id      40 
_pdbx_unobs_or_zero_occ_residues.PDB_ins_code     ? 
_pdbx_unobs_or_zero_occ_residues.label_asym_id    A 
_pdbx_unobs_or_zero_occ_residues.label_comp_id    GLY 
_pdbx_unobs_or_zero_occ_residues.label_seq_id     1 
# 
loop_
_chem_comp_atom.comp_id 
_chem_comp_atom.atom_id 
_chem_comp_atom.type_symbol 
_chem_comp_atom.pdbx_aromatic_flag 
_chem_comp_atom.pdbx_stereo_config 
_chem_comp_atom.pdbx_ordinal 
ALA N    N  N N 1   
ALA CA   C  N S 2   
ALA C    C  N N 3   
ALA O    O  N N 4   
ALA CB   C  N N 5   
ALA OXT  O  N N 6   
ALA H    H  N N 7   
ALA H2   H  N N 8   
ALA HA   H  N N 9   
ALA HB1  H  N N 10  
ALA HB2  H  N N 11  
ALA HB3  H  N N 12  
ALA HXT  H  N N 13  
ARG N    N  N N 14  
ARG CA   C  N S 15  
ARG C    C  N N 16  
ARG O    O  N N 17  
ARG CB   C  N N 18  
ARG CG   C  N N 19  
ARG CD   C  N N 20  
ARG NE   N  N N 21  
ARG CZ   C  N N 22  
ARG NH1  N  N N 23  
ARG NH2  N  N N 24  
ARG OXT  O  N N 25  
ARG H    H  N N 26  
ARG H2   H  N N 27  
ARG HA   H  N N 28  
ARG HB2  H  N N 29  
ARG HB3  H  N N 30  
ARG HG2  H  N N 31  
ARG HG3  H  N N 32  
ARG HD2  H  N N 33  
ARG HD3  H  N N 34  
ARG HE   H  N N 35  
ARG HH11 H  N N 36  
ARG HH12 H  N N 37  
ARG HH21 H  N N 38  
ARG HH22 H  N N 39  
ARG HXT  H  N N 40  
ASN N    N  N N 41  
ASN CA   C  N S 42  
ASN C    C  N N 43  
ASN O    O  N N 44  
ASN CB   C  N N 45  
ASN CG   C  N N 46  
ASN OD1  O  N N 47  
ASN ND2  N  N N 48  
ASN OXT  O  N N 49  
ASN H    H  N N 50  
ASN H2   H  N N 51  
ASN HA   H  N N 52  
ASN HB2  H  N N 53  
ASN HB3  H  N N 54  
ASN HD21 H  N N 55  
ASN HD22 H  N N 56  
ASN HXT  H  N N 57  
ASP N    N  N N 58  
ASP CA   C  N S 59  
ASP C    C  N N 60  
ASP O    O  N N 61  
ASP CB   C  N N 62  
ASP CG   C  N N 63  
ASP OD1  O  N N 64  
ASP OD2  O  N N 65  
ASP OXT  O  N N 66  
ASP H    H  N N 67  
ASP H2   H  N N 68  
ASP HA   H  N N 69  
ASP HB2  H  N N 70  
ASP HB3  H  N N 71  
ASP HD2  H  N N 72  
ASP HXT  H  N N 73  
CD  CD   CD N N 74  
CYS N    N  N N 75  
CYS CA   C  N R 76  
CYS C    C  N N 77  
CYS O    O  N N 78  
CYS CB   C  N N 79  
CYS SG   S  N N 80  
CYS OXT  O  N N 81  
CYS H    H  N N 82  
CYS H2   H  N N 83  
CYS HA   H  N N 84  
CYS HB2  H  N N 85  
CYS HB3  H  N N 86  
CYS HG   H  N N 87  
CYS HXT  H  N N 88  
GLN N    N  N N 89  
GLN CA   C  N S 90  
GLN C    C  N N 91  
GLN O    O  N N 92  
GLN CB   C  N N 93  
GLN CG   C  N N 94  
GLN CD   C  N N 95  
GLN OE1  O  N N 96  
GLN NE2  N  N N 97  
GLN OXT  O  N N 98  
GLN H    H  N N 99  
GLN H2   H  N N 100 
GLN HA   H  N N 101 
GLN HB2  H  N N 102 
GLN HB3  H  N N 103 
GLN HG2  H  N N 104 
GLN HG3  H  N N 105 
GLN HE21 H  N N 106 
GLN HE22 H  N N 107 
GLN HXT  H  N N 108 
GLU N    N  N N 109 
GLU CA   C  N S 110 
GLU C    C  N N 111 
GLU O    O  N N 112 
GLU CB   C  N N 113 
GLU CG   C  N N 114 
GLU CD   C  N N 115 
GLU OE1  O  N N 116 
GLU OE2  O  N N 117 
GLU OXT  O  N N 118 
GLU H    H  N N 119 
GLU H2   H  N N 120 
GLU HA   H  N N 121 
GLU HB2  H  N N 122 
GLU HB3  H  N N 123 
GLU HG2  H  N N 124 
GLU HG3  H  N N 125 
GLU HE2  H  N N 126 
GLU HXT  H  N N 127 
GLY N    N  N N 128 
GLY CA   C  N N 129 
GLY C    C  N N 130 
GLY O    O  N N 131 
GLY OXT  O  N N 132 
GLY H    H  N N 133 
GLY H2   H  N N 134 
GLY HA2  H  N N 135 
GLY HA3  H  N N 136 
GLY HXT  H  N N 137 
HIS N    N  N N 138 
HIS CA   C  N S 139 
HIS C    C  N N 140 
HIS O    O  N N 141 
HIS CB   C  N N 142 
HIS CG   C  Y N 143 
HIS ND1  N  Y N 144 
HIS CD2  C  Y N 145 
HIS CE1  C  Y N 146 
HIS NE2  N  Y N 147 
HIS OXT  O  N N 148 
HIS H    H  N N 149 
HIS H2   H  N N 150 
HIS HA   H  N N 151 
HIS HB2  H  N N 152 
HIS HB3  H  N N 153 
HIS HD1  H  N N 154 
HIS HD2  H  N N 155 
HIS HE1  H  N N 156 
HIS HE2  H  N N 157 
HIS HXT  H  N N 158 
HOH O    O  N N 159 
HOH H1   H  N N 160 
HOH H2   H  N N 161 
ILE N    N  N N 162 
ILE CA   C  N S 163 
ILE C    C  N N 164 
ILE O    O  N N 165 
ILE CB   C  N S 166 
ILE CG1  C  N N 167 
ILE CG2  C  N N 168 
ILE CD1  C  N N 169 
ILE OXT  O  N N 170 
ILE H    H  N N 171 
ILE H2   H  N N 172 
ILE HA   H  N N 173 
ILE HB   H  N N 174 
ILE HG12 H  N N 175 
ILE HG13 H  N N 176 
ILE HG21 H  N N 177 
ILE HG22 H  N N 178 
ILE HG23 H  N N 179 
ILE HD11 H  N N 180 
ILE HD12 H  N N 181 
ILE HD13 H  N N 182 
ILE HXT  H  N N 183 
LEU N    N  N N 184 
LEU CA   C  N S 185 
LEU C    C  N N 186 
LEU O    O  N N 187 
LEU CB   C  N N 188 
LEU CG   C  N N 189 
LEU CD1  C  N N 190 
LEU CD2  C  N N 191 
LEU OXT  O  N N 192 
LEU H    H  N N 193 
LEU H2   H  N N 194 
LEU HA   H  N N 195 
LEU HB2  H  N N 196 
LEU HB3  H  N N 197 
LEU HG   H  N N 198 
LEU HD11 H  N N 199 
LEU HD12 H  N N 200 
LEU HD13 H  N N 201 
LEU HD21 H  N N 202 
LEU HD22 H  N N 203 
LEU HD23 H  N N 204 
LEU HXT  H  N N 205 
LYS N    N  N N 206 
LYS CA   C  N S 207 
LYS C    C  N N 208 
LYS O    O  N N 209 
LYS CB   C  N N 210 
LYS CG   C  N N 211 
LYS CD   C  N N 212 
LYS CE   C  N N 213 
LYS NZ   N  N N 214 
LYS OXT  O  N N 215 
LYS H    H  N N 216 
LYS H2   H  N N 217 
LYS HA   H  N N 218 
LYS HB2  H  N N 219 
LYS HB3  H  N N 220 
LYS HG2  H  N N 221 
LYS HG3  H  N N 222 
LYS HD2  H  N N 223 
LYS HD3  H  N N 224 
LYS HE2  H  N N 225 
LYS HE3  H  N N 226 
LYS HZ1  H  N N 227 
LYS HZ2  H  N N 228 
LYS HZ3  H  N N 229 
LYS HXT  H  N N 230 
MET N    N  N N 231 
MET CA   C  N S 232 
MET C    C  N N 233 
MET O    O  N N 234 
MET CB   C  N N 235 
MET CG   C  N N 236 
MET SD   S  N N 237 
MET CE   C  N N 238 
MET OXT  O  N N 239 
MET H    H  N N 240 
MET H2   H  N N 241 
MET HA   H  N N 242 
MET HB2  H  N N 243 
MET HB3  H  N N 244 
MET HG2  H  N N 245 
MET HG3  H  N N 246 
MET HE1  H  N N 247 
MET HE2  H  N N 248 
MET HE3  H  N N 249 
MET HXT  H  N N 250 
NZ4 N1   N  N N 251 
NZ4 C4   C  Y N 252 
NZ4 C5   C  Y N 253 
NZ4 C6   C  Y N 254 
NZ4 C7   C  Y N 255 
NZ4 C8   C  N N 256 
NZ4 C10  C  N N 257 
NZ4 C13  C  Y N 258 
NZ4 C1   C  N N 259 
NZ4 C11  C  N N 260 
NZ4 C12  C  N N 261 
NZ4 C2   C  N N 262 
NZ4 C3   C  Y N 263 
NZ4 C9   C  N N 264 
NZ4 N2   N  N N 265 
NZ4 O1   O  N N 266 
NZ4 O2   O  N N 267 
NZ4 O3   O  N N 268 
NZ4 H1   H  N N 269 
NZ4 H2   H  N N 270 
NZ4 H3   H  N N 271 
NZ4 H4   H  N N 272 
NZ4 H5   H  N N 273 
NZ4 H6   H  N N 274 
NZ4 H7   H  N N 275 
NZ4 H8   H  N N 276 
NZ4 H9   H  N N 277 
NZ4 H10  H  N N 278 
NZ4 H11  H  N N 279 
NZ4 H12  H  N N 280 
NZ4 H13  H  N N 281 
NZ4 H14  H  N N 282 
NZ4 H15  H  N N 283 
NZ4 H16  H  N N 284 
PHE N    N  N N 285 
PHE CA   C  N S 286 
PHE C    C  N N 287 
PHE O    O  N N 288 
PHE CB   C  N N 289 
PHE CG   C  Y N 290 
PHE CD1  C  Y N 291 
PHE CD2  C  Y N 292 
PHE CE1  C  Y N 293 
PHE CE2  C  Y N 294 
PHE CZ   C  Y N 295 
PHE OXT  O  N N 296 
PHE H    H  N N 297 
PHE H2   H  N N 298 
PHE HA   H  N N 299 
PHE HB2  H  N N 300 
PHE HB3  H  N N 301 
PHE HD1  H  N N 302 
PHE HD2  H  N N 303 
PHE HE1  H  N N 304 
PHE HE2  H  N N 305 
PHE HZ   H  N N 306 
PHE HXT  H  N N 307 
PRO N    N  N N 308 
PRO CA   C  N S 309 
PRO C    C  N N 310 
PRO O    O  N N 311 
PRO CB   C  N N 312 
PRO CG   C  N N 313 
PRO CD   C  N N 314 
PRO OXT  O  N N 315 
PRO H    H  N N 316 
PRO HA   H  N N 317 
PRO HB2  H  N N 318 
PRO HB3  H  N N 319 
PRO HG2  H  N N 320 
PRO HG3  H  N N 321 
PRO HD2  H  N N 322 
PRO HD3  H  N N 323 
PRO HXT  H  N N 324 
SER N    N  N N 325 
SER CA   C  N S 326 
SER C    C  N N 327 
SER O    O  N N 328 
SER CB   C  N N 329 
SER OG   O  N N 330 
SER OXT  O  N N 331 
SER H    H  N N 332 
SER H2   H  N N 333 
SER HA   H  N N 334 
SER HB2  H  N N 335 
SER HB3  H  N N 336 
SER HG   H  N N 337 
SER HXT  H  N N 338 
THR N    N  N N 339 
THR CA   C  N S 340 
THR C    C  N N 341 
THR O    O  N N 342 
THR CB   C  N R 343 
THR OG1  O  N N 344 
THR CG2  C  N N 345 
THR OXT  O  N N 346 
THR H    H  N N 347 
THR H2   H  N N 348 
THR HA   H  N N 349 
THR HB   H  N N 350 
THR HG1  H  N N 351 
THR HG21 H  N N 352 
THR HG22 H  N N 353 
THR HG23 H  N N 354 
THR HXT  H  N N 355 
TRP N    N  N N 356 
TRP CA   C  N S 357 
TRP C    C  N N 358 
TRP O    O  N N 359 
TRP CB   C  N N 360 
TRP CG   C  Y N 361 
TRP CD1  C  Y N 362 
TRP CD2  C  Y N 363 
TRP NE1  N  Y N 364 
TRP CE2  C  Y N 365 
TRP CE3  C  Y N 366 
TRP CZ2  C  Y N 367 
TRP CZ3  C  Y N 368 
TRP CH2  C  Y N 369 
TRP OXT  O  N N 370 
TRP H    H  N N 371 
TRP H2   H  N N 372 
TRP HA   H  N N 373 
TRP HB2  H  N N 374 
TRP HB3  H  N N 375 
TRP HD1  H  N N 376 
TRP HE1  H  N N 377 
TRP HE3  H  N N 378 
TRP HZ2  H  N N 379 
TRP HZ3  H  N N 380 
TRP HH2  H  N N 381 
TRP HXT  H  N N 382 
TYR N    N  N N 383 
TYR CA   C  N S 384 
TYR C    C  N N 385 
TYR O    O  N N 386 
TYR CB   C  N N 387 
TYR CG   C  Y N 388 
TYR CD1  C  Y N 389 
TYR CD2  C  Y N 390 
TYR CE1  C  Y N 391 
TYR CE2  C  Y N 392 
TYR CZ   C  Y N 393 
TYR OH   O  N N 394 
TYR OXT  O  N N 395 
TYR H    H  N N 396 
TYR H2   H  N N 397 
TYR HA   H  N N 398 
TYR HB2  H  N N 399 
TYR HB3  H  N N 400 
TYR HD1  H  N N 401 
TYR HD2  H  N N 402 
TYR HE1  H  N N 403 
TYR HE2  H  N N 404 
TYR HH   H  N N 405 
TYR HXT  H  N N 406 
VAL N    N  N N 407 
VAL CA   C  N S 408 
VAL C    C  N N 409 
VAL O    O  N N 410 
VAL CB   C  N N 411 
VAL CG1  C  N N 412 
VAL CG2  C  N N 413 
VAL OXT  O  N N 414 
VAL H    H  N N 415 
VAL H2   H  N N 416 
VAL HA   H  N N 417 
VAL HB   H  N N 418 
VAL HG11 H  N N 419 
VAL HG12 H  N N 420 
VAL HG13 H  N N 421 
VAL HG21 H  N N 422 
VAL HG22 H  N N 423 
VAL HG23 H  N N 424 
VAL HXT  H  N N 425 
# 
loop_
_chem_comp_bond.comp_id 
_chem_comp_bond.atom_id_1 
_chem_comp_bond.atom_id_2 
_chem_comp_bond.value_order 
_chem_comp_bond.pdbx_aromatic_flag 
_chem_comp_bond.pdbx_stereo_config 
_chem_comp_bond.pdbx_ordinal 
ALA N   CA   sing N N 1   
ALA N   H    sing N N 2   
ALA N   H2   sing N N 3   
ALA CA  C    sing N N 4   
ALA CA  CB   sing N N 5   
ALA CA  HA   sing N N 6   
ALA C   O    doub N N 7   
ALA C   OXT  sing N N 8   
ALA CB  HB1  sing N N 9   
ALA CB  HB2  sing N N 10  
ALA CB  HB3  sing N N 11  
ALA OXT HXT  sing N N 12  
ARG N   CA   sing N N 13  
ARG N   H    sing N N 14  
ARG N   H2   sing N N 15  
ARG CA  C    sing N N 16  
ARG CA  CB   sing N N 17  
ARG CA  HA   sing N N 18  
ARG C   O    doub N N 19  
ARG C   OXT  sing N N 20  
ARG CB  CG   sing N N 21  
ARG CB  HB2  sing N N 22  
ARG CB  HB3  sing N N 23  
ARG CG  CD   sing N N 24  
ARG CG  HG2  sing N N 25  
ARG CG  HG3  sing N N 26  
ARG CD  NE   sing N N 27  
ARG CD  HD2  sing N N 28  
ARG CD  HD3  sing N N 29  
ARG NE  CZ   sing N N 30  
ARG NE  HE   sing N N 31  
ARG CZ  NH1  sing N N 32  
ARG CZ  NH2  doub N N 33  
ARG NH1 HH11 sing N N 34  
ARG NH1 HH12 sing N N 35  
ARG NH2 HH21 sing N N 36  
ARG NH2 HH22 sing N N 37  
ARG OXT HXT  sing N N 38  
ASN N   CA   sing N N 39  
ASN N   H    sing N N 40  
ASN N   H2   sing N N 41  
ASN CA  C    sing N N 42  
ASN CA  CB   sing N N 43  
ASN CA  HA   sing N N 44  
ASN C   O    doub N N 45  
ASN C   OXT  sing N N 46  
ASN CB  CG   sing N N 47  
ASN CB  HB2  sing N N 48  
ASN CB  HB3  sing N N 49  
ASN CG  OD1  doub N N 50  
ASN CG  ND2  sing N N 51  
ASN ND2 HD21 sing N N 52  
ASN ND2 HD22 sing N N 53  
ASN OXT HXT  sing N N 54  
ASP N   CA   sing N N 55  
ASP N   H    sing N N 56  
ASP N   H2   sing N N 57  
ASP CA  C    sing N N 58  
ASP CA  CB   sing N N 59  
ASP CA  HA   sing N N 60  
ASP C   O    doub N N 61  
ASP C   OXT  sing N N 62  
ASP CB  CG   sing N N 63  
ASP CB  HB2  sing N N 64  
ASP CB  HB3  sing N N 65  
ASP CG  OD1  doub N N 66  
ASP CG  OD2  sing N N 67  
ASP OD2 HD2  sing N N 68  
ASP OXT HXT  sing N N 69  
CYS N   CA   sing N N 70  
CYS N   H    sing N N 71  
CYS N   H2   sing N N 72  
CYS CA  C    sing N N 73  
CYS CA  CB   sing N N 74  
CYS CA  HA   sing N N 75  
CYS C   O    doub N N 76  
CYS C   OXT  sing N N 77  
CYS CB  SG   sing N N 78  
CYS CB  HB2  sing N N 79  
CYS CB  HB3  sing N N 80  
CYS SG  HG   sing N N 81  
CYS OXT HXT  sing N N 82  
GLN N   CA   sing N N 83  
GLN N   H    sing N N 84  
GLN N   H2   sing N N 85  
GLN CA  C    sing N N 86  
GLN CA  CB   sing N N 87  
GLN CA  HA   sing N N 88  
GLN C   O    doub N N 89  
GLN C   OXT  sing N N 90  
GLN CB  CG   sing N N 91  
GLN CB  HB2  sing N N 92  
GLN CB  HB3  sing N N 93  
GLN CG  CD   sing N N 94  
GLN CG  HG2  sing N N 95  
GLN CG  HG3  sing N N 96  
GLN CD  OE1  doub N N 97  
GLN CD  NE2  sing N N 98  
GLN NE2 HE21 sing N N 99  
GLN NE2 HE22 sing N N 100 
GLN OXT HXT  sing N N 101 
GLU N   CA   sing N N 102 
GLU N   H    sing N N 103 
GLU N   H2   sing N N 104 
GLU CA  C    sing N N 105 
GLU CA  CB   sing N N 106 
GLU CA  HA   sing N N 107 
GLU C   O    doub N N 108 
GLU C   OXT  sing N N 109 
GLU CB  CG   sing N N 110 
GLU CB  HB2  sing N N 111 
GLU CB  HB3  sing N N 112 
GLU CG  CD   sing N N 113 
GLU CG  HG2  sing N N 114 
GLU CG  HG3  sing N N 115 
GLU CD  OE1  doub N N 116 
GLU CD  OE2  sing N N 117 
GLU OE2 HE2  sing N N 118 
GLU OXT HXT  sing N N 119 
GLY N   CA   sing N N 120 
GLY N   H    sing N N 121 
GLY N   H2   sing N N 122 
GLY CA  C    sing N N 123 
GLY CA  HA2  sing N N 124 
GLY CA  HA3  sing N N 125 
GLY C   O    doub N N 126 
GLY C   OXT  sing N N 127 
GLY OXT HXT  sing N N 128 
HIS N   CA   sing N N 129 
HIS N   H    sing N N 130 
HIS N   H2   sing N N 131 
HIS CA  C    sing N N 132 
HIS CA  CB   sing N N 133 
HIS CA  HA   sing N N 134 
HIS C   O    doub N N 135 
HIS C   OXT  sing N N 136 
HIS CB  CG   sing N N 137 
HIS CB  HB2  sing N N 138 
HIS CB  HB3  sing N N 139 
HIS CG  ND1  sing Y N 140 
HIS CG  CD2  doub Y N 141 
HIS ND1 CE1  doub Y N 142 
HIS ND1 HD1  sing N N 143 
HIS CD2 NE2  sing Y N 144 
HIS CD2 HD2  sing N N 145 
HIS CE1 NE2  sing Y N 146 
HIS CE1 HE1  sing N N 147 
HIS NE2 HE2  sing N N 148 
HIS OXT HXT  sing N N 149 
HOH O   H1   sing N N 150 
HOH O   H2   sing N N 151 
ILE N   CA   sing N N 152 
ILE N   H    sing N N 153 
ILE N   H2   sing N N 154 
ILE CA  C    sing N N 155 
ILE CA  CB   sing N N 156 
ILE CA  HA   sing N N 157 
ILE C   O    doub N N 158 
ILE C   OXT  sing N N 159 
ILE CB  CG1  sing N N 160 
ILE CB  CG2  sing N N 161 
ILE CB  HB   sing N N 162 
ILE CG1 CD1  sing N N 163 
ILE CG1 HG12 sing N N 164 
ILE CG1 HG13 sing N N 165 
ILE CG2 HG21 sing N N 166 
ILE CG2 HG22 sing N N 167 
ILE CG2 HG23 sing N N 168 
ILE CD1 HD11 sing N N 169 
ILE CD1 HD12 sing N N 170 
ILE CD1 HD13 sing N N 171 
ILE OXT HXT  sing N N 172 
LEU N   CA   sing N N 173 
LEU N   H    sing N N 174 
LEU N   H2   sing N N 175 
LEU CA  C    sing N N 176 
LEU CA  CB   sing N N 177 
LEU CA  HA   sing N N 178 
LEU C   O    doub N N 179 
LEU C   OXT  sing N N 180 
LEU CB  CG   sing N N 181 
LEU CB  HB2  sing N N 182 
LEU CB  HB3  sing N N 183 
LEU CG  CD1  sing N N 184 
LEU CG  CD2  sing N N 185 
LEU CG  HG   sing N N 186 
LEU CD1 HD11 sing N N 187 
LEU CD1 HD12 sing N N 188 
LEU CD1 HD13 sing N N 189 
LEU CD2 HD21 sing N N 190 
LEU CD2 HD22 sing N N 191 
LEU CD2 HD23 sing N N 192 
LEU OXT HXT  sing N N 193 
LYS N   CA   sing N N 194 
LYS N   H    sing N N 195 
LYS N   H2   sing N N 196 
LYS CA  C    sing N N 197 
LYS CA  CB   sing N N 198 
LYS CA  HA   sing N N 199 
LYS C   O    doub N N 200 
LYS C   OXT  sing N N 201 
LYS CB  CG   sing N N 202 
LYS CB  HB2  sing N N 203 
LYS CB  HB3  sing N N 204 
LYS CG  CD   sing N N 205 
LYS CG  HG2  sing N N 206 
LYS CG  HG3  sing N N 207 
LYS CD  CE   sing N N 208 
LYS CD  HD2  sing N N 209 
LYS CD  HD3  sing N N 210 
LYS CE  NZ   sing N N 211 
LYS CE  HE2  sing N N 212 
LYS CE  HE3  sing N N 213 
LYS NZ  HZ1  sing N N 214 
LYS NZ  HZ2  sing N N 215 
LYS NZ  HZ3  sing N N 216 
LYS OXT HXT  sing N N 217 
MET N   CA   sing N N 218 
MET N   H    sing N N 219 
MET N   H2   sing N N 220 
MET CA  C    sing N N 221 
MET CA  CB   sing N N 222 
MET CA  HA   sing N N 223 
MET C   O    doub N N 224 
MET C   OXT  sing N N 225 
MET CB  CG   sing N N 226 
MET CB  HB2  sing N N 227 
MET CB  HB3  sing N N 228 
MET CG  SD   sing N N 229 
MET CG  HG2  sing N N 230 
MET CG  HG3  sing N N 231 
MET SD  CE   sing N N 232 
MET CE  HE1  sing N N 233 
MET CE  HE2  sing N N 234 
MET CE  HE3  sing N N 235 
MET OXT HXT  sing N N 236 
NZ4 O2  C8   doub N N 237 
NZ4 C9  N2   sing N N 238 
NZ4 C9  C10  sing N N 239 
NZ4 C8  N2   sing N N 240 
NZ4 C8  N1   sing N N 241 
NZ4 N2  C12  sing N N 242 
NZ4 C6  C5   doub Y N 243 
NZ4 C6  C7   sing Y N 244 
NZ4 C5  C4   sing Y N 245 
NZ4 N1  C7   sing N N 246 
NZ4 C7  C13  doub Y N 247 
NZ4 C4  C3   doub Y N 248 
NZ4 C10 O3   sing N N 249 
NZ4 C13 C3   sing Y N 250 
NZ4 C3  C2   sing N N 251 
NZ4 C2  O1   doub N N 252 
NZ4 C2  C1   sing N N 253 
NZ4 C12 C11  sing N N 254 
NZ4 C11 O3   sing N N 255 
NZ4 N1  H1   sing N N 256 
NZ4 C4  H2   sing N N 257 
NZ4 C5  H3   sing N N 258 
NZ4 C6  H4   sing N N 259 
NZ4 C10 H5   sing N N 260 
NZ4 C10 H6   sing N N 261 
NZ4 C13 H7   sing N N 262 
NZ4 C1  H8   sing N N 263 
NZ4 C1  H9   sing N N 264 
NZ4 C1  H10  sing N N 265 
NZ4 C11 H11  sing N N 266 
NZ4 C11 H12  sing N N 267 
NZ4 C12 H13  sing N N 268 
NZ4 C12 H14  sing N N 269 
NZ4 C9  H15  sing N N 270 
NZ4 C9  H16  sing N N 271 
PHE N   CA   sing N N 272 
PHE N   H    sing N N 273 
PHE N   H2   sing N N 274 
PHE CA  C    sing N N 275 
PHE CA  CB   sing N N 276 
PHE CA  HA   sing N N 277 
PHE C   O    doub N N 278 
PHE C   OXT  sing N N 279 
PHE CB  CG   sing N N 280 
PHE CB  HB2  sing N N 281 
PHE CB  HB3  sing N N 282 
PHE CG  CD1  doub Y N 283 
PHE CG  CD2  sing Y N 284 
PHE CD1 CE1  sing Y N 285 
PHE CD1 HD1  sing N N 286 
PHE CD2 CE2  doub Y N 287 
PHE CD2 HD2  sing N N 288 
PHE CE1 CZ   doub Y N 289 
PHE CE1 HE1  sing N N 290 
PHE CE2 CZ   sing Y N 291 
PHE CE2 HE2  sing N N 292 
PHE CZ  HZ   sing N N 293 
PHE OXT HXT  sing N N 294 
PRO N   CA   sing N N 295 
PRO N   CD   sing N N 296 
PRO N   H    sing N N 297 
PRO CA  C    sing N N 298 
PRO CA  CB   sing N N 299 
PRO CA  HA   sing N N 300 
PRO C   O    doub N N 301 
PRO C   OXT  sing N N 302 
PRO CB  CG   sing N N 303 
PRO CB  HB2  sing N N 304 
PRO CB  HB3  sing N N 305 
PRO CG  CD   sing N N 306 
PRO CG  HG2  sing N N 307 
PRO CG  HG3  sing N N 308 
PRO CD  HD2  sing N N 309 
PRO CD  HD3  sing N N 310 
PRO OXT HXT  sing N N 311 
SER N   CA   sing N N 312 
SER N   H    sing N N 313 
SER N   H2   sing N N 314 
SER CA  C    sing N N 315 
SER CA  CB   sing N N 316 
SER CA  HA   sing N N 317 
SER C   O    doub N N 318 
SER C   OXT  sing N N 319 
SER CB  OG   sing N N 320 
SER CB  HB2  sing N N 321 
SER CB  HB3  sing N N 322 
SER OG  HG   sing N N 323 
SER OXT HXT  sing N N 324 
THR N   CA   sing N N 325 
THR N   H    sing N N 326 
THR N   H2   sing N N 327 
THR CA  C    sing N N 328 
THR CA  CB   sing N N 329 
THR CA  HA   sing N N 330 
THR C   O    doub N N 331 
THR C   OXT  sing N N 332 
THR CB  OG1  sing N N 333 
THR CB  CG2  sing N N 334 
THR CB  HB   sing N N 335 
THR OG1 HG1  sing N N 336 
THR CG2 HG21 sing N N 337 
THR CG2 HG22 sing N N 338 
THR CG2 HG23 sing N N 339 
THR OXT HXT  sing N N 340 
TRP N   CA   sing N N 341 
TRP N   H    sing N N 342 
TRP N   H2   sing N N 343 
TRP CA  C    sing N N 344 
TRP CA  CB   sing N N 345 
TRP CA  HA   sing N N 346 
TRP C   O    doub N N 347 
TRP C   OXT  sing N N 348 
TRP CB  CG   sing N N 349 
TRP CB  HB2  sing N N 350 
TRP CB  HB3  sing N N 351 
TRP CG  CD1  doub Y N 352 
TRP CG  CD2  sing Y N 353 
TRP CD1 NE1  sing Y N 354 
TRP CD1 HD1  sing N N 355 
TRP CD2 CE2  doub Y N 356 
TRP CD2 CE3  sing Y N 357 
TRP NE1 CE2  sing Y N 358 
TRP NE1 HE1  sing N N 359 
TRP CE2 CZ2  sing Y N 360 
TRP CE3 CZ3  doub Y N 361 
TRP CE3 HE3  sing N N 362 
TRP CZ2 CH2  doub Y N 363 
TRP CZ2 HZ2  sing N N 364 
TRP CZ3 CH2  sing Y N 365 
TRP CZ3 HZ3  sing N N 366 
TRP CH2 HH2  sing N N 367 
TRP OXT HXT  sing N N 368 
TYR N   CA   sing N N 369 
TYR N   H    sing N N 370 
TYR N   H2   sing N N 371 
TYR CA  C    sing N N 372 
TYR CA  CB   sing N N 373 
TYR CA  HA   sing N N 374 
TYR C   O    doub N N 375 
TYR C   OXT  sing N N 376 
TYR CB  CG   sing N N 377 
TYR CB  HB2  sing N N 378 
TYR CB  HB3  sing N N 379 
TYR CG  CD1  doub Y N 380 
TYR CG  CD2  sing Y N 381 
TYR CD1 CE1  sing Y N 382 
TYR CD1 HD1  sing N N 383 
TYR CD2 CE2  doub Y N 384 
TYR CD2 HD2  sing N N 385 
TYR CE1 CZ   doub Y N 386 
TYR CE1 HE1  sing N N 387 
TYR CE2 CZ   sing Y N 388 
TYR CE2 HE2  sing N N 389 
TYR CZ  OH   sing N N 390 
TYR OH  HH   sing N N 391 
TYR OXT HXT  sing N N 392 
VAL N   CA   sing N N 393 
VAL N   H    sing N N 394 
VAL N   H2   sing N N 395 
VAL CA  C    sing N N 396 
VAL CA  CB   sing N N 397 
VAL CA  HA   sing N N 398 
VAL C   O    doub N N 399 
VAL C   OXT  sing N N 400 
VAL CB  CG1  sing N N 401 
VAL CB  CG2  sing N N 402 
VAL CB  HB   sing N N 403 
VAL CG1 HG11 sing N N 404 
VAL CG1 HG12 sing N N 405 
VAL CG1 HG13 sing N N 406 
VAL CG2 HG21 sing N N 407 
VAL CG2 HG22 sing N N 408 
VAL CG2 HG23 sing N N 409 
VAL OXT HXT  sing N N 410 
# 
_pdbx_deposit_group.group_id            G_1002080 
_pdbx_deposit_group.group_description   
;Human Brachyury screened against the DSI-poised Fragment Library by X-ray Crystallography at the XChem facility of Diamond Light Source beamline I04-1
;
_pdbx_deposit_group.group_title         'PanDDA analysis group deposition' 
_pdbx_deposit_group.group_type          'changed state' 
# 
_pdbx_entity_instance_feature.ordinal        1 
_pdbx_entity_instance_feature.comp_id        NZ4 
_pdbx_entity_instance_feature.asym_id        ? 
_pdbx_entity_instance_feature.seq_num        ? 
_pdbx_entity_instance_feature.auth_comp_id   NZ4 
_pdbx_entity_instance_feature.auth_asym_id   ? 
_pdbx_entity_instance_feature.auth_seq_num   ? 
_pdbx_entity_instance_feature.feature_type   'SUBJECT OF INVESTIGATION' 
_pdbx_entity_instance_feature.details        ? 
# 
_atom_sites.entry_id                    5QS0 
_atom_sites.fract_transf_matrix[1][1]   -0.00891176 
_atom_sites.fract_transf_matrix[1][2]   -0.01163362 
_atom_sites.fract_transf_matrix[1][3]   -0.00802892 
_atom_sites.fract_transf_matrix[2][1]   -0.00148246 
_atom_sites.fract_transf_matrix[2][2]   -0.00866985 
_atom_sites.fract_transf_matrix[2][3]   0.01420775 
_atom_sites.fract_transf_matrix[3][1]   -0.00762845 
_atom_sites.fract_transf_matrix[3][2]   0.00449849 
_atom_sites.fract_transf_matrix[3][3]   0.00194910 
_atom_sites.fract_transf_vector[1]      0.343605 
_atom_sites.fract_transf_vector[2]      -0.020713 
_atom_sites.fract_transf_vector[3]      0.060217 
# 
loop_
_atom_type.symbol 
C  
CD 
N  
O  
S  
# 
loop_
_atom_site.group_PDB 
_atom_site.id 
_atom_site.type_symbol 
_atom_site.label_atom_id 
_atom_site.label_alt_id 
_atom_site.label_comp_id 
_atom_site.label_asym_id 
_atom_site.label_entity_id 
_atom_site.label_seq_id 
_atom_site.pdbx_PDB_ins_code 
_atom_site.Cartn_x 
_atom_site.Cartn_y 
_atom_site.Cartn_z 
_atom_site.occupancy 
_atom_site.B_iso_or_equiv 
_atom_site.pdbx_formal_charge 
_atom_site.auth_seq_id 
_atom_site.auth_comp_id 
_atom_site.auth_asym_id 
_atom_site.auth_atom_id 
_atom_site.pdbx_PDB_model_num 
ATOM   1    N  N   . GLU A 1 2   ? -15.553 -1.660  -18.895 1.00 77.62  ? 41  GLU A N   1 
ATOM   2    C  CA  . GLU A 1 2   ? -14.370 -2.286  -18.225 1.00 76.36  ? 41  GLU A CA  1 
ATOM   3    C  C   . GLU A 1 2   ? -13.928 -1.357  -17.072 1.00 69.51  ? 41  GLU A C   1 
ATOM   4    O  O   . GLU A 1 2   ? -13.621 -0.159  -17.313 1.00 60.49  ? 41  GLU A O   1 
ATOM   5    C  CB  . GLU A 1 2   ? -13.281 -2.605  -19.271 1.00 82.65  ? 41  GLU A CB  1 
ATOM   6    C  CG  . GLU A 1 2   ? -12.678 -4.020  -19.193 1.00 82.04  ? 41  GLU A CG  1 
ATOM   7    C  CD  . GLU A 1 2   ? -13.381 -5.160  -19.935 1.00 86.25  ? 41  GLU A CD  1 
ATOM   8    O  OE1 . GLU A 1 2   ? -12.692 -5.973  -20.608 1.00 81.03  ? 41  GLU A OE1 1 
ATOM   9    O  OE2 . GLU A 1 2   ? -14.614 -5.264  -19.818 1.00 89.94  ? 41  GLU A OE2 1 
ATOM   10   N  N   . LEU A 1 3   ? -13.982 -1.881  -15.844 1.00 58.13  ? 42  LEU A N   1 
ATOM   11   C  CA  . LEU A 1 3   ? -13.388 -1.281  -14.619 1.00 55.64  ? 42  LEU A CA  1 
ATOM   12   C  C   . LEU A 1 3   ? -11.887 -1.070  -14.844 1.00 49.37  ? 42  LEU A C   1 
ATOM   13   O  O   . LEU A 1 3   ? -11.194 -2.066  -15.037 1.00 53.54  ? 42  LEU A O   1 
ATOM   14   C  CB  . LEU A 1 3   ? -13.649 -2.263  -13.477 1.00 52.87  ? 42  LEU A CB  1 
ATOM   15   C  CG  . LEU A 1 3   ? -13.248 -1.844  -12.066 1.00 53.98  ? 42  LEU A CG  1 
ATOM   16   C  CD1 . LEU A 1 3   ? -13.162 -0.333  -11.906 1.00 56.31  ? 42  LEU A CD1 1 
ATOM   17   C  CD2 . LEU A 1 3   ? -14.230 -2.431  -11.056 1.00 55.70  ? 42  LEU A CD2 1 
ATOM   18   N  N   . ARG A 1 4   ? -11.418 0.173   -14.839 1.00 46.10  ? 43  ARG A N   1 
ATOM   19   C  CA  . ARG A 1 4   ? -9.998  0.518   -15.086 1.00 39.62  ? 43  ARG A CA  1 
ATOM   20   C  C   . ARG A 1 4   ? -9.402  1.071   -13.781 1.00 40.46  ? 43  ARG A C   1 
ATOM   21   O  O   . ARG A 1 4   ? -10.029 1.950   -13.193 1.00 36.94  ? 43  ARG A O   1 
ATOM   22   C  CB  . ARG A 1 4   ? -9.915  1.540   -16.216 1.00 39.10  ? 43  ARG A CB  1 
ATOM   23   N  N   . VAL A 1 5   ? -8.249  0.554   -13.349 1.00 43.14  ? 44  VAL A N   1 
ATOM   24   C  CA  . VAL A 1 5   ? -7.506  1.028   -12.137 1.00 40.58  ? 44  VAL A CA  1 
ATOM   25   C  C   . VAL A 1 5   ? -6.111  1.465   -12.576 1.00 43.37  ? 44  VAL A C   1 
ATOM   26   O  O   . VAL A 1 5   ? -5.401  0.628   -13.169 1.00 42.13  ? 44  VAL A O   1 
ATOM   27   C  CB  . VAL A 1 5   ? -7.436  -0.072  -11.056 1.00 43.18  ? 44  VAL A CB  1 
ATOM   28   C  CG1 . VAL A 1 5   ? -6.671  0.396   -9.821  1.00 41.21  ? 44  VAL A CG1 1 
ATOM   29   C  CG2 . VAL A 1 5   ? -8.824  -0.542  -10.667 1.00 43.63  ? 44  VAL A CG2 1 
ATOM   30   N  N   . GLY A 1 6   ? -5.718  2.701   -12.254 1.00 38.67  ? 45  GLY A N   1 
ATOM   31   C  CA  . GLY A 1 6   ? -4.383  3.248   -12.547 1.00 45.70  ? 45  GLY A CA  1 
ATOM   32   C  C   . GLY A 1 6   ? -3.754  3.884   -11.324 1.00 40.35  ? 45  GLY A C   1 
ATOM   33   O  O   . GLY A 1 6   ? -4.485  4.326   -10.434 1.00 39.11  ? 45  GLY A O   1 
ATOM   34   N  N   . LEU A 1 7   ? -2.422  3.918   -11.282 1.00 35.90  ? 46  LEU A N   1 
ATOM   35   C  CA  . LEU A 1 7   ? -1.703  4.596   -10.186 1.00 34.72  ? 46  LEU A CA  1 
ATOM   36   C  C   . LEU A 1 7   ? -1.526  6.059   -10.570 1.00 37.52  ? 46  LEU A C   1 
ATOM   37   O  O   . LEU A 1 7   ? -1.073  6.311   -11.690 1.00 40.61  ? 46  LEU A O   1 
ATOM   38   C  CB  . LEU A 1 7   ? -0.368  3.877   -10.003 1.00 32.58  ? 46  LEU A CB  1 
ATOM   39   C  CG  . LEU A 1 7   ? 0.560   4.464   -8.952  1.00 31.05  ? 46  LEU A CG  1 
ATOM   40   C  CD1 . LEU A 1 7   ? -0.040  4.298   -7.581  1.00 33.50  ? 46  LEU A CD1 1 
ATOM   41   C  CD2 . LEU A 1 7   ? 1.913   3.793   -9.041  1.00 32.87  ? 46  LEU A CD2 1 
ATOM   42   N  N   . GLU A 1 8   ? -1.900  6.979   -9.692  1.00 32.80  ? 47  GLU A N   1 
ATOM   43   C  CA  . GLU A 1 8   ? -1.678  8.433   -9.857  1.00 34.63  ? 47  GLU A CA  1 
ATOM   44   C  C   . GLU A 1 8   ? -0.217  8.673   -9.458  1.00 37.28  ? 47  GLU A C   1 
ATOM   45   O  O   . GLU A 1 8   ? 0.265   7.943   -8.556  1.00 34.09  ? 47  GLU A O   1 
ATOM   46   C  CB  . GLU A 1 8   ? -2.766  9.152   -9.040  1.00 41.20  ? 47  GLU A CB  1 
ATOM   47   C  CG  . GLU A 1 8   ? -2.616  10.657  -8.921  1.00 48.24  ? 47  GLU A CG  1 
ATOM   48   C  CD  . GLU A 1 8   ? -2.933  11.484  -10.162 1.00 50.15  ? 47  GLU A CD  1 
ATOM   49   O  OE1 . GLU A 1 8   ? -3.119  10.889  -11.230 1.00 52.20  ? 47  GLU A OE1 1 
ATOM   50   O  OE2 . GLU A 1 8   ? -3.002  12.736  -10.045 1.00 64.47  ? 47  GLU A OE2 1 
ATOM   51   N  N   . GLU A 1 9   ? 0.472   9.596   -10.129 1.00 35.80  ? 48  GLU A N   1 
ATOM   52   C  CA  . GLU A 1 9   ? 1.887   9.951   -9.821  1.00 38.29  ? 48  GLU A CA  1 
ATOM   53   C  C   . GLU A 1 9   ? 2.771   8.703   -9.911  1.00 36.50  ? 48  GLU A C   1 
ATOM   54   O  O   . GLU A 1 9   ? 3.686   8.556   -9.097  1.00 36.58  ? 48  GLU A O   1 
ATOM   55   C  CB  . GLU A 1 9   ? 2.040   10.572  -8.425  1.00 40.12  ? 48  GLU A CB  1 
ATOM   56   C  CG  . GLU A 1 9   ? 1.072   11.710  -8.136  1.00 47.78  ? 48  GLU A CG  1 
ATOM   57   C  CD  . GLU A 1 9   ? 1.225   12.368  -6.768  1.00 52.47  ? 48  GLU A CD  1 
ATOM   58   O  OE1 . GLU A 1 9   ? 2.376   12.599  -6.347  1.00 60.18  ? 48  GLU A OE1 1 
ATOM   59   O  OE2 . GLU A 1 9   ? 0.201   12.651  -6.124  1.00 55.92  ? 48  GLU A OE2 1 
ATOM   60   N  N   . SER A 1 10  ? 2.629   7.868   -10.944 1.00 34.18  ? 49  SER A N   1 
ATOM   61   C  CA  . SER A 1 10  ? 3.577   6.731   -11.103 1.00 34.72  ? 49  SER A CA  1 
ATOM   62   C  C   . SER A 1 10  ? 5.009   7.243   -11.331 1.00 32.86  ? 49  SER A C   1 
ATOM   63   O  O   . SER A 1 10  ? 5.910   6.536   -10.886 1.00 37.04  ? 49  SER A O   1 
ATOM   64   C  CB  . SER A 1 10  ? 3.145   5.752   -12.206 1.00 38.23  ? 49  SER A CB  1 
ATOM   65   O  OG  . SER A 1 10  ? 2.863   6.487   -13.375 1.00 42.33  ? 49  SER A OG  1 
ATOM   66   N  N   . GLU A 1 11  ? 5.209   8.367   -12.032 1.00 33.33  ? 50  GLU A N   1 
ATOM   67   C  CA  . GLU A 1 11  ? 6.525   9.058   -12.261 1.00 41.93  ? 50  GLU A CA  1 
ATOM   68   C  C   . GLU A 1 11  ? 7.335   9.057   -10.956 1.00 37.90  ? 50  GLU A C   1 
ATOM   69   O  O   . GLU A 1 11  ? 8.494   8.542   -10.935 1.00 39.10  ? 50  GLU A O   1 
ATOM   70   C  CB  . GLU A 1 11  ? 6.278   10.493  -12.765 1.00 46.90  ? 50  GLU A CB  1 
ATOM   71   C  CG  . GLU A 1 11  ? 7.014   11.606  -12.010 1.00 58.37  ? 50  GLU A CG  1 
ATOM   72   C  CD  . GLU A 1 11  ? 8.425   11.868  -12.505 1.00 59.39  ? 50  GLU A CD  1 
ATOM   73   O  OE1 . GLU A 1 11  ? 9.241   12.381  -11.739 1.00 63.27  ? 50  GLU A OE1 1 
ATOM   74   O  OE2 . GLU A 1 11  ? 8.696   11.558  -13.671 1.00 74.11  ? 50  GLU A OE2 1 
ATOM   75   N  N   . LEU A 1 12  ? 6.695   9.539   -9.898  1.00 33.95  ? 51  LEU A N   1 
ATOM   76   C  CA  . LEU A 1 12  ? 7.325   9.714   -8.562  1.00 37.92  ? 51  LEU A CA  1 
ATOM   77   C  C   . LEU A 1 12  ? 7.571   8.354   -7.907  1.00 32.56  ? 51  LEU A C   1 
ATOM   78   O  O   . LEU A 1 12  ? 8.673   8.099   -7.391  1.00 33.04  ? 51  LEU A O   1 
ATOM   79   C  CB  . LEU A 1 12  ? 6.403   10.518  -7.646  1.00 38.86  ? 51  LEU A CB  1 
ATOM   80   C  CG  . LEU A 1 12  ? 7.033   10.842  -6.278  1.00 43.11  ? 51  LEU A CG  1 
ATOM   81   C  CD1 . LEU A 1 12  ? 8.392   11.517  -6.439  1.00 43.07  ? 51  LEU A CD1 1 
ATOM   82   C  CD2 . LEU A 1 12  ? 6.106   11.688  -5.439  1.00 41.63  ? 51  LEU A CD2 1 
ATOM   83   N  N   . TRP A 1 13  ? 6.539   7.521   -7.823  1.00 30.17  ? 52  TRP A N   1 
ATOM   84   C  CA  . TRP A 1 13  ? 6.730   6.170   -7.253  1.00 29.08  ? 52  TRP A CA  1 
ATOM   85   C  C   . TRP A 1 13  ? 7.927   5.507   -7.942  1.00 33.08  ? 52  TRP A C   1 
ATOM   86   O  O   . TRP A 1 13  ? 8.725   4.840   -7.239  1.00 33.96  ? 52  TRP A O   1 
ATOM   87   C  CB  . TRP A 1 13  ? 5.475   5.334   -7.415  1.00 25.55  ? 52  TRP A CB  1 
ATOM   88   C  CG  . TRP A 1 13  ? 4.423   5.605   -6.400  1.00 23.68  ? 52  TRP A CG  1 
ATOM   89   C  CD1 . TRP A 1 13  ? 3.275   6.301   -6.570  1.00 23.92  ? 52  TRP A CD1 1 
ATOM   90   C  CD2 . TRP A 1 13  ? 4.409   5.129   -5.041  1.00 24.79  ? 52  TRP A CD2 1 
ATOM   91   N  NE1 . TRP A 1 13  ? 2.547   6.326   -5.417  1.00 25.67  ? 52  TRP A NE1 1 
ATOM   92   C  CE2 . TRP A 1 13  ? 3.212   5.593   -4.460  1.00 24.67  ? 52  TRP A CE2 1 
ATOM   93   C  CE3 . TRP A 1 13  ? 5.317   4.420   -4.250  1.00 24.20  ? 52  TRP A CE3 1 
ATOM   94   C  CZ2 . TRP A 1 13  ? 2.891   5.329   -3.137  1.00 24.29  ? 52  TRP A CZ2 1 
ATOM   95   C  CZ3 . TRP A 1 13  ? 4.966   4.090   -2.955  1.00 24.98  ? 52  TRP A CZ3 1 
ATOM   96   C  CH2 . TRP A 1 13  ? 3.780   4.577   -2.395  1.00 25.02  ? 52  TRP A CH2 1 
ATOM   97   N  N   . LEU A 1 14  ? 8.076   5.689   -9.258  1.00 31.04  ? 53  LEU A N   1 
ATOM   98   C  CA  . LEU A 1 14  ? 9.183   5.006   -9.993  1.00 36.55  ? 53  LEU A CA  1 
ATOM   99   C  C   . LEU A 1 14  ? 10.559  5.506   -9.524  1.00 38.96  ? 53  LEU A C   1 
ATOM   100  O  O   . LEU A 1 14  ? 11.486  4.658   -9.473  1.00 37.01  ? 53  LEU A O   1 
ATOM   101  C  CB  . LEU A 1 14  ? 9.004   5.183   -11.503 1.00 39.98  ? 53  LEU A CB  1 
ATOM   102  C  CG  . LEU A 1 14  ? 8.258   4.057   -12.225 1.00 47.62  ? 53  LEU A CG  1 
ATOM   103  C  CD1 . LEU A 1 14  ? 7.366   3.233   -11.301 1.00 55.53  ? 53  LEU A CD1 1 
ATOM   104  C  CD2 . LEU A 1 14  ? 7.467   4.612   -13.391 1.00 49.39  ? 53  LEU A CD2 1 
ATOM   105  N  N   . ARG A 1 15  ? 10.698  6.791   -9.184  1.00 35.23  ? 54  ARG A N   1 
ATOM   106  C  CA  . ARG A 1 15  ? 11.965  7.306   -8.598  1.00 41.46  ? 54  ARG A CA  1 
ATOM   107  C  C   . ARG A 1 15  ? 12.241  6.544   -7.297  1.00 35.35  ? 54  ARG A C   1 
ATOM   108  O  O   . ARG A 1 15  ? 13.407  6.170   -7.071  1.00 39.26  ? 54  ARG A O   1 
ATOM   109  C  CB  . ARG A 1 15  ? 11.936  8.796   -8.262  1.00 48.70  ? 54  ARG A CB  1 
ATOM   110  C  CG  . ARG A 1 15  ? 11.362  9.693   -9.353  1.00 60.33  ? 54  ARG A CG  1 
ATOM   111  C  CD  . ARG A 1 15  ? 12.386  10.511  -10.098 1.00 60.45  ? 54  ARG A CD  1 
ATOM   112  N  NE  . ARG A 1 15  ? 13.077  11.500  -9.284  1.00 64.38  ? 54  ARG A NE  1 
ATOM   113  C  CZ  . ARG A 1 15  ? 12.660  12.745  -9.060  1.00 65.51  ? 54  ARG A CZ  1 
ATOM   114  N  NH1 . ARG A 1 15  ? 11.504  13.179  -9.540  1.00 65.36  ? 54  ARG A NH1 1 
ATOM   115  N  NH2 . ARG A 1 15  ? 13.401  13.553  -8.326  1.00 70.27  ? 54  ARG A NH2 1 
ATOM   116  N  N   . PHE A 1 16  ? 11.227  6.291   -6.478  1.00 28.06  ? 55  PHE A N   1 
ATOM   117  C  CA  . PHE A 1 16  ? 11.423  5.560   -5.188  1.00 28.22  ? 55  PHE A CA  1 
ATOM   118  C  C   . PHE A 1 16  ? 11.797  4.121   -5.470  1.00 32.65  ? 55  PHE A C   1 
ATOM   119  O  O   . PHE A 1 16  ? 12.725  3.557   -4.807  1.00 30.29  ? 55  PHE A O   1 
ATOM   120  C  CB  . PHE A 1 16  ? 10.235  5.622   -4.230  1.00 28.46  ? 55  PHE A CB  1 
ATOM   121  C  CG  . PHE A 1 16  ? 10.124  6.961   -3.542  1.00 28.89  ? 55  PHE A CG  1 
ATOM   122  C  CD1 . PHE A 1 16  ? 10.768  7.203   -2.341  1.00 30.39  ? 55  PHE A CD1 1 
ATOM   123  C  CD2 . PHE A 1 16  ? 9.385   7.981   -4.116  1.00 29.40  ? 55  PHE A CD2 1 
ATOM   124  C  CE1 . PHE A 1 16  ? 10.677  8.468   -1.754  1.00 29.20  ? 55  PHE A CE1 1 
ATOM   125  C  CE2 . PHE A 1 16  ? 9.269   9.222   -3.509  1.00 28.89  ? 55  PHE A CE2 1 
ATOM   126  C  CZ  . PHE A 1 16  ? 9.949   9.470   -2.355  1.00 27.27  ? 55  PHE A CZ  1 
ATOM   127  N  N   . LYS A 1 17  ? 11.074  3.516   -6.429  1.00 27.57  ? 56  LYS A N   1 
ATOM   128  C  CA  . LYS A 1 17  ? 11.282  2.089   -6.746  1.00 29.02  ? 56  LYS A CA  1 
ATOM   129  C  C   . LYS A 1 17  ? 12.711  1.895   -7.234  1.00 29.65  ? 56  LYS A C   1 
ATOM   130  O  O   . LYS A 1 17  ? 13.296  0.896   -6.783  1.00 32.17  ? 56  LYS A O   1 
ATOM   131  C  CB  . LYS A 1 17  ? 10.201  1.553   -7.704  1.00 31.75  ? 56  LYS A CB  1 
ATOM   132  C  CG  . LYS A 1 17  ? 10.462  0.124   -8.140  1.00 35.04  ? 56  LYS A CG  1 
ATOM   133  C  CD  . LYS A 1 17  ? 9.281   -0.733  -8.492  1.00 41.69  ? 56  LYS A CD  1 
ATOM   134  C  CE  . LYS A 1 17  ? 9.699   -2.179  -8.628  1.00 38.16  ? 56  LYS A CE  1 
ATOM   135  N  NZ  . LYS A 1 17  ? 8.535   -3.014  -9.008  1.00 43.74  ? 56  LYS A NZ  1 
ATOM   136  N  N   . GLU A 1 18  ? 13.243  2.778   -8.091  1.00 34.18  ? 57  GLU A N   1 
ATOM   137  C  CA  . GLU A 1 18  ? 14.578  2.551   -8.711  1.00 36.14  ? 57  GLU A CA  1 
ATOM   138  C  C   . GLU A 1 18  ? 15.631  2.559   -7.607  1.00 33.91  ? 57  GLU A C   1 
ATOM   139  O  O   . GLU A 1 18  ? 16.634  1.877   -7.789  1.00 40.25  ? 57  GLU A O   1 
ATOM   140  C  CB  . GLU A 1 18  ? 14.919  3.492   -9.858  1.00 42.71  ? 57  GLU A CB  1 
ATOM   141  C  CG  . GLU A 1 18  ? 14.696  4.960   -9.638  1.00 54.19  ? 57  GLU A CG  1 
ATOM   142  C  CD  . GLU A 1 18  ? 14.637  5.755   -10.945 1.00 66.27  ? 57  GLU A CD  1 
ATOM   143  O  OE1 . GLU A 1 18  ? 14.367  5.139   -12.016 1.00 61.34  ? 57  GLU A OE1 1 
ATOM   144  O  OE2 . GLU A 1 18  ? 14.858  6.993   -10.903 1.00 58.58  ? 57  GLU A OE2 1 
ATOM   145  N  N   . LEU A 1 19  ? 15.369  3.181   -6.454  1.00 34.67  ? 58  LEU A N   1 
ATOM   146  C  CA  . LEU A 1 19  ? 16.350  3.198   -5.315  1.00 37.34  ? 58  LEU A CA  1 
ATOM   147  C  C   . LEU A 1 19  ? 16.104  2.072   -4.328  1.00 34.13  ? 58  LEU A C   1 
ATOM   148  O  O   . LEU A 1 19  ? 16.907  1.953   -3.388  1.00 37.72  ? 58  LEU A O   1 
ATOM   149  C  CB  . LEU A 1 19  ? 16.253  4.537   -4.575  1.00 35.21  ? 58  LEU A CB  1 
ATOM   150  C  CG  . LEU A 1 19  ? 16.327  5.774   -5.458  1.00 41.71  ? 58  LEU A CG  1 
ATOM   151  C  CD1 . LEU A 1 19  ? 15.936  7.019   -4.650  1.00 46.15  ? 58  LEU A CD1 1 
ATOM   152  C  CD2 . LEU A 1 19  ? 17.698  5.925   -6.083  1.00 44.57  ? 58  LEU A CD2 1 
ATOM   153  N  N   . THR A 1 20  ? 14.999  1.325   -4.461  1.00 30.91  ? 59  THR A N   1 
ATOM   154  C  CA  . THR A 1 20  ? 14.440  0.401   -3.446  1.00 27.51  ? 59  THR A CA  1 
ATOM   155  C  C   . THR A 1 20  ? 13.710  1.199   -2.376  1.00 31.43  ? 59  THR A C   1 
ATOM   156  O  O   . THR A 1 20  ? 14.353  1.776   -1.487  1.00 30.47  ? 59  THR A O   1 
ATOM   157  C  CB  . THR A 1 20  ? 15.450  -0.561  -2.824  1.00 32.76  ? 59  THR A CB  1 
ATOM   158  O  OG1 . THR A 1 20  ? 16.219  -1.163  -3.855  1.00 34.40  ? 59  THR A OG1 1 
ATOM   159  C  CG2 . THR A 1 20  ? 14.805  -1.627  -1.978  1.00 36.01  ? 59  THR A CG2 1 
ATOM   160  N  N   . ASN A 1 21  ? 12.394  1.220   -2.440  1.00 29.31  ? 60  ASN A N   1 
ATOM   161  C  CA  . ASN A 1 21  ? 11.591  2.100   -1.572  1.00 27.31  ? 60  ASN A CA  1 
ATOM   162  C  C   . ASN A 1 21  ? 11.597  1.517   -0.146  1.00 28.40  ? 60  ASN A C   1 
ATOM   163  O  O   . ASN A 1 21  ? 11.698  0.314   0.070   1.00 28.64  ? 60  ASN A O   1 
ATOM   164  C  CB  . ASN A 1 21  ? 10.179  2.284   -2.135  1.00 26.86  ? 60  ASN A CB  1 
ATOM   165  C  CG  . ASN A 1 21  ? 9.456   3.497   -1.598  1.00 35.22  ? 60  ASN A CG  1 
ATOM   166  O  OD1 . ASN A 1 21  ? 9.929   4.197   -0.659  1.00 31.40  ? 60  ASN A OD1 1 
ATOM   167  N  ND2 . ASN A 1 21  ? 8.295   3.744   -2.198  1.00 27.07  ? 60  ASN A ND2 1 
ATOM   168  N  N   . GLU A 1 22  ? 11.430  2.372   0.850   1.00 27.22  ? 61  GLU A N   1 
ATOM   169  C  CA  . GLU A 1 22  ? 11.362  1.981   2.273   1.00 27.03  ? 61  GLU A CA  1 
ATOM   170  C  C   . GLU A 1 22  ? 10.188  2.726   2.893   1.00 27.26  ? 61  GLU A C   1 
ATOM   171  O  O   . GLU A 1 22  ? 10.029  3.930   2.547   1.00 32.60  ? 61  GLU A O   1 
ATOM   172  C  CB  . GLU A 1 22  ? 12.660  2.390   3.009   1.00 28.96  ? 61  GLU A CB  1 
ATOM   173  C  CG  . GLU A 1 22  ? 13.952  1.911   2.398   1.00 29.66  ? 61  GLU A CG  1 
ATOM   174  C  CD  . GLU A 1 22  ? 15.210  2.263   3.212   1.00 29.58  ? 61  GLU A CD  1 
ATOM   175  O  OE1 . GLU A 1 22  ? 16.268  2.291   2.606   1.00 28.66  ? 61  GLU A OE1 1 
ATOM   176  O  OE2 . GLU A 1 22  ? 15.106  2.420   4.427   1.00 35.67  ? 61  GLU A OE2 1 
ATOM   177  N  N   . MET A 1 23  ? 9.437   2.105   3.782   1.00 25.79  ? 62  MET A N   1 
ATOM   178  C  CA  . MET A 1 23  ? 8.340   2.754   4.526   1.00 29.31  ? 62  MET A CA  1 
ATOM   179  C  C   . MET A 1 23  ? 8.580   2.531   6.005   1.00 32.44  ? 62  MET A C   1 
ATOM   180  O  O   . MET A 1 23  ? 8.819   1.415   6.374   1.00 27.49  ? 62  MET A O   1 
ATOM   181  C  CB  . MET A 1 23  ? 6.949   2.204   4.164   1.00 29.12  ? 62  MET A CB  1 
ATOM   182  C  CG  . MET A 1 23  ? 6.565   2.543   2.772   1.00 31.71  ? 62  MET A CG  1 
ATOM   183  S  SD  . MET A 1 23  ? 6.081   4.303   2.551   1.00 29.27  ? 62  MET A SD  1 
ATOM   184  C  CE  . MET A 1 23  ? 5.794   4.202   0.788   1.00 30.95  ? 62  MET A CE  1 
ATOM   185  N  N   . ILE A 1 24  ? 8.500   3.584   6.827   1.00 31.83  ? 63  ILE A N   1 
ATOM   186  C  CA  . ILE A 1 24  ? 8.680   3.422   8.295   1.00 31.64  ? 63  ILE A CA  1 
ATOM   187  C  C   . ILE A 1 24  ? 7.442   2.826   8.921   1.00 32.91  ? 63  ILE A C   1 
ATOM   188  O  O   . ILE A 1 24  ? 6.317   3.270   8.592   1.00 34.09  ? 63  ILE A O   1 
ATOM   189  C  CB  . ILE A 1 24  ? 8.941   4.760   9.007   1.00 35.70  ? 63  ILE A CB  1 
ATOM   190  C  CG1 . ILE A 1 24  ? 10.094  5.489   8.358   1.00 38.56  ? 63  ILE A CG1 1 
ATOM   191  C  CG2 . ILE A 1 24  ? 9.177   4.490   10.492  1.00 39.89  ? 63  ILE A CG2 1 
ATOM   192  C  CD1 . ILE A 1 24  ? 11.390  4.949   8.774   1.00 38.44  ? 63  ILE A CD1 1 
ATOM   193  N  N   . VAL A 1 25  ? 7.678   1.908   9.843   1.00 32.68  ? 64  VAL A N   1 
ATOM   194  C  CA  . VAL A 1 25  ? 6.659   1.338   10.747  1.00 35.85  ? 64  VAL A CA  1 
ATOM   195  C  C   . VAL A 1 25  ? 7.063   1.701   12.179  1.00 36.93  ? 64  VAL A C   1 
ATOM   196  O  O   . VAL A 1 25  ? 8.250   1.788   12.433  1.00 38.39  ? 64  VAL A O   1 
ATOM   197  C  CB  . VAL A 1 25  ? 6.549   -0.164  10.484  1.00 35.84  ? 64  VAL A CB  1 
ATOM   198  C  CG1 . VAL A 1 25  ? 6.197   -0.380  9.026   1.00 35.91  ? 64  VAL A CG1 1 
ATOM   199  C  CG2 . VAL A 1 25  ? 7.848   -0.873  10.815  1.00 38.93  ? 64  VAL A CG2 1 
ATOM   200  N  N   . THR A 1 26  ? 6.087   1.996   13.021  1.00 41.20  ? 65  THR A N   1 
ATOM   201  C  CA  . THR A 1 26  ? 6.309   2.464   14.418  1.00 40.50  ? 65  THR A CA  1 
ATOM   202  C  C   . THR A 1 26  ? 5.343   1.689   15.294  1.00 50.45  ? 65  THR A C   1 
ATOM   203  O  O   . THR A 1 26  ? 4.381   1.091   14.731  1.00 43.88  ? 65  THR A O   1 
ATOM   204  C  CB  . THR A 1 26  ? 6.070   3.977   14.575  1.00 36.52  ? 65  THR A CB  1 
ATOM   205  O  OG1 . THR A 1 26  ? 4.672   4.214   14.420  1.00 42.15  ? 65  THR A OG1 1 
ATOM   206  C  CG2 . THR A 1 26  ? 6.863   4.835   13.620  1.00 37.42  ? 65  THR A CG2 1 
ATOM   207  N  N   . LYS A 1 27  ? 5.544   1.727   16.611  1.00 45.27  ? 66  LYS A N   1 
ATOM   208  C  CA  . LYS A 1 27  ? 4.626   1.030   17.542  1.00 53.23  ? 66  LYS A CA  1 
ATOM   209  C  C   . LYS A 1 27  ? 3.214   1.582   17.340  1.00 45.45  ? 66  LYS A C   1 
ATOM   210  O  O   . LYS A 1 27  ? 2.280   0.777   17.364  1.00 44.74  ? 66  LYS A O   1 
ATOM   211  C  CB  . LYS A 1 27  ? 5.076   1.194   18.997  1.00 62.71  ? 66  LYS A CB  1 
ATOM   212  C  CG  . LYS A 1 27  ? 4.043   0.788   20.041  1.00 63.42  ? 66  LYS A CG  1 
ATOM   213  C  CD  . LYS A 1 27  ? 4.621   0.704   21.443  1.00 69.44  ? 66  LYS A CD  1 
ATOM   214  C  CE  . LYS A 1 27  ? 3.615   1.036   22.522  1.00 72.48  ? 66  LYS A CE  1 
ATOM   215  N  NZ  . LYS A 1 27  ? 3.361   2.494   22.602  1.00 70.89  ? 66  LYS A NZ  1 
ATOM   216  N  N   . ASN A 1 28  ? 3.074   2.900   17.148  1.00 47.46  ? 67  ASN A N   1 
ATOM   217  C  CA  . ASN A 1 28  ? 1.753   3.587   17.094  1.00 50.93  ? 67  ASN A CA  1 
ATOM   218  C  C   . ASN A 1 28  ? 1.230   3.643   15.648  1.00 49.92  ? 67  ASN A C   1 
ATOM   219  O  O   . ASN A 1 28  ? -0.009  3.763   15.444  1.00 43.00  ? 67  ASN A O   1 
ATOM   220  C  CB  . ASN A 1 28  ? 1.812   4.962   17.764  1.00 58.41  ? 67  ASN A CB  1 
ATOM   221  C  CG  . ASN A 1 28  ? 1.215   4.966   19.157  1.00 70.17  ? 67  ASN A CG  1 
ATOM   222  O  OD1 . ASN A 1 28  ? 1.296   3.972   19.890  1.00 68.52  ? 67  ASN A OD1 1 
ATOM   223  N  ND2 . ASN A 1 28  ? 0.602   6.082   19.527  1.00 77.08  ? 67  ASN A ND2 1 
ATOM   224  N  N   . GLY A 1 29  ? 2.113   3.512   14.660  1.00 45.92  ? 68  GLY A N   1 
ATOM   225  C  CA  . GLY A 1 29  ? 1.683   3.522   13.246  1.00 42.36  ? 68  GLY A CA  1 
ATOM   226  C  C   . GLY A 1 29  ? 2.098   4.808   12.578  1.00 41.65  ? 68  GLY A C   1 
ATOM   227  O  O   . GLY A 1 29  ? 1.910   5.883   13.199  1.00 45.30  ? 68  GLY A O   1 
ATOM   228  N  N   . ARG A 1 30  ? 2.718   4.703   11.403  1.00 34.34  ? 69  ARG A N   1 
ATOM   229  C  CA  . ARG A 1 30  ? 3.244   5.828   10.595  1.00 35.80  ? 69  ARG A CA  1 
ATOM   230  C  C   . ARG A 1 30  ? 2.501   5.845   9.270   1.00 37.96  ? 69  ARG A C   1 
ATOM   231  O  O   . ARG A 1 30  ? 2.349   4.772   8.643   1.00 33.09  ? 69  ARG A O   1 
ATOM   232  C  CB  . ARG A 1 30  ? 4.753   5.721   10.368  1.00 35.43  ? 69  ARG A CB  1 
ATOM   233  C  CG  . ARG A 1 30  ? 5.359   6.824   9.519   1.00 38.88  ? 69  ARG A CG  1 
ATOM   234  C  CD  . ARG A 1 30  ? 5.439   8.157   10.273  1.00 42.85  ? 69  ARG A CD  1 
ATOM   235  N  NE  . ARG A 1 30  ? 6.308   8.043   11.443  1.00 49.74  ? 69  ARG A NE  1 
ATOM   236  C  CZ  . ARG A 1 30  ? 7.627   8.226   11.434  1.00 52.38  ? 69  ARG A CZ  1 
ATOM   237  N  NH1 . ARG A 1 30  ? 8.316   8.084   12.557  1.00 60.97  ? 69  ARG A NH1 1 
ATOM   238  N  NH2 . ARG A 1 30  ? 8.255   8.552   10.317  1.00 49.20  ? 69  ARG A NH2 1 
ATOM   239  N  N   . ARG A 1 31  ? 2.023   7.018   8.882   1.00 31.90  ? 70  ARG A N   1 
ATOM   240  C  CA  . ARG A 1 31  ? 1.446   7.250   7.542   1.00 36.42  ? 70  ARG A CA  1 
ATOM   241  C  C   . ARG A 1 31  ? 2.516   7.102   6.462   1.00 30.23  ? 70  ARG A C   1 
ATOM   242  O  O   . ARG A 1 31  ? 3.720   7.315   6.699   1.00 31.48  ? 70  ARG A O   1 
ATOM   243  C  CB  . ARG A 1 31  ? 0.721   8.596   7.481   1.00 38.78  ? 70  ARG A CB  1 
ATOM   244  C  CG  . ARG A 1 31  ? -0.668  8.490   8.093   1.00 48.42  ? 70  ARG A CG  1 
ATOM   245  C  CD  . ARG A 1 31  ? -0.987  9.595   9.073   1.00 63.38  ? 70  ARG A CD  1 
ATOM   246  N  NE  . ARG A 1 31  ? -1.639  10.730  8.445   1.00 69.92  ? 70  ARG A NE  1 
ATOM   247  C  CZ  . ARG A 1 31  ? -1.934  11.870  9.075   1.00 82.61  ? 70  ARG A CZ  1 
ATOM   248  N  NH1 . ARG A 1 31  ? -1.615  12.027  10.356  1.00 78.92  ? 70  ARG A NH1 1 
ATOM   249  N  NH2 . ARG A 1 31  ? -2.545  12.846  8.416   1.00 75.00  ? 70  ARG A NH2 1 
ATOM   250  N  N   . MET A 1 32  ? 2.060   6.719   5.274   1.00 29.60  ? 71  MET A N   1 
ATOM   251  C  CA  . MET A 1 32  ? 2.916   6.434   4.106   1.00 27.33  ? 71  MET A CA  1 
ATOM   252  C  C   . MET A 1 32  ? 3.261   7.722   3.368   1.00 27.58  ? 71  MET A C   1 
ATOM   253  O  O   . MET A 1 32  ? 2.365   8.598   3.209   1.00 30.34  ? 71  MET A O   1 
ATOM   254  C  CB  . MET A 1 32  ? 2.179   5.522   3.110   1.00 27.38  ? 71  MET A CB  1 
ATOM   255  C  CG  . MET A 1 32  ? 1.962   4.123   3.656   1.00 30.18  ? 71  MET A CG  1 
ATOM   256  S  SD  . MET A 1 32  ? 1.032   3.084   2.492   1.00 29.32  ? 71  MET A SD  1 
ATOM   257  C  CE  . MET A 1 32  ? 2.152   2.978   1.117   1.00 31.93  ? 71  MET A CE  1 
ATOM   258  N  N   . PHE A 1 33  ? 4.461   7.770   2.828   1.00 28.38  ? 72  PHE A N   1 
ATOM   259  C  CA  . PHE A 1 33  ? 4.846   8.743   1.777   1.00 30.30  ? 72  PHE A CA  1 
ATOM   260  C  C   . PHE A 1 33  ? 5.737   8.021   0.790   1.00 32.13  ? 72  PHE A C   1 
ATOM   261  O  O   . PHE A 1 33  ? 6.769   7.450   1.180   1.00 34.82  ? 72  PHE A O   1 
ATOM   262  C  CB  . PHE A 1 33  ? 5.595   9.972   2.323   1.00 32.17  ? 72  PHE A CB  1 
ATOM   263  C  CG  . PHE A 1 33  ? 5.799   10.999  1.225   1.00 32.52  ? 72  PHE A CG  1 
ATOM   264  C  CD1 . PHE A 1 33  ? 4.733   11.811  0.841   1.00 32.48  ? 72  PHE A CD1 1 
ATOM   265  C  CD2 . PHE A 1 33  ? 6.937   11.001  0.431   1.00 32.56  ? 72  PHE A CD2 1 
ATOM   266  C  CE1 . PHE A 1 33  ? 4.846   12.651  -0.264  1.00 30.88  ? 72  PHE A CE1 1 
ATOM   267  C  CE2 . PHE A 1 33  ? 7.059   11.860  -0.656  1.00 37.67  ? 72  PHE A CE2 1 
ATOM   268  C  CZ  . PHE A 1 33  ? 6.013   12.694  -0.989  1.00 34.87  ? 72  PHE A CZ  1 
ATOM   269  N  N   . PRO A 1 34  ? 5.466   8.064   -0.515  1.00 30.94  ? 73  PRO A N   1 
ATOM   270  C  CA  . PRO A 1 34  ? 4.256   8.653   -1.083  1.00 32.30  ? 73  PRO A CA  1 
ATOM   271  C  C   . PRO A 1 34  ? 2.990   7.939   -0.599  1.00 26.52  ? 73  PRO A C   1 
ATOM   272  O  O   . PRO A 1 34  ? 3.056   6.859   -0.086  1.00 26.53  ? 73  PRO A O   1 
ATOM   273  C  CB  . PRO A 1 34  ? 4.447   8.493   -2.586  1.00 35.47  ? 73  PRO A CB  1 
ATOM   274  C  CG  . PRO A 1 34  ? 5.922   8.308   -2.756  1.00 34.31  ? 73  PRO A CG  1 
ATOM   275  C  CD  . PRO A 1 34  ? 6.377   7.567   -1.539  1.00 31.29  ? 73  PRO A CD  1 
ATOM   276  N  N   . VAL A 1 35  ? 1.874   8.631   -0.717  1.00 28.13  ? 74  VAL A N   1 
ATOM   277  C  CA  . VAL A 1 35  ? 0.524   8.091   -0.487  1.00 28.86  ? 74  VAL A CA  1 
ATOM   278  C  C   . VAL A 1 35  ? 0.121   7.346   -1.757  1.00 25.20  ? 74  VAL A C   1 
ATOM   279  O  O   . VAL A 1 35  ? 0.332   7.855   -2.870  1.00 28.20  ? 74  VAL A O   1 
ATOM   280  C  CB  . VAL A 1 35  ? -0.453  9.227   -0.158  1.00 32.69  ? 74  VAL A CB  1 
ATOM   281  C  CG1 . VAL A 1 35  ? -1.878  8.752   -0.125  1.00 34.86  ? 74  VAL A CG1 1 
ATOM   282  C  CG2 . VAL A 1 35  ? -0.055  9.952   1.131   1.00 37.58  ? 74  VAL A CG2 1 
ATOM   283  N  N   . LEU A 1 36  ? -0.471  6.195   -1.568  1.00 26.27  ? 75  LEU A N   1 
ATOM   284  C  CA  . LEU A 1 36  ? -1.105  5.468   -2.688  1.00 27.44  ? 75  LEU A CA  1 
ATOM   285  C  C   . LEU A 1 36  ? -2.358  6.242   -3.110  1.00 26.07  ? 75  LEU A C   1 
ATOM   286  O  O   . LEU A 1 36  ? -3.320  6.368   -2.314  1.00 26.82  ? 75  LEU A O   1 
ATOM   287  C  CB  . LEU A 1 36  ? -1.450  4.066   -2.236  1.00 30.61  ? 75  LEU A CB  1 
ATOM   288  C  CG  . LEU A 1 36  ? -2.102  3.193   -3.308  1.00 30.42  ? 75  LEU A CG  1 
ATOM   289  C  CD1 . LEU A 1 36  ? -1.095  2.810   -4.367  1.00 35.15  ? 75  LEU A CD1 1 
ATOM   290  C  CD2 . LEU A 1 36  ? -2.698  1.959   -2.665  1.00 36.90  ? 75  LEU A CD2 1 
ATOM   291  N  N   . LYS A 1 37  ? -2.381  6.670   -4.362  1.00 28.27  ? 76  LYS A N   1 
ATOM   292  C  CA  . LYS A 1 37  ? -3.547  7.376   -4.955  1.00 29.04  ? 76  LYS A CA  1 
ATOM   293  C  C   . LYS A 1 37  ? -3.898  6.679   -6.259  1.00 30.37  ? 76  LYS A C   1 
ATOM   294  O  O   . LYS A 1 37  ? -2.941  6.436   -7.081  1.00 30.68  ? 76  LYS A O   1 
ATOM   295  C  CB  . LYS A 1 37  ? -3.211  8.834   -5.247  1.00 30.93  ? 76  LYS A CB  1 
ATOM   296  C  CG  . LYS A 1 37  ? -2.742  9.598   -4.015  1.00 35.45  ? 76  LYS A CG  1 
ATOM   297  C  CD  . LYS A 1 37  ? -2.406  11.006  -4.307  1.00 39.77  ? 76  LYS A CD  1 
ATOM   298  C  CE  . LYS A 1 37  ? -2.012  11.719  -3.034  1.00 46.88  ? 76  LYS A CE  1 
ATOM   299  N  NZ  . LYS A 1 37  ? -2.072  13.184  -3.233  1.00 55.93  ? 76  LYS A NZ  1 
ATOM   300  N  N   . VAL A 1 38  ? -5.167  6.311   -6.407  1.00 31.66  ? 77  VAL A N   1 
ATOM   301  C  CA  . VAL A 1 38  ? -5.595  5.378   -7.477  1.00 35.56  ? 77  VAL A CA  1 
ATOM   302  C  C   . VAL A 1 38  ? -6.664  6.082   -8.303  1.00 35.74  ? 77  VAL A C   1 
ATOM   303  O  O   . VAL A 1 38  ? -7.614  6.634   -7.734  1.00 32.67  ? 77  VAL A O   1 
ATOM   304  C  CB  . VAL A 1 38  ? -6.094  4.041   -6.919  1.00 39.50  ? 77  VAL A CB  1 
ATOM   305  C  CG1 . VAL A 1 38  ? -5.078  3.418   -5.971  1.00 42.48  ? 77  VAL A CG1 1 
ATOM   306  C  CG2 . VAL A 1 38  ? -7.416  4.174   -6.214  1.00 47.91  ? 77  VAL A CG2 1 
ATOM   307  N  N   . ASN A 1 39  ? -6.516  6.023   -9.613  1.00 35.42  ? 78  ASN A N   1 
ATOM   308  C  CA  . ASN A 1 39  ? -7.542  6.538   -10.535 1.00 34.99  ? 78  ASN A CA  1 
ATOM   309  C  C   . ASN A 1 39  ? -8.406  5.359   -10.952 1.00 35.32  ? 78  ASN A C   1 
ATOM   310  O  O   . ASN A 1 39  ? -7.874  4.271   -11.289 1.00 33.27  ? 78  ASN A O   1 
ATOM   311  C  CB  . ASN A 1 39  ? -6.934  7.253   -11.748 1.00 42.34  ? 78  ASN A CB  1 
ATOM   312  C  CG  . ASN A 1 39  ? -6.025  8.393   -11.366 1.00 46.03  ? 78  ASN A CG  1 
ATOM   313  O  OD1 . ASN A 1 39  ? -6.447  9.351   -10.716 1.00 47.59  ? 78  ASN A OD1 1 
ATOM   314  N  ND2 . ASN A 1 39  ? -4.763  8.274   -11.752 1.00 53.61  ? 78  ASN A ND2 1 
ATOM   315  N  N   . VAL A 1 40  ? -9.716  5.537   -10.862 1.00 31.69  ? 79  VAL A N   1 
ATOM   316  C  CA  . VAL A 1 40  ? -10.645 4.429   -11.160 1.00 34.83  ? 79  VAL A CA  1 
ATOM   317  C  C   . VAL A 1 40  ? -11.690 5.006   -12.102 1.00 36.49  ? 79  VAL A C   1 
ATOM   318  O  O   . VAL A 1 40  ? -12.184 6.113   -11.815 1.00 38.87  ? 79  VAL A O   1 
ATOM   319  C  CB  . VAL A 1 40  ? -11.287 3.882   -9.879  1.00 36.91  ? 79  VAL A CB  1 
ATOM   320  C  CG1 . VAL A 1 40  ? -12.340 2.846   -10.180 1.00 39.03  ? 79  VAL A CG1 1 
ATOM   321  C  CG2 . VAL A 1 40  ? -10.244 3.297   -8.921  1.00 41.39  ? 79  VAL A CG2 1 
ATOM   322  N  N   . SER A 1 41  ? -11.966 4.283   -13.175 1.00 41.15  ? 80  SER A N   1 
ATOM   323  C  CA  . SER A 1 41  ? -13.059 4.592   -14.125 1.00 41.06  ? 80  SER A CA  1 
ATOM   324  C  C   . SER A 1 41  ? -13.836 3.307   -14.339 1.00 39.14  ? 80  SER A C   1 
ATOM   325  O  O   . SER A 1 41  ? -13.359 2.225   -13.962 1.00 42.50  ? 80  SER A O   1 
ATOM   326  C  CB  . SER A 1 41  ? -12.545 5.200   -15.422 1.00 46.81  ? 80  SER A CB  1 
ATOM   327  O  OG  . SER A 1 41  ? -11.526 4.428   -16.043 1.00 43.31  ? 80  SER A OG  1 
ATOM   328  N  N   . GLY A 1 42  ? -15.041 3.407   -14.891 1.00 47.34  ? 81  GLY A N   1 
ATOM   329  C  CA  . GLY A 1 42  ? -15.755 2.205   -15.331 1.00 40.69  ? 81  GLY A CA  1 
ATOM   330  C  C   . GLY A 1 42  ? -16.574 1.580   -14.227 1.00 41.83  ? 81  GLY A C   1 
ATOM   331  O  O   . GLY A 1 42  ? -17.121 0.511   -14.469 1.00 44.25  ? 81  GLY A O   1 
ATOM   332  N  N   . LEU A 1 43  ? -16.645 2.193   -13.038 1.00 39.40  ? 82  LEU A N   1 
ATOM   333  C  CA  . LEU A 1 43  ? -17.637 1.787   -12.012 1.00 37.20  ? 82  LEU A CA  1 
ATOM   334  C  C   . LEU A 1 43  ? -19.041 2.220   -12.495 1.00 38.50  ? 82  LEU A C   1 
ATOM   335  O  O   . LEU A 1 43  ? -19.125 3.110   -13.348 1.00 41.19  ? 82  LEU A O   1 
ATOM   336  C  CB  . LEU A 1 43  ? -17.303 2.464   -10.682 1.00 39.16  ? 82  LEU A CB  1 
ATOM   337  C  CG  . LEU A 1 43  ? -15.972 2.056   -10.058 1.00 37.25  ? 82  LEU A CG  1 
ATOM   338  C  CD1 . LEU A 1 43  ? -15.768 2.800   -8.738  1.00 43.24  ? 82  LEU A CD1 1 
ATOM   339  C  CD2 . LEU A 1 43  ? -15.900 0.558   -9.841  1.00 39.08  ? 82  LEU A CD2 1 
ATOM   340  N  N   . ASP A 1 44  ? -20.081 1.627   -11.924 1.00 43.91  ? 83  ASP A N   1 
ATOM   341  C  CA  . ASP A 1 44  ? -21.485 2.104   -12.048 1.00 41.70  ? 83  ASP A CA  1 
ATOM   342  C  C   . ASP A 1 44  ? -21.648 3.295   -11.097 1.00 44.75  ? 83  ASP A C   1 
ATOM   343  O  O   . ASP A 1 44  ? -21.496 3.149   -9.891  1.00 43.18  ? 83  ASP A O   1 
ATOM   344  C  CB  . ASP A 1 44  ? -22.400 0.907   -11.805 1.00 46.44  ? 83  ASP A CB  1 
ATOM   345  C  CG  . ASP A 1 44  ? -23.878 1.207   -11.956 1.00 50.50  ? 83  ASP A CG  1 
ATOM   346  O  OD1 . ASP A 1 44  ? -24.297 2.324   -11.573 1.00 50.94  ? 83  ASP A OD1 1 
ATOM   347  O  OD2 . ASP A 1 44  ? -24.583 0.310   -12.431 1.00 52.60  ? 83  ASP A OD2 1 
ATOM   348  N  N   . PRO A 1 45  ? -21.881 4.531   -11.589 1.00 42.22  ? 84  PRO A N   1 
ATOM   349  C  CA  . PRO A 1 45  ? -21.922 5.719   -10.734 1.00 42.08  ? 84  PRO A CA  1 
ATOM   350  C  C   . PRO A 1 45  ? -22.869 5.613   -9.531  1.00 44.09  ? 84  PRO A C   1 
ATOM   351  O  O   . PRO A 1 45  ? -22.595 6.220   -8.503  1.00 43.79  ? 84  PRO A O   1 
ATOM   352  C  CB  . PRO A 1 45  ? -22.395 6.824   -11.702 1.00 43.78  ? 84  PRO A CB  1 
ATOM   353  C  CG  . PRO A 1 45  ? -21.887 6.388   -13.038 1.00 44.83  ? 84  PRO A CG  1 
ATOM   354  C  CD  . PRO A 1 45  ? -21.980 4.876   -13.022 1.00 46.77  ? 84  PRO A CD  1 
ATOM   355  N  N   . ASN A 1 46  ? -23.928 4.825   -9.700  1.00 47.14  ? 85  ASN A N   1 
ATOM   356  C  CA  . ASN A 1 46  ? -25.071 4.644   -8.774  1.00 46.78  ? 85  ASN A CA  1 
ATOM   357  C  C   . ASN A 1 46  ? -24.883 3.389   -7.926  1.00 41.18  ? 85  ASN A C   1 
ATOM   358  O  O   . ASN A 1 46  ? -25.639 3.231   -6.959  1.00 41.30  ? 85  ASN A O   1 
ATOM   359  C  CB  . ASN A 1 46  ? -26.383 4.558   -9.562  1.00 51.81  ? 85  ASN A CB  1 
ATOM   360  C  CG  . ASN A 1 46  ? -26.569 5.777   -10.437 1.00 49.24  ? 85  ASN A CG  1 
ATOM   361  O  OD1 . ASN A 1 46  ? -26.596 6.887   -9.924  1.00 60.12  ? 85  ASN A OD1 1 
ATOM   362  N  ND2 . ASN A 1 46  ? -26.653 5.586   -11.745 1.00 59.32  ? 85  ASN A ND2 1 
ATOM   363  N  N   . ALA A 1 47  ? -23.921 2.520   -8.255  1.00 40.72  ? 86  ALA A N   1 
ATOM   364  C  CA  . ALA A 1 47  ? -23.635 1.313   -7.454  1.00 38.93  ? 86  ALA A CA  1 
ATOM   365  C  C   . ALA A 1 47  ? -22.831 1.750   -6.234  1.00 37.30  ? 86  ALA A C   1 
ATOM   366  O  O   . ALA A 1 47  ? -22.265 2.869   -6.216  1.00 38.14  ? 86  ALA A O   1 
ATOM   367  C  CB  . ALA A 1 47  ? -22.948 0.236   -8.247  1.00 45.43  ? 86  ALA A CB  1 
ATOM   368  N  N   . MET A 1 48  ? -22.749 0.869   -5.240  0.50 39.51  ? 87  MET A N   1 
ATOM   369  C  CA  . MET A 1 48  ? -22.136 1.168   -3.922  0.50 38.97  ? 87  MET A CA  1 
ATOM   370  C  C   . MET A 1 48  ? -20.923 0.258   -3.694  0.50 34.56  ? 87  MET A C   1 
ATOM   371  O  O   . MET A 1 48  ? -21.066 -0.972  -3.762  0.50 33.53  ? 87  MET A O   1 
ATOM   372  C  CB  . MET A 1 48  ? -23.172 0.982   -2.814  0.50 43.02  ? 87  MET A CB  1 
ATOM   373  C  CG  . MET A 1 48  ? -24.542 1.501   -3.214  0.50 46.87  ? 87  MET A CG  1 
ATOM   374  S  SD  . MET A 1 48  ? -25.082 2.763   -2.061  0.50 49.75  ? 87  MET A SD  1 
ATOM   375  C  CE  . MET A 1 48  ? -23.454 3.369   -1.622  0.50 46.51  ? 87  MET A CE  1 
ATOM   376  N  N   . TYR A 1 49  ? -19.771 0.870   -3.431  0.50 32.93  ? 88  TYR A N   1 
ATOM   377  C  CA  . TYR A 1 49  ? -18.453 0.190   -3.364  0.50 32.77  ? 88  TYR A CA  1 
ATOM   378  C  C   . TYR A 1 49  ? -17.738 0.547   -2.058  0.50 32.03  ? 88  TYR A C   1 
ATOM   379  O  O   . TYR A 1 49  ? -17.898 1.665   -1.550  0.50 30.78  ? 88  TYR A O   1 
ATOM   380  C  CB  . TYR A 1 49  ? -17.576 0.604   -4.546  0.50 31.83  ? 88  TYR A CB  1 
ATOM   381  C  CG  . TYR A 1 49  ? -18.155 0.347   -5.913  0.50 35.78  ? 88  TYR A CG  1 
ATOM   382  C  CD1 . TYR A 1 49  ? -17.939 -0.853  -6.575  0.50 36.70  ? 88  TYR A CD1 1 
ATOM   383  C  CD2 . TYR A 1 49  ? -18.894 1.320   -6.564  0.50 35.37  ? 88  TYR A CD2 1 
ATOM   384  C  CE1 . TYR A 1 49  ? -18.459 -1.083  -7.839  0.50 37.86  ? 88  TYR A CE1 1 
ATOM   385  C  CE2 . TYR A 1 49  ? -19.426 1.103   -7.824  0.50 36.92  ? 88  TYR A CE2 1 
ATOM   386  C  CZ  . TYR A 1 49  ? -19.207 -0.101  -8.467  0.50 37.69  ? 88  TYR A CZ  1 
ATOM   387  O  OH  . TYR A 1 49  ? -19.721 -0.306  -9.714  0.50 39.37  ? 88  TYR A OH  1 
ATOM   388  N  N   . SER A 1 50  ? -16.949 -0.392  -1.537  0.50 29.86  ? 89  SER A N   1 
ATOM   389  C  CA  . SER A 1 50  ? -15.938 -0.130  -0.488  0.50 29.69  ? 89  SER A CA  1 
ATOM   390  C  C   . SER A 1 50  ? -14.558 -0.383  -1.091  0.50 30.10  ? 89  SER A C   1 
ATOM   391  O  O   . SER A 1 50  ? -14.435 -1.359  -1.856  0.50 27.51  ? 89  SER A O   1 
ATOM   392  C  CB  . SER A 1 50  ? -16.184 -0.976  0.723   0.50 30.77  ? 89  SER A CB  1 
ATOM   393  O  OG  . SER A 1 50  ? -17.402 -0.600  1.343   0.50 31.91  ? 89  SER A OG  1 
ATOM   394  N  N   . PHE A 1 51  ? -13.603 0.509   -0.823  0.50 28.24  ? 90  PHE A N   1 
ATOM   395  C  CA  . PHE A 1 51  ? -12.191 0.369   -1.254  0.50 28.06  ? 90  PHE A CA  1 
ATOM   396  C  C   . PHE A 1 51  ? -11.380 -0.170  -0.079  0.50 29.51  ? 90  PHE A C   1 
ATOM   397  O  O   . PHE A 1 51  ? -11.385 0.430   1.030   0.50 26.81  ? 90  PHE A O   1 
ATOM   398  C  CB  . PHE A 1 51  ? -11.641 1.691   -1.790  0.50 28.21  ? 90  PHE A CB  1 
ATOM   399  C  CG  . PHE A 1 51  ? -11.968 1.947   -3.238  0.50 29.31  ? 90  PHE A CG  1 
ATOM   400  C  CD1 . PHE A 1 51  ? -10.965 2.153   -4.169  0.50 29.14  ? 90  PHE A CD1 1 
ATOM   401  C  CD2 . PHE A 1 51  ? -13.282 1.975   -3.673  0.50 29.85  ? 90  PHE A CD2 1 
ATOM   402  C  CE1 . PHE A 1 51  ? -11.271 2.410   -5.494  0.50 29.20  ? 90  PHE A CE1 1 
ATOM   403  C  CE2 . PHE A 1 51  ? -13.586 2.226   -5.000  0.50 30.28  ? 90  PHE A CE2 1 
ATOM   404  C  CZ  . PHE A 1 51  ? -12.580 2.429   -5.911  0.50 29.25  ? 90  PHE A CZ  1 
ATOM   405  N  N   . LEU A 1 52  ? -10.694 -1.287  -0.329  0.50 27.71  ? 91  LEU A N   1 
ATOM   406  C  CA  . LEU A 1 52  ? -9.846  -1.993  0.662   0.50 28.72  ? 91  LEU A CA  1 
ATOM   407  C  C   . LEU A 1 52  ? -8.386  -1.865  0.216   0.50 26.52  ? 91  LEU A C   1 
ATOM   408  O  O   . LEU A 1 52  ? -8.157  -1.788  -1.014  0.50 27.19  ? 91  LEU A O   1 
ATOM   409  C  CB  . LEU A 1 52  ? -10.266 -3.463  0.707   0.50 29.91  ? 91  LEU A CB  1 
ATOM   410  C  CG  . LEU A 1 52  ? -11.421 -3.834  1.632   0.50 32.75  ? 91  LEU A CG  1 
ATOM   411  C  CD1 . LEU A 1 52  ? -12.647 -2.982  1.366   0.50 34.29  ? 91  LEU A CD1 1 
ATOM   412  C  CD2 . LEU A 1 52  ? -11.746 -5.316  1.493   0.50 31.63  ? 91  LEU A CD2 1 
ATOM   413  N  N   . LEU A 1 53  ? -7.453  -1.839  1.168   1.00 23.31  ? 92  LEU A N   1 
ATOM   414  C  CA  . LEU A 1 53  ? -6.016  -1.815  0.874   1.00 25.03  ? 92  LEU A CA  1 
ATOM   415  C  C   . LEU A 1 53  ? -5.399  -2.916  1.722   1.00 23.39  ? 92  LEU A C   1 
ATOM   416  O  O   . LEU A 1 53  ? -5.695  -3.058  2.945   1.00 25.79  ? 92  LEU A O   1 
ATOM   417  C  CB  . LEU A 1 53  ? -5.443  -0.424  1.191   1.00 23.87  ? 92  LEU A CB  1 
ATOM   418  C  CG  . LEU A 1 53  ? -3.924  -0.334  1.269   1.00 26.41  ? 92  LEU A CG  1 
ATOM   419  C  CD1 . LEU A 1 53  ? -3.289  -0.530  -0.075  1.00 27.27  ? 92  LEU A CD1 1 
ATOM   420  C  CD2 . LEU A 1 53  ? -3.475  1.022   1.838   1.00 25.05  ? 92  LEU A CD2 1 
ATOM   421  N  N   . ASP A 1 54  ? -4.540  -3.723  1.103   1.00 25.54  ? 93  ASP A N   1 
ATOM   422  C  CA  . ASP A 1 54  ? -3.717  -4.667  1.892   1.00 23.52  ? 93  ASP A CA  1 
ATOM   423  C  C   . ASP A 1 54  ? -2.329  -4.706  1.281   1.00 21.31  ? 93  ASP A C   1 
ATOM   424  O  O   . ASP A 1 54  ? -2.026  -4.004  0.329   1.00 21.44  ? 93  ASP A O   1 
ATOM   425  C  CB  . ASP A 1 54  ? -4.383  -6.034  2.076   1.00 25.16  ? 93  ASP A CB  1 
ATOM   426  C  CG  . ASP A 1 54  ? -4.667  -6.766  0.763   1.00 23.91  ? 93  ASP A CG  1 
ATOM   427  O  OD1 . ASP A 1 54  ? -4.073  -6.396  -0.257  1.00 27.33  ? 93  ASP A OD1 1 
ATOM   428  O  OD2 . ASP A 1 54  ? -5.452  -7.731  0.826   1.00 27.79  ? 93  ASP A OD2 1 
ATOM   429  N  N   . PHE A 1 55  ? -1.445  -5.453  1.923   1.00 23.50  ? 94  PHE A N   1 
ATOM   430  C  CA  . PHE A 1 55  ? -0.008  -5.501  1.586   1.00 23.70  ? 94  PHE A CA  1 
ATOM   431  C  C   . PHE A 1 55  ? 0.390   -6.968  1.486   1.00 23.23  ? 94  PHE A C   1 
ATOM   432  O  O   . PHE A 1 55  ? 0.335   -7.667  2.493   1.00 26.52  ? 94  PHE A O   1 
ATOM   433  C  CB  . PHE A 1 55  ? 0.845   -4.775  2.632   1.00 23.69  ? 94  PHE A CB  1 
ATOM   434  C  CG  . PHE A 1 55  ? 0.477   -3.315  2.785   1.00 21.80  ? 94  PHE A CG  1 
ATOM   435  C  CD1 . PHE A 1 55  ? 1.070   -2.346  2.006   1.00 24.40  ? 94  PHE A CD1 1 
ATOM   436  C  CD2 . PHE A 1 55  ? -0.572  -2.954  3.594   1.00 26.96  ? 94  PHE A CD2 1 
ATOM   437  C  CE1 . PHE A 1 55  ? 0.708   -1.012  2.129   1.00 24.02  ? 94  PHE A CE1 1 
ATOM   438  C  CE2 . PHE A 1 55  ? -0.947  -1.625  3.701   1.00 25.95  ? 94  PHE A CE2 1 
ATOM   439  C  CZ  . PHE A 1 55  ? -0.316  -0.665  2.954   1.00 26.14  ? 94  PHE A CZ  1 
ATOM   440  N  N   . VAL A 1 56  ? 0.759   -7.370  0.289   1.00 26.17  ? 95  VAL A N   1 
ATOM   441  C  CA  . VAL A 1 56  ? 1.216   -8.758  0.004   1.00 24.62  ? 95  VAL A CA  1 
ATOM   442  C  C   . VAL A 1 56  ? 2.708   -8.787  0.308   1.00 21.65  ? 95  VAL A C   1 
ATOM   443  O  O   . VAL A 1 56  ? 3.431   -8.028  -0.319  1.00 24.34  ? 95  VAL A O   1 
ATOM   444  C  CB  . VAL A 1 56  ? 0.976   -9.113  -1.472  1.00 25.42  ? 95  VAL A CB  1 
ATOM   445  C  CG1 . VAL A 1 56  ? 1.498   -10.511 -1.802  1.00 24.25  ? 95  VAL A CG1 1 
ATOM   446  C  CG2 . VAL A 1 56  ? -0.479  -8.931  -1.857  1.00 28.19  ? 95  VAL A CG2 1 
ATOM   447  N  N   . ALA A 1 57  ? 3.154   -9.766  1.061   1.00 25.71  ? 96  ALA A N   1 
ATOM   448  C  CA  . ALA A 1 57  ? 4.582   -10.076 1.218   1.00 25.54  ? 96  ALA A CA  1 
ATOM   449  C  C   . ALA A 1 57  ? 5.101   -10.572 -0.113  1.00 25.88  ? 96  ALA A C   1 
ATOM   450  O  O   . ALA A 1 57  ? 4.578   -11.624 -0.600  1.00 23.46  ? 96  ALA A O   1 
ATOM   451  C  CB  . ALA A 1 57  ? 4.773   -11.069 2.332   1.00 25.61  ? 96  ALA A CB  1 
ATOM   452  N  N   . ALA A 1 58  ? 5.987   -9.808  -0.746  1.00 25.49  ? 97  ALA A N   1 
ATOM   453  C  CA  . ALA A 1 58  ? 6.505   -10.015 -2.114  1.00 27.18  ? 97  ALA A CA  1 
ATOM   454  C  C   . ALA A 1 58  ? 7.395   -11.268 -2.196  1.00 29.91  ? 97  ALA A C   1 
ATOM   455  O  O   . ALA A 1 58  ? 7.494   -11.865 -3.301  1.00 27.36  ? 97  ALA A O   1 
ATOM   456  C  CB  . ALA A 1 58  ? 7.239   -8.816  -2.619  1.00 28.14  ? 97  ALA A CB  1 
ATOM   457  N  N   . ASP A 1 59  ? 7.997   -11.659 -1.093  1.00 30.39  ? 98  ASP A N   1 
ATOM   458  C  CA  . ASP A 1 59  ? 8.831   -12.883 -1.025  1.00 29.99  ? 98  ASP A CA  1 
ATOM   459  C  C   . ASP A 1 59  ? 8.761   -13.360 0.414   1.00 31.44  ? 98  ASP A C   1 
ATOM   460  O  O   . ASP A 1 59  ? 8.143   -12.662 1.252   1.00 35.52  ? 98  ASP A O   1 
ATOM   461  C  CB  . ASP A 1 59  ? 10.203  -12.576 -1.605  1.00 29.64  ? 98  ASP A CB  1 
ATOM   462  C  CG  . ASP A 1 59  ? 10.918  -11.542 -0.712  1.00 31.28  ? 98  ASP A CG  1 
ATOM   463  O  OD1 . ASP A 1 59  ? 11.029  -11.822 0.493   1.00 32.70  ? 98  ASP A OD1 1 
ATOM   464  O  OD2 . ASP A 1 59  ? 11.211  -10.484 -1.221  1.00 36.65  ? 98  ASP A OD2 1 
ATOM   465  N  N   . ASN A 1 60  ? 9.417   -14.476 0.694   1.00 29.72  ? 99  ASN A N   1 
ATOM   466  C  CA  . ASN A 1 60  ? 9.287   -15.176 1.981   1.00 33.12  ? 99  ASN A CA  1 
ATOM   467  C  C   . ASN A 1 60  ? 10.497  -14.847 2.856   1.00 35.79  ? 99  ASN A C   1 
ATOM   468  O  O   . ASN A 1 60  ? 10.748  -15.608 3.763   1.00 40.08  ? 99  ASN A O   1 
ATOM   469  C  CB  . ASN A 1 60  ? 9.194   -16.682 1.744   1.00 35.94  ? 99  ASN A CB  1 
ATOM   470  C  CG  . ASN A 1 60  ? 7.908   -17.065 1.054   1.00 39.98  ? 99  ASN A CG  1 
ATOM   471  O  OD1 . ASN A 1 60  ? 7.918   -17.945 0.193   1.00 44.25  ? 99  ASN A OD1 1 
ATOM   472  N  ND2 . ASN A 1 60  ? 6.829   -16.378 1.384   1.00 32.82  ? 99  ASN A ND2 1 
ATOM   473  N  N   . HIS A 1 61  ? 11.283  -13.835 2.517   1.00 31.24  ? 100 HIS A N   1 
ATOM   474  C  CA  . HIS A 1 61  ? 12.592  -13.646 3.187   1.00 32.46  ? 100 HIS A CA  1 
ATOM   475  C  C   . HIS A 1 61  ? 12.605  -12.358 4.013   1.00 40.54  ? 100 HIS A C   1 
ATOM   476  O  O   . HIS A 1 61  ? 11.810  -11.422 3.749   1.00 36.92  ? 100 HIS A O   1 
ATOM   477  C  CB  . HIS A 1 61  ? 13.732  -13.707 2.183   1.00 33.54  ? 100 HIS A CB  1 
ATOM   478  C  CG  . HIS A 1 61  ? 13.768  -14.996 1.435   1.00 37.68  ? 100 HIS A CG  1 
ATOM   479  N  ND1 . HIS A 1 61  ? 14.533  -16.074 1.860   1.00 39.33  ? 100 HIS A ND1 1 
ATOM   480  C  CD2 . HIS A 1 61  ? 13.098  -15.401 0.330   1.00 38.50  ? 100 HIS A CD2 1 
ATOM   481  C  CE1 . HIS A 1 61  ? 14.319  -17.095 1.042   1.00 47.81  ? 100 HIS A CE1 1 
ATOM   482  N  NE2 . HIS A 1 61  ? 13.468  -16.693 0.069   1.00 38.31  ? 100 HIS A NE2 1 
ATOM   483  N  N   . ARG A 1 62  ? 13.547  -12.315 4.953   1.00 38.96  ? 101 ARG A N   1 
ATOM   484  C  CA  . ARG A 1 62  ? 13.901  -11.081 5.688   1.00 39.10  ? 101 ARG A CA  1 
ATOM   485  C  C   . ARG A 1 62  ? 14.997  -10.388 4.870   1.00 35.63  ? 101 ARG A C   1 
ATOM   486  O  O   . ARG A 1 62  ? 15.852  -11.097 4.259   1.00 41.62  ? 101 ARG A O   1 
ATOM   487  C  CB  . ARG A 1 62  ? 14.268  -11.501 7.119   1.00 51.16  ? 101 ARG A CB  1 
ATOM   488  C  CG  . ARG A 1 62  ? 15.326  -10.658 7.823   1.00 66.59  ? 101 ARG A CG  1 
ATOM   489  C  CD  . ARG A 1 62  ? 15.510  -11.051 9.288   1.00 77.45  ? 101 ARG A CD  1 
ATOM   490  N  NE  . ARG A 1 62  ? 14.223  -11.261 9.949   1.00 90.51  ? 101 ARG A NE  1 
ATOM   491  C  CZ  . ARG A 1 62  ? 13.412  -10.299 10.397  1.00 99.62  ? 101 ARG A CZ  1 
ATOM   492  N  NH1 . ARG A 1 62  ? 13.748  -9.023  10.286  1.00 99.50  ? 101 ARG A NH1 1 
ATOM   493  N  NH2 . ARG A 1 62  ? 12.260  -10.623 10.966  1.00 101.73 ? 101 ARG A NH2 1 
ATOM   494  N  N   . TRP A 1 63  ? 14.998  -9.052  4.820   1.00 33.33  ? 102 TRP A N   1 
ATOM   495  C  CA  . TRP A 1 63  ? 15.961  -8.271  4.016   1.00 30.51  ? 102 TRP A CA  1 
ATOM   496  C  C   . TRP A 1 63  ? 16.874  -7.502  4.987   1.00 38.20  ? 102 TRP A C   1 
ATOM   497  O  O   . TRP A 1 63  ? 16.422  -7.177  6.079   1.00 38.35  ? 102 TRP A O   1 
ATOM   498  C  CB  . TRP A 1 63  ? 15.226  -7.302  3.093   1.00 32.30  ? 102 TRP A CB  1 
ATOM   499  C  CG  . TRP A 1 63  ? 14.569  -8.029  1.960   1.00 30.06  ? 102 TRP A CG  1 
ATOM   500  C  CD1 . TRP A 1 63  ? 13.427  -8.781  2.003   1.00 31.46  ? 102 TRP A CD1 1 
ATOM   501  C  CD2 . TRP A 1 63  ? 15.068  -8.108  0.622   1.00 29.51  ? 102 TRP A CD2 1 
ATOM   502  N  NE1 . TRP A 1 63  ? 13.147  -9.261  0.748   1.00 30.69  ? 102 TRP A NE1 1 
ATOM   503  C  CE2 . TRP A 1 63  ? 14.140  -8.899  -0.111  1.00 31.07  ? 102 TRP A CE2 1 
ATOM   504  C  CE3 . TRP A 1 63  ? 16.170  -7.568  -0.048  1.00 33.08  ? 102 TRP A CE3 1 
ATOM   505  C  CZ2 . TRP A 1 63  ? 14.306  -9.158  -1.455  1.00 31.36  ? 102 TRP A CZ2 1 
ATOM   506  C  CZ3 . TRP A 1 63  ? 16.337  -7.831  -1.383  1.00 34.28  ? 102 TRP A CZ3 1 
ATOM   507  C  CH2 . TRP A 1 63  ? 15.411  -8.626  -2.073  1.00 34.93  ? 102 TRP A CH2 1 
ATOM   508  N  N   . LYS A 1 64  ? 18.091  -7.202  4.580   1.00 37.29  ? 103 LYS A N   1 
ATOM   509  C  CA  . LYS A 1 64  ? 19.072  -6.492  5.443   1.00 44.59  ? 103 LYS A CA  1 
ATOM   510  C  C   . LYS A 1 64  ? 19.864  -5.545  4.542   1.00 39.27  ? 103 LYS A C   1 
ATOM   511  O  O   . LYS A 1 64  ? 20.046  -5.874  3.388   1.00 36.60  ? 103 LYS A O   1 
ATOM   512  C  CB  . LYS A 1 64  ? 19.894  -7.543  6.198   1.00 54.63  ? 103 LYS A CB  1 
ATOM   513  C  CG  . LYS A 1 64  ? 20.391  -8.685  5.322   1.00 65.87  ? 103 LYS A CG  1 
ATOM   514  C  CD  . LYS A 1 64  ? 21.504  -9.541  5.921   1.00 73.88  ? 103 LYS A CD  1 
ATOM   515  C  CE  . LYS A 1 64  ? 21.785  -10.793 5.108   1.00 75.55  ? 103 LYS A CE  1 
ATOM   516  N  NZ  . LYS A 1 64  ? 23.237  -11.054 4.959   1.00 79.39  ? 103 LYS A NZ  1 
ATOM   517  N  N   . TYR A 1 65  ? 20.311  -4.390  5.056   1.00 39.13  ? 104 TYR A N   1 
ATOM   518  C  CA  . TYR A 1 65  ? 21.012  -3.351  4.266   1.00 40.07  ? 104 TYR A CA  1 
ATOM   519  C  C   . TYR A 1 65  ? 22.492  -3.549  4.577   1.00 43.86  ? 104 TYR A C   1 
ATOM   520  O  O   . TYR A 1 65  ? 22.882  -3.255  5.692   1.00 46.16  ? 104 TYR A O   1 
ATOM   521  C  CB  . TYR A 1 65  ? 20.486  -1.948  4.592   1.00 37.77  ? 104 TYR A CB  1 
ATOM   522  C  CG  . TYR A 1 65  ? 20.899  -0.853  3.640   1.00 40.36  ? 104 TYR A CG  1 
ATOM   523  C  CD1 . TYR A 1 65  ? 20.428  -0.795  2.347   1.00 35.47  ? 104 TYR A CD1 1 
ATOM   524  C  CD2 . TYR A 1 65  ? 21.784  0.152   4.029   1.00 45.95  ? 104 TYR A CD2 1 
ATOM   525  C  CE1 . TYR A 1 65  ? 20.773  0.222   1.474   1.00 41.93  ? 104 TYR A CE1 1 
ATOM   526  C  CE2 . TYR A 1 65  ? 22.144  1.172   3.159   1.00 40.24  ? 104 TYR A CE2 1 
ATOM   527  C  CZ  . TYR A 1 65  ? 21.636  1.221   1.885   1.00 41.75  ? 104 TYR A CZ  1 
ATOM   528  O  OH  . TYR A 1 65  ? 21.995  2.202   1.004   1.00 45.80  ? 104 TYR A OH  1 
ATOM   529  N  N   . VAL A 1 66  ? 23.184  -4.217  3.667   1.00 50.42  ? 105 VAL A N   1 
ATOM   530  C  CA  . VAL A 1 66  ? 24.568  -4.735  3.839   1.00 55.51  ? 105 VAL A CA  1 
ATOM   531  C  C   . VAL A 1 66  ? 25.398  -3.976  2.832   1.00 44.48  ? 105 VAL A C   1 
ATOM   532  O  O   . VAL A 1 66  ? 25.170  -4.167  1.615   1.00 50.54  ? 105 VAL A O   1 
ATOM   533  C  CB  . VAL A 1 66  ? 24.669  -6.252  3.586   1.00 54.95  ? 105 VAL A CB  1 
ATOM   534  C  CG1 . VAL A 1 66  ? 26.113  -6.737  3.586   1.00 58.86  ? 105 VAL A CG1 1 
ATOM   535  C  CG2 . VAL A 1 66  ? 23.855  -7.041  4.586   1.00 55.10  ? 105 VAL A CG2 1 
ATOM   536  N  N   . ASN A 1 67  ? 26.296  -3.127  3.324   1.00 55.96  ? 106 ASN A N   1 
ATOM   537  C  CA  . ASN A 1 67  ? 27.267  -2.408  2.471   1.00 56.61  ? 106 ASN A CA  1 
ATOM   538  C  C   . ASN A 1 67  ? 26.499  -1.622  1.418   1.00 55.01  ? 106 ASN A C   1 
ATOM   539  O  O   . ASN A 1 67  ? 26.813  -1.788  0.243   1.00 50.76  ? 106 ASN A O   1 
ATOM   540  C  CB  . ASN A 1 67  ? 28.265  -3.386  1.848   1.00 63.68  ? 106 ASN A CB  1 
ATOM   541  C  CG  . ASN A 1 67  ? 29.157  -4.011  2.902   1.00 64.36  ? 106 ASN A CG  1 
ATOM   542  O  OD1 . ASN A 1 67  ? 29.846  -3.302  3.630   1.00 65.97  ? 106 ASN A OD1 1 
ATOM   543  N  ND2 . ASN A 1 67  ? 29.132  -5.328  3.010   1.00 60.48  ? 106 ASN A ND2 1 
ATOM   544  N  N   . GLY A 1 68  ? 25.522  -0.812  1.845   1.00 52.32  ? 107 GLY A N   1 
ATOM   545  C  CA  . GLY A 1 68  ? 24.818  0.138   0.963   1.00 48.78  ? 107 GLY A CA  1 
ATOM   546  C  C   . GLY A 1 68  ? 23.872  -0.556  0.006   1.00 44.30  ? 107 GLY A C   1 
ATOM   547  O  O   . GLY A 1 68  ? 23.497  0.042   -0.975  1.00 46.46  ? 107 GLY A O   1 
ATOM   548  N  N   . GLU A 1 69  ? 23.512  -1.801  0.258   1.00 46.22  ? 108 GLU A N   1 
ATOM   549  C  CA  . GLU A 1 69  ? 22.630  -2.515  -0.696  1.00 47.29  ? 108 GLU A CA  1 
ATOM   550  C  C   . GLU A 1 69  ? 21.711  -3.436  0.102   1.00 39.65  ? 108 GLU A C   1 
ATOM   551  O  O   . GLU A 1 69  ? 22.153  -4.064  1.035   1.00 41.27  ? 108 GLU A O   1 
ATOM   552  C  CB  . GLU A 1 69  ? 23.460  -3.206  -1.788  1.00 56.67  ? 108 GLU A CB  1 
ATOM   553  C  CG  . GLU A 1 69  ? 24.010  -4.586  -1.420  1.00 68.63  ? 108 GLU A CG  1 
ATOM   554  C  CD  . GLU A 1 69  ? 24.562  -5.434  -2.569  1.00 75.49  ? 108 GLU A CD  1 
ATOM   555  O  OE1 . GLU A 1 69  ? 24.635  -4.923  -3.711  1.00 75.19  ? 108 GLU A OE1 1 
ATOM   556  O  OE2 . GLU A 1 69  ? 24.927  -6.618  -2.322  1.00 78.82  ? 108 GLU A OE2 1 
ATOM   557  N  N   . TRP A 1 70  ? 20.420  -3.463  -0.248  0.70 40.96  ? 109 TRP A N   1 
ATOM   558  C  CA  . TRP A 1 70  ? 19.435  -4.409  0.341   0.70 36.46  ? 109 TRP A CA  1 
ATOM   559  C  C   . TRP A 1 70  ? 19.626  -5.788  -0.305  0.70 39.19  ? 109 TRP A C   1 
ATOM   560  O  O   . TRP A 1 70  ? 19.622  -5.862  -1.551  0.70 42.31  ? 109 TRP A O   1 
ATOM   561  C  CB  . TRP A 1 70  ? 17.995  -3.904  0.153   0.70 36.53  ? 109 TRP A CB  1 
ATOM   562  C  CG  . TRP A 1 70  ? 17.570  -2.816  1.095   0.70 32.47  ? 109 TRP A CG  1 
ATOM   563  C  CD1 . TRP A 1 70  ? 17.414  -1.493  0.797   0.70 34.43  ? 109 TRP A CD1 1 
ATOM   564  C  CD2 . TRP A 1 70  ? 17.184  -2.962  2.473   0.70 31.07  ? 109 TRP A CD2 1 
ATOM   565  N  NE1 . TRP A 1 70  ? 17.003  -0.801  1.903   0.70 33.48  ? 109 TRP A NE1 1 
ATOM   566  C  CE2 . TRP A 1 70  ? 16.848  -1.674  2.946   0.70 32.17  ? 109 TRP A CE2 1 
ATOM   567  C  CE3 . TRP A 1 70  ? 17.127  -4.034  3.367   0.70 31.08  ? 109 TRP A CE3 1 
ATOM   568  C  CZ2 . TRP A 1 70  ? 16.439  -1.448  4.259   0.70 32.93  ? 109 TRP A CZ2 1 
ATOM   569  C  CZ3 . TRP A 1 70  ? 16.715  -3.813  4.662   0.70 33.25  ? 109 TRP A CZ3 1 
ATOM   570  C  CH2 . TRP A 1 70  ? 16.377  -2.532  5.103   0.70 34.94  ? 109 TRP A CH2 1 
ATOM   571  N  N   . VAL A 1 71  ? 19.779  -6.837  0.502   0.70 41.23  ? 110 VAL A N   1 
ATOM   572  C  CA  . VAL A 1 71  ? 19.966  -8.235  0.008   0.70 42.65  ? 110 VAL A CA  1 
ATOM   573  C  C   . VAL A 1 71  ? 19.159  -9.187  0.884   0.70 43.69  ? 110 VAL A C   1 
ATOM   574  O  O   . VAL A 1 71  ? 18.955  -8.939  2.069   0.70 41.86  ? 110 VAL A O   1 
ATOM   575  C  CB  . VAL A 1 71  ? 21.453  -8.639  -0.049  0.70 44.25  ? 110 VAL A CB  1 
ATOM   576  C  CG1 . VAL A 1 71  ? 22.204  -7.865  -1.120  0.70 43.76  ? 110 VAL A CG1 1 
ATOM   577  C  CG2 . VAL A 1 71  ? 22.135  -8.499  1.297   0.70 43.35  ? 110 VAL A CG2 1 
ATOM   578  N  N   . PRO A 1 72  ? 18.664  -10.304 0.307   0.70 45.13  ? 111 PRO A N   1 
ATOM   579  C  CA  . PRO A 1 72  ? 17.875  -11.286 1.048   0.70 47.96  ? 111 PRO A CA  1 
ATOM   580  C  C   . PRO A 1 72  ? 18.658  -11.964 2.180   0.70 50.42  ? 111 PRO A C   1 
ATOM   581  O  O   . PRO A 1 72  ? 19.866  -11.977 2.104   0.70 53.82  ? 111 PRO A O   1 
ATOM   582  C  CB  . PRO A 1 72  ? 17.505  -12.342 -0.005  0.70 46.70  ? 111 PRO A CB  1 
ATOM   583  C  CG  . PRO A 1 72  ? 17.723  -11.662 -1.335  0.70 45.69  ? 111 PRO A CG  1 
ATOM   584  C  CD  . PRO A 1 72  ? 18.849  -10.678 -1.101  0.70 46.59  ? 111 PRO A CD  1 
ATOM   585  N  N   . GLY A 1 73  ? 17.945  -12.542 3.153   0.70 56.41  ? 112 GLY A N   1 
ATOM   586  C  CA  . GLY A 1 73  ? 18.496  -12.965 4.458   0.70 59.81  ? 112 GLY A CA  1 
ATOM   587  C  C   . GLY A 1 73  ? 18.160  -14.404 4.826   0.70 63.68  ? 112 GLY A C   1 
ATOM   588  O  O   . GLY A 1 73  ? 18.751  -15.326 4.228   0.70 69.16  ? 112 GLY A O   1 
ATOM   589  N  N   . GLY A 1 74  ? 17.259  -14.594 5.797   0.70 65.15  ? 113 GLY A N   1 
ATOM   590  C  CA  . GLY A 1 74  ? 17.057  -15.866 6.523   0.70 65.56  ? 113 GLY A CA  1 
ATOM   591  C  C   . GLY A 1 74  ? 16.468  -16.983 5.669   0.70 67.06  ? 113 GLY A C   1 
ATOM   592  O  O   . GLY A 1 74  ? 16.379  -16.835 4.428   0.70 65.28  ? 113 GLY A O   1 
ATOM   593  N  N   . LYS A 1 75  ? 16.072  -18.079 6.323   0.70 68.27  ? 114 LYS A N   1 
ATOM   594  C  CA  . LYS A 1 75  ? 15.396  -19.240 5.689   0.70 70.77  ? 114 LYS A CA  1 
ATOM   595  C  C   . LYS A 1 75  ? 13.991  -18.818 5.268   0.70 66.60  ? 114 LYS A C   1 
ATOM   596  O  O   . LYS A 1 75  ? 13.395  -17.946 5.896   0.70 58.20  ? 114 LYS A O   1 
ATOM   597  C  CB  . LYS A 1 75  ? 15.330  -20.431 6.654   0.70 73.56  ? 114 LYS A CB  1 
ATOM   598  C  CG  . LYS A 1 75  ? 14.173  -20.400 7.646   0.70 75.68  ? 114 LYS A CG  1 
ATOM   599  C  CD  . LYS A 1 75  ? 14.174  -21.555 8.629   0.70 78.43  ? 114 LYS A CD  1 
ATOM   600  C  CE  . LYS A 1 75  ? 13.331  -21.293 9.861   0.70 76.93  ? 114 LYS A CE  1 
ATOM   601  N  NZ  . LYS A 1 75  ? 13.793  -20.094 10.600  0.70 77.27  ? 114 LYS A NZ  1 
ATOM   602  N  N   . PRO A 1 76  ? 13.416  -19.435 4.210   0.70 68.62  ? 115 PRO A N   1 
ATOM   603  C  CA  . PRO A 1 76  ? 12.042  -19.148 3.804   0.70 67.55  ? 115 PRO A CA  1 
ATOM   604  C  C   . PRO A 1 76  ? 11.056  -19.358 4.961   0.70 65.04  ? 115 PRO A C   1 
ATOM   605  O  O   . PRO A 1 76  ? 10.984  -20.453 5.485   0.70 60.52  ? 115 PRO A O   1 
ATOM   606  C  CB  . PRO A 1 76  ? 11.728  -20.115 2.646   0.70 68.34  ? 115 PRO A CB  1 
ATOM   607  C  CG  . PRO A 1 76  ? 12.954  -21.008 2.492   0.70 68.61  ? 115 PRO A CG  1 
ATOM   608  C  CD  . PRO A 1 76  ? 14.069  -20.415 3.331   0.70 69.76  ? 115 PRO A CD  1 
ATOM   609  N  N   . GLU A 1 77  ? 10.337  -18.299 5.336   0.70 62.65  ? 116 GLU A N   1 
ATOM   610  C  CA  . GLU A 1 77  ? 9.214   -18.362 6.305   0.70 64.67  ? 116 GLU A CA  1 
ATOM   611  C  C   . GLU A 1 77  ? 7.941   -17.942 5.576   0.70 63.66  ? 116 GLU A C   1 
ATOM   612  O  O   . GLU A 1 77  ? 7.952   -16.978 4.819   0.70 67.51  ? 116 GLU A O   1 
ATOM   613  C  CB  . GLU A 1 77  ? 9.522   -17.499 7.531   0.70 67.34  ? 116 GLU A CB  1 
ATOM   614  C  CG  . GLU A 1 77  ? 10.836  -17.867 8.208   0.70 71.01  ? 116 GLU A CG  1 
ATOM   615  C  CD  . GLU A 1 77  ? 10.968  -17.461 9.670   0.70 72.73  ? 116 GLU A CD  1 
ATOM   616  O  OE1 . GLU A 1 77  ? 9.946   -17.096 10.284  0.70 75.61  ? 116 GLU A OE1 1 
ATOM   617  O  OE2 . GLU A 1 77  ? 12.100  -17.513 10.194  0.70 73.04  ? 116 GLU A OE2 1 
ATOM   618  N  N   . PRO A 1 78  ? 6.808   -18.649 5.779   1.00 62.87  ? 117 PRO A N   1 
ATOM   619  C  CA  . PRO A 1 78  ? 5.573   -18.340 5.060   1.00 64.03  ? 117 PRO A CA  1 
ATOM   620  C  C   . PRO A 1 78  ? 5.031   -17.010 5.587   1.00 63.34  ? 117 PRO A C   1 
ATOM   621  O  O   . PRO A 1 78  ? 5.144   -16.776 6.764   1.00 52.09  ? 117 PRO A O   1 
ATOM   622  C  CB  . PRO A 1 78  ? 4.639   -19.498 5.412   1.00 65.13  ? 117 PRO A CB  1 
ATOM   623  C  CG  . PRO A 1 78  ? 5.159   -20.000 6.756   1.00 67.84  ? 117 PRO A CG  1 
ATOM   624  C  CD  . PRO A 1 78  ? 6.655   -19.728 6.767   1.00 65.07  ? 117 PRO A CD  1 
ATOM   625  N  N   . GLN A 1 79  ? 4.618   -16.143 4.679   1.00 61.94  ? 118 GLN A N   1 
ATOM   626  C  CA  . GLN A 1 79  ? 4.164   -14.825 5.148   1.00 72.36  ? 118 GLN A CA  1 
ATOM   627  C  C   . GLN A 1 79  ? 2.657   -14.747 4.977   1.00 76.73  ? 118 GLN A C   1 
ATOM   628  O  O   . GLN A 1 79  ? 2.178   -14.643 3.856   1.00 77.05  ? 118 GLN A O   1 
ATOM   629  C  CB  . GLN A 1 79  ? 4.898   -13.743 4.367   1.00 65.61  ? 118 GLN A CB  1 
ATOM   630  C  CG  . GLN A 1 79  ? 6.389   -13.997 4.236   1.00 67.86  ? 118 GLN A CG  1 
ATOM   631  C  CD  . GLN A 1 79  ? 7.141   -13.560 5.467   1.00 68.01  ? 118 GLN A CD  1 
ATOM   632  O  OE1 . GLN A 1 79  ? 6.648   -12.775 6.269   1.00 65.26  ? 118 GLN A OE1 1 
ATOM   633  N  NE2 . GLN A 1 79  ? 8.350   -14.065 5.626   1.00 64.89  ? 118 GLN A NE2 1 
ATOM   634  N  N   . ALA A 1 80  ? 1.971   -14.671 6.107   1.00 93.65  ? 119 ALA A N   1 
ATOM   635  C  CA  . ALA A 1 80  ? 0.499   -14.571 6.108   1.00 92.64  ? 119 ALA A CA  1 
ATOM   636  C  C   . ALA A 1 80  ? 0.102   -13.229 5.498   1.00 85.40  ? 119 ALA A C   1 
ATOM   637  O  O   . ALA A 1 80  ? 0.807   -12.224 5.652   1.00 83.04  ? 119 ALA A O   1 
ATOM   638  C  CB  . ALA A 1 80  ? -0.026  -14.711 7.517   1.00 97.71  ? 119 ALA A CB  1 
ATOM   639  N  N   . PRO A 1 81  ? -1.091  -13.129 4.903   1.00 68.59  ? 120 PRO A N   1 
ATOM   640  C  CA  . PRO A 1 81  ? -1.508  -11.883 4.289   1.00 65.66  ? 120 PRO A CA  1 
ATOM   641  C  C   . PRO A 1 81  ? -1.647  -10.773 5.341   1.00 50.39  ? 120 PRO A C   1 
ATOM   642  O  O   . PRO A 1 81  ? -1.984  -11.036 6.477   1.00 57.62  ? 120 PRO A O   1 
ATOM   643  C  CB  . PRO A 1 81  ? -2.929  -12.252 3.844   1.00 30.00  ? 120 PRO A CB  1 
ATOM   644  C  CG  . PRO A 1 81  ? -3.350  -13.358 4.791   1.00 30.00  ? 120 PRO A CG  1 
ATOM   645  C  CD  . PRO A 1 81  ? -2.090  -14.179 4.903   1.00 30.00  ? 120 PRO A CD  1 
ATOM   646  N  N   . SER A 1 82  ? -1.440  -9.517  4.950   1.00 48.59  ? 121 SER A N   1 
ATOM   647  C  CA  . SER A 1 82  ? -1.656  -8.455  5.967   1.00 39.72  ? 121 SER A CA  1 
ATOM   648  C  C   . SER A 1 82  ? -3.147  -8.271  6.184   1.00 36.18  ? 121 SER A C   1 
ATOM   649  O  O   . SER A 1 82  ? -3.943  -8.586  5.312   1.00 38.93  ? 121 SER A O   1 
ATOM   650  C  CB  . SER A 1 82  ? -1.037  -7.119  5.634   1.00 30.00  ? 121 SER A CB  1 
ATOM   651  O  OG  . SER A 1 82  ? -1.959  -6.243  4.991   1.00 30.00  ? 121 SER A OG  1 
ATOM   652  N  N   . CYS A 1 83  ? -3.474  -7.560  7.253   1.00 35.54  ? 122 CYS A N   1 
ATOM   653  C  CA  . CYS A 1 83  ? -4.873  -7.180  7.543   1.00 36.58  ? 122 CYS A CA  1 
ATOM   654  C  C   . CYS A 1 83  ? -5.333  -6.127  6.520   1.00 30.78  ? 122 CYS A C   1 
ATOM   655  O  O   . CYS A 1 83  ? -4.531  -5.488  5.849   1.00 31.09  ? 122 CYS A O   1 
ATOM   656  C  CB  . CYS A 1 83  ? -5.039  -6.701  8.977   1.00 41.81  ? 122 CYS A CB  1 
ATOM   657  S  SG  . CYS A 1 83  ? -5.105  -8.049  10.188  1.00 53.10  ? 122 CYS A SG  1 
ATOM   658  N  N   . VAL A 1 84  ? -6.633  -5.967  6.390   1.00 31.24  ? 123 VAL A N   1 
ATOM   659  C  CA  . VAL A 1 84  ? -7.148  -5.012  5.384   1.00 30.36  ? 123 VAL A CA  1 
ATOM   660  C  C   . VAL A 1 84  ? -7.484  -3.667  6.032   1.00 26.97  ? 123 VAL A C   1 
ATOM   661  O  O   . VAL A 1 84  ? -7.980  -3.665  7.127   1.00 30.60  ? 123 VAL A O   1 
ATOM   662  C  CB  . VAL A 1 84  ? -8.371  -5.615  4.677   1.00 38.53  ? 123 VAL A CB  1 
ATOM   663  C  CG1 . VAL A 1 84  ? -9.481  -5.943  5.650   1.00 38.39  ? 123 VAL A CG1 1 
ATOM   664  C  CG2 . VAL A 1 84  ? -8.889  -4.710  3.590   1.00 45.70  ? 123 VAL A CG2 1 
ATOM   665  N  N   . TYR A 1 85  ? -7.151  -2.595  5.328   1.00 28.05  ? 124 TYR A N   1 
ATOM   666  C  CA  . TYR A 1 85  ? -7.510  -1.199  5.669   1.00 28.26  ? 124 TYR A CA  1 
ATOM   667  C  C   . TYR A 1 85  ? -8.682  -0.823  4.786   1.00 27.62  ? 124 TYR A C   1 
ATOM   668  O  O   . TYR A 1 85  ? -8.538  -0.879  3.551   1.00 28.09  ? 124 TYR A O   1 
ATOM   669  C  CB  . TYR A 1 85  ? -6.312  -0.278  5.456   1.00 26.34  ? 124 TYR A CB  1 
ATOM   670  C  CG  . TYR A 1 85  ? -6.611  1.197   5.636   1.00 28.03  ? 124 TYR A CG  1 
ATOM   671  C  CD1 . TYR A 1 85  ? -6.713  1.745   6.907   1.00 30.77  ? 124 TYR A CD1 1 
ATOM   672  C  CD2 . TYR A 1 85  ? -6.856  2.017   4.548   1.00 26.17  ? 124 TYR A CD2 1 
ATOM   673  C  CE1 . TYR A 1 85  ? -7.049  3.075   7.083   1.00 29.03  ? 124 TYR A CE1 1 
ATOM   674  C  CE2 . TYR A 1 85  ? -7.180  3.360   4.705   1.00 27.80  ? 124 TYR A CE2 1 
ATOM   675  C  CZ  . TYR A 1 85  ? -7.270  3.883   5.988   1.00 32.02  ? 124 TYR A CZ  1 
ATOM   676  O  OH  . TYR A 1 85  ? -7.579  5.195   6.194   1.00 29.01  ? 124 TYR A OH  1 
ATOM   677  N  N   . ILE A 1 86  ? -9.770  -0.337  5.393   1.00 26.30  ? 125 ILE A N   1 
ATOM   678  C  CA  . ILE A 1 86  ? -10.961 0.162   4.654   1.00 26.63  ? 125 ILE A CA  1 
ATOM   679  C  C   . ILE A 1 86  ? -10.808 1.664   4.427   1.00 28.73  ? 125 ILE A C   1 
ATOM   680  O  O   . ILE A 1 86  ? -10.621 2.427   5.406   1.00 29.10  ? 125 ILE A O   1 
ATOM   681  C  CB  . ILE A 1 86  ? -12.252 -0.187  5.406   1.00 31.02  ? 125 ILE A CB  1 
ATOM   682  C  CG1 . ILE A 1 86  ? -12.292 -1.675  5.751   1.00 34.82  ? 125 ILE A CG1 1 
ATOM   683  C  CG2 . ILE A 1 86  ? -13.464 0.248   4.592   1.00 28.08  ? 125 ILE A CG2 1 
ATOM   684  C  CD1 . ILE A 1 86  ? -13.393 -2.066  6.691   1.00 40.46  ? 125 ILE A CD1 1 
ATOM   685  N  N   . HIS A 1 87  ? -10.816 2.106   3.178   1.00 26.19  ? 126 HIS A N   1 
ATOM   686  C  CA  . HIS A 1 87  ? -10.778 3.542   2.885   1.00 28.13  ? 126 HIS A CA  1 
ATOM   687  C  C   . HIS A 1 87  ? -11.910 4.180   3.689   1.00 26.89  ? 126 HIS A C   1 
ATOM   688  O  O   . HIS A 1 87  ? -13.055 3.758   3.642   1.00 24.62  ? 126 HIS A O   1 
ATOM   689  C  CB  . HIS A 1 87  ? -10.942 3.855   1.404   1.00 25.08  ? 126 HIS A CB  1 
ATOM   690  C  CG  . HIS A 1 87  ? -10.523 5.250   1.125   1.00 30.35  ? 126 HIS A CG  1 
ATOM   691  N  ND1 . HIS A 1 87  ? -11.364 6.338   1.397   1.00 28.74  ? 126 HIS A ND1 1 
ATOM   692  C  CD2 . HIS A 1 87  ? -9.345  5.776   0.718   1.00 28.33  ? 126 HIS A CD2 1 
ATOM   693  C  CE1 . HIS A 1 87  ? -10.743 7.445   1.054   1.00 28.75  ? 126 HIS A CE1 1 
ATOM   694  N  NE2 . HIS A 1 87  ? -9.496  7.140   0.659   1.00 30.90  ? 126 HIS A NE2 1 
ATOM   695  N  N   . PRO A 1 88  ? -11.622 5.262   4.414   1.00 27.87  ? 127 PRO A N   1 
ATOM   696  C  CA  . PRO A 1 88  ? -12.665 5.847   5.275   1.00 29.79  ? 127 PRO A CA  1 
ATOM   697  C  C   . PRO A 1 88  ? -13.846 6.476   4.526   1.00 32.87  ? 127 PRO A C   1 
ATOM   698  O  O   . PRO A 1 88  ? -14.894 6.680   5.140   1.00 34.57  ? 127 PRO A O   1 
ATOM   699  C  CB  . PRO A 1 88  ? -11.865 6.844   6.108   1.00 30.27  ? 127 PRO A CB  1 
ATOM   700  C  CG  . PRO A 1 88  ? -10.719 7.242   5.211   1.00 33.09  ? 127 PRO A CG  1 
ATOM   701  C  CD  . PRO A 1 88  ? -10.341 5.959   4.474   1.00 28.07  ? 127 PRO A CD  1 
ATOM   702  N  N   . ASP A 1 89  ? -13.747 6.707   3.218   1.00 28.05  ? 128 ASP A N   1 
ATOM   703  C  CA  . ASP A 1 89  ? -14.910 7.178   2.427   1.00 30.36  ? 128 ASP A CA  1 
ATOM   704  C  C   . ASP A 1 89  ? -15.883 6.022   2.197   1.00 29.28  ? 128 ASP A C   1 
ATOM   705  O  O   . ASP A 1 89  ? -16.954 6.251   1.662   1.00 30.40  ? 128 ASP A O   1 
ATOM   706  C  CB  . ASP A 1 89  ? -14.533 7.779   1.083   1.00 32.23  ? 128 ASP A CB  1 
ATOM   707  C  CG  . ASP A 1 89  ? -13.701 9.033   1.136   1.00 34.20  ? 128 ASP A CG  1 
ATOM   708  O  OD1 . ASP A 1 89  ? -13.370 9.459   2.232   1.00 34.10  ? 128 ASP A OD1 1 
ATOM   709  O  OD2 . ASP A 1 89  ? -13.323 9.510   0.051   1.00 33.36  ? 128 ASP A OD2 1 
ATOM   710  N  N   . SER A 1 90  ? -15.495 4.772   2.515   1.00 29.61  ? 129 SER A N   1 
ATOM   711  C  CA  . SER A 1 90  ? -16.328 3.584   2.240   1.00 28.39  ? 129 SER A CA  1 
ATOM   712  C  C   . SER A 1 90  ? -17.483 3.521   3.233   1.00 28.34  ? 129 SER A C   1 
ATOM   713  O  O   . SER A 1 90  ? -17.327 3.941   4.356   1.00 32.40  ? 129 SER A O   1 
ATOM   714  C  CB  . SER A 1 90  ? -15.557 2.294   2.341   1.00 29.00  ? 129 SER A CB  1 
ATOM   715  O  OG  . SER A 1 90  ? -14.347 2.356   1.594   1.00 25.11  ? 129 SER A OG  1 
ATOM   716  N  N   . PRO A 1 91  ? -18.661 2.989   2.880   1.00 31.59  ? 130 PRO A N   1 
ATOM   717  C  CA  . PRO A 1 91  ? -19.048 2.667   1.513   1.00 31.22  ? 130 PRO A CA  1 
ATOM   718  C  C   . PRO A 1 91  ? -19.447 3.924   0.748   1.00 35.50  ? 130 PRO A C   1 
ATOM   719  O  O   . PRO A 1 91  ? -19.811 4.893   1.395   1.00 31.65  ? 130 PRO A O   1 
ATOM   720  C  CB  . PRO A 1 91  ? -20.253 1.770   1.708   1.00 34.98  ? 130 PRO A CB  1 
ATOM   721  C  CG  . PRO A 1 91  ? -20.858 2.267   2.991   1.00 35.68  ? 130 PRO A CG  1 
ATOM   722  C  CD  . PRO A 1 91  ? -19.710 2.688   3.855   1.00 34.22  ? 130 PRO A CD  1 
ATOM   723  N  N   . ASN A 1 92  ? -19.383 3.914   -0.573  1.00 32.19  ? 131 ASN A N   1 
ATOM   724  C  CA  . ASN A 1 92  ? -19.672 5.155   -1.331  1.00 31.34  ? 131 ASN A CA  1 
ATOM   725  C  C   . ASN A 1 92  ? -20.098 4.804   -2.754  1.00 34.83  ? 131 ASN A C   1 
ATOM   726  O  O   . ASN A 1 92  ? -19.903 3.677   -3.188  1.00 33.21  ? 131 ASN A O   1 
ATOM   727  C  CB  . ASN A 1 92  ? -18.571 6.223   -1.211  1.00 30.11  ? 131 ASN A CB  1 
ATOM   728  C  CG  . ASN A 1 92  ? -19.167 7.588   -0.882  1.00 32.16  ? 131 ASN A CG  1 
ATOM   729  O  OD1 . ASN A 1 92  ? -20.096 8.015   -1.552  1.00 35.18  ? 131 ASN A OD1 1 
ATOM   730  N  ND2 . ASN A 1 92  ? -18.649 8.264   0.130   1.00 32.40  ? 131 ASN A ND2 1 
ATOM   731  N  N   . PHE A 1 93  ? -20.829 5.718   -3.394  1.00 34.61  ? 132 PHE A N   1 
ATOM   732  C  CA  . PHE A 1 93  ? -21.252 5.599   -4.800  1.00 36.47  ? 132 PHE A CA  1 
ATOM   733  C  C   . PHE A 1 93  ? -20.018 5.528   -5.714  1.00 29.56  ? 132 PHE A C   1 
ATOM   734  O  O   . PHE A 1 93  ? -19.008 6.214   -5.414  1.00 35.00  ? 132 PHE A O   1 
ATOM   735  C  CB  . PHE A 1 93  ? -22.144 6.792   -5.155  1.00 38.81  ? 132 PHE A CB  1 
ATOM   736  C  CG  . PHE A 1 93  ? -23.438 6.722   -4.385  1.00 38.17  ? 132 PHE A CG  1 
ATOM   737  C  CD1 . PHE A 1 93  ? -24.397 5.779   -4.705  1.00 40.15  ? 132 PHE A CD1 1 
ATOM   738  C  CD2 . PHE A 1 93  ? -23.638 7.532   -3.281  1.00 39.35  ? 132 PHE A CD2 1 
ATOM   739  C  CE1 . PHE A 1 93  ? -25.559 5.676   -3.959  1.00 43.37  ? 132 PHE A CE1 1 
ATOM   740  C  CE2 . PHE A 1 93  ? -24.805 7.427   -2.534  1.00 40.80  ? 132 PHE A CE2 1 
ATOM   741  C  CZ  . PHE A 1 93  ? -25.755 6.502   -2.874  1.00 37.19  ? 132 PHE A CZ  1 
ATOM   742  N  N   . GLY A 1 94  ? -20.130 4.795   -6.807  1.00 36.72  ? 133 GLY A N   1 
ATOM   743  C  CA  . GLY A 1 94  ? -19.142 4.844   -7.904  1.00 37.72  ? 133 GLY A CA  1 
ATOM   744  C  C   . GLY A 1 94  ? -18.771 6.269   -8.257  1.00 39.96  ? 133 GLY A C   1 
ATOM   745  O  O   . GLY A 1 94  ? -17.579 6.582   -8.333  1.00 38.86  ? 133 GLY A O   1 
ATOM   746  N  N   . ALA A 1 95  ? -19.762 7.164   -8.413  1.00 41.06  ? 134 ALA A N   1 
ATOM   747  C  CA  . ALA A 1 95  ? -19.531 8.581   -8.761  1.00 38.17  ? 134 ALA A CA  1 
ATOM   748  C  C   . ALA A 1 95  ? -18.498 9.208   -7.825  1.00 36.65  ? 134 ALA A C   1 
ATOM   749  O  O   . ALA A 1 95  ? -17.713 10.075  -8.271  1.00 37.52  ? 134 ALA A O   1 
ATOM   750  C  CB  . ALA A 1 95  ? -20.837 9.331   -8.671  1.00 39.41  ? 134 ALA A CB  1 
ATOM   751  N  N   . HIS A 1 96  ? -18.566 8.866   -6.539  1.00 32.34  ? 135 HIS A N   1 
ATOM   752  C  CA  . HIS A 1 96  ? -17.711 9.458   -5.490  1.00 34.72  ? 135 HIS A CA  1 
ATOM   753  C  C   . HIS A 1 96  ? -16.263 9.030   -5.729  1.00 32.82  ? 135 HIS A C   1 
ATOM   754  O  O   . HIS A 1 96  ? -15.338 9.843   -5.681  1.00 35.51  ? 135 HIS A O   1 
ATOM   755  C  CB  . HIS A 1 96  ? -18.167 9.018   -4.096  1.00 33.67  ? 135 HIS A CB  1 
ATOM   756  C  CG  . HIS A 1 96  ? -17.205 9.443   -3.052  1.00 34.37  ? 135 HIS A CG  1 
ATOM   757  N  ND1 . HIS A 1 96  ? -17.233 10.711  -2.495  1.00 38.59  ? 135 HIS A ND1 1 
ATOM   758  C  CD2 . HIS A 1 96  ? -16.161 8.782   -2.494  1.00 31.46  ? 135 HIS A CD2 1 
ATOM   759  C  CE1 . HIS A 1 96  ? -16.257 10.822  -1.611  1.00 40.08  ? 135 HIS A CE1 1 
ATOM   760  N  NE2 . HIS A 1 96  ? -15.573 9.633   -1.596  1.00 36.39  ? 135 HIS A NE2 1 
ATOM   761  N  N   . TRP A 1 97  ? -16.109 7.760   -5.946  1.00 34.02  ? 136 TRP A N   1 
ATOM   762  C  CA  . TRP A 1 97  ? -14.775 7.154   -6.167  1.00 29.73  ? 136 TRP A CA  1 
ATOM   763  C  C   . TRP A 1 97  ? -14.158 7.629   -7.475  1.00 34.26  ? 136 TRP A C   1 
ATOM   764  O  O   . TRP A 1 97  ? -12.928 7.631   -7.562  1.00 37.48  ? 136 TRP A O   1 
ATOM   765  C  CB  . TRP A 1 97  ? -14.949 5.651   -6.191  1.00 30.99  ? 136 TRP A CB  1 
ATOM   766  C  CG  . TRP A 1 97  ? -15.431 5.094   -4.903  1.00 30.88  ? 136 TRP A CG  1 
ATOM   767  C  CD1 . TRP A 1 97  ? -16.566 4.362   -4.738  1.00 28.46  ? 136 TRP A CD1 1 
ATOM   768  C  CD2 . TRP A 1 97  ? -14.771 5.124   -3.630  1.00 27.56  ? 136 TRP A CD2 1 
ATOM   769  N  NE1 . TRP A 1 97  ? -16.655 3.934   -3.453  1.00 26.78  ? 136 TRP A NE1 1 
ATOM   770  C  CE2 . TRP A 1 97  ? -15.604 4.422   -2.737  1.00 25.91  ? 136 TRP A CE2 1 
ATOM   771  C  CE3 . TRP A 1 97  ? -13.583 5.691   -3.143  1.00 29.98  ? 136 TRP A CE3 1 
ATOM   772  C  CZ2 . TRP A 1 97  ? -15.253 4.196   -1.411  1.00 25.17  ? 136 TRP A CZ2 1 
ATOM   773  C  CZ3 . TRP A 1 97  ? -13.266 5.514   -1.817  1.00 26.60  ? 136 TRP A CZ3 1 
ATOM   774  C  CH2 . TRP A 1 97  ? -14.082 4.772   -0.966  1.00 25.49  ? 136 TRP A CH2 1 
ATOM   775  N  N   . MET A 1 98  ? -14.976 7.963   -8.478  1.00 36.31  ? 137 MET A N   1 
ATOM   776  C  CA  . MET A 1 98  ? -14.468 8.310   -9.832  1.00 39.95  ? 137 MET A CA  1 
ATOM   777  C  C   . MET A 1 98  ? -14.268 9.821   -9.951  1.00 38.96  ? 137 MET A C   1 
ATOM   778  O  O   . MET A 1 98  ? -13.582 10.180  -10.885 1.00 40.76  ? 137 MET A O   1 
ATOM   779  C  CB  . MET A 1 98  ? -15.408 7.812   -10.934 1.00 40.23  ? 137 MET A CB  1 
ATOM   780  C  CG  . MET A 1 98  ? -15.383 6.313   -11.138 1.00 42.00  ? 137 MET A CG  1 
ATOM   781  S  SD  . MET A 1 98  ? -16.402 5.753   -12.558 1.00 40.98  ? 137 MET A SD  1 
ATOM   782  C  CE  . MET A 1 98  ? -18.052 5.981   -11.897 1.00 48.25  ? 137 MET A CE  1 
ATOM   783  N  N   . LYS A 1 99  ? -14.721 10.661  -9.004  1.00 40.92  ? 138 LYS A N   1 
ATOM   784  C  CA  . LYS A 1 99  ? -14.644 12.148  -9.110  1.00 41.52  ? 138 LYS A CA  1 
ATOM   785  C  C   . LYS A 1 99  ? -13.240 12.666  -8.786  1.00 46.04  ? 138 LYS A C   1 
ATOM   786  O  O   . LYS A 1 99  ? -12.866 13.761  -9.281  1.00 41.40  ? 138 LYS A O   1 
ATOM   787  C  CB  . LYS A 1 99  ? -15.764 12.863  -8.321  1.00 45.18  ? 138 LYS A CB  1 
ATOM   788  C  CG  . LYS A 1 99  ? -15.815 12.746  -6.798  1.00 48.80  ? 138 LYS A CG  1 
ATOM   789  C  CD  . LYS A 1 99  ? -17.134 13.326  -6.148  1.00 56.15  ? 138 LYS A CD  1 
ATOM   790  C  CE  . LYS A 1 99  ? -17.304 13.137  -4.634  1.00 55.09  ? 138 LYS A CE  1 
ATOM   791  N  NZ  . LYS A 1 99  ? -18.707 12.872  -4.156  1.00 42.28  ? 138 LYS A NZ  1 
ATOM   792  N  N   . ALA A 1 100 ? -12.432 11.929  -8.032  1.00 42.61  ? 139 ALA A N   1 
ATOM   793  C  CA  . ALA A 1 100 ? -11.044 12.341  -7.731  1.00 38.71  ? 139 ALA A CA  1 
ATOM   794  C  C   . ALA A 1 100 ? -10.223 11.088  -7.452  1.00 36.90  ? 139 ALA A C   1 
ATOM   795  O  O   . ALA A 1 100 ? -10.800 10.059  -7.154  1.00 35.98  ? 139 ALA A O   1 
ATOM   796  C  CB  . ALA A 1 100 ? -11.023 13.300  -6.562  1.00 40.31  ? 139 ALA A CB  1 
ATOM   797  N  N   . PRO A 1 101 ? -8.880  11.124  -7.562  1.00 36.17  ? 140 PRO A N   1 
ATOM   798  C  CA  . PRO A 1 101 ? -8.084  9.968   -7.187  1.00 36.18  ? 140 PRO A CA  1 
ATOM   799  C  C   . PRO A 1 101 ? -8.461  9.488   -5.780  1.00 32.78  ? 140 PRO A C   1 
ATOM   800  O  O   . PRO A 1 101 ? -8.667  10.281  -4.900  1.00 34.32  ? 140 PRO A O   1 
ATOM   801  C  CB  . PRO A 1 101 ? -6.644  10.491  -7.232  1.00 39.10  ? 140 PRO A CB  1 
ATOM   802  C  CG  . PRO A 1 101 ? -6.688  11.627  -8.220  1.00 41.20  ? 140 PRO A CG  1 
ATOM   803  C  CD  . PRO A 1 101 ? -8.056  12.255  -8.025  1.00 39.97  ? 140 PRO A CD  1 
ATOM   804  N  N   . VAL A 1 102 ? -8.539  8.181   -5.588  1.00 31.84  ? 141 VAL A N   1 
ATOM   805  C  CA  . VAL A 1 102 ? -8.782  7.589   -4.245  1.00 34.02  ? 141 VAL A CA  1 
ATOM   806  C  C   . VAL A 1 102 ? -7.451  7.551   -3.492  1.00 32.41  ? 141 VAL A C   1 
ATOM   807  O  O   . VAL A 1 102 ? -6.502  6.842   -3.924  1.00 30.52  ? 141 VAL A O   1 
ATOM   808  C  CB  . VAL A 1 102 ? -9.432  6.208   -4.359  1.00 32.66  ? 141 VAL A CB  1 
ATOM   809  C  CG1 . VAL A 1 102 ? -9.743  5.638   -2.991  1.00 30.08  ? 141 VAL A CG1 1 
ATOM   810  C  CG2 . VAL A 1 102 ? -10.665 6.250   -5.256  1.00 37.02  ? 141 VAL A CG2 1 
ATOM   811  N  N   . SER A 1 103 ? -7.335  8.363   -2.445  1.00 29.79  ? 142 SER A N   1 
ATOM   812  C  CA  . SER A 1 103 ? -6.048  8.602   -1.781  1.00 31.05  ? 142 SER A CA  1 
ATOM   813  C  C   . SER A 1 103 ? -6.031  7.897   -0.416  1.00 28.77  ? 142 SER A C   1 
ATOM   814  O  O   . SER A 1 103 ? -6.885  8.182   0.438   1.00 29.64  ? 142 SER A O   1 
ATOM   815  C  CB  . SER A 1 103 ? -5.844  10.084  -1.703  1.00 32.12  ? 142 SER A CB  1 
ATOM   816  O  OG  . SER A 1 103 ? -4.826  10.369  -0.804  1.00 35.91  ? 142 SER A OG  1 
ATOM   817  N  N   . PHE A 1 104 ? -5.088  6.986   -0.182  1.00 26.73  ? 143 PHE A N   1 
ATOM   818  C  CA  . PHE A 1 104 ? -5.018  6.236   1.097   1.00 27.22  ? 143 PHE A CA  1 
ATOM   819  C  C   . PHE A 1 104 ? -4.113  6.988   2.098   1.00 31.29  ? 143 PHE A C   1 
ATOM   820  O  O   . PHE A 1 104 ? -3.144  6.431   2.644   1.00 29.88  ? 143 PHE A O   1 
ATOM   821  C  CB  . PHE A 1 104 ? -4.585  4.787   0.785   1.00 27.18  ? 143 PHE A CB  1 
ATOM   822  C  CG  . PHE A 1 104 ? -5.652  3.974   0.088   1.00 26.15  ? 143 PHE A CG  1 
ATOM   823  C  CD1 . PHE A 1 104 ? -6.559  3.204   0.793   1.00 26.24  ? 143 PHE A CD1 1 
ATOM   824  C  CD2 . PHE A 1 104 ? -5.748  3.996   -1.296  1.00 30.51  ? 143 PHE A CD2 1 
ATOM   825  C  CE1 . PHE A 1 104 ? -7.517  2.447   0.146   1.00 27.51  ? 143 PHE A CE1 1 
ATOM   826  C  CE2 . PHE A 1 104 ? -6.693  3.220   -1.948  1.00 30.33  ? 143 PHE A CE2 1 
ATOM   827  C  CZ  . PHE A 1 104 ? -7.574  2.453   -1.230  1.00 28.03  ? 143 PHE A CZ  1 
ATOM   828  N  N   . SER A 1 105 ? -4.418  8.256   2.374   1.00 28.94  ? 144 SER A N   1 
ATOM   829  C  CA  . SER A 1 105 ? -3.511  9.154   3.126   1.00 29.84  ? 144 SER A CA  1 
ATOM   830  C  C   . SER A 1 105 ? -3.552  8.838   4.619   1.00 27.17  ? 144 SER A C   1 
ATOM   831  O  O   . SER A 1 105 ? -2.618  9.305   5.323   1.00 33.30  ? 144 SER A O   1 
ATOM   832  C  CB  . SER A 1 105 ? -3.851  10.584  2.867   1.00 30.44  ? 144 SER A CB  1 
ATOM   833  O  OG  . SER A 1 105 ? -5.179  10.779  3.235   1.00 34.88  ? 144 SER A OG  1 
ATOM   834  N  N   . LYS A 1 106 ? -4.560  8.126   5.114   1.00 29.24  ? 145 LYS A N   1 
ATOM   835  C  CA  . LYS A 1 106 ? -4.749  7.941   6.574   1.00 30.28  ? 145 LYS A CA  1 
ATOM   836  C  C   . LYS A 1 106 ? -4.348  6.537   7.043   1.00 33.42  ? 145 LYS A C   1 
ATOM   837  O  O   . LYS A 1 106 ? -4.308  6.295   8.260   1.00 31.31  ? 145 LYS A O   1 
ATOM   838  C  CB  . LYS A 1 106 ? -6.195  8.265   6.939   1.00 33.21  ? 145 LYS A CB  1 
ATOM   839  C  CG  . LYS A 1 106 ? -6.614  9.683   6.612   1.00 31.69  ? 145 LYS A CG  1 
ATOM   840  C  CD  . LYS A 1 106 ? -5.761  10.735  7.269   1.00 34.25  ? 145 LYS A CD  1 
ATOM   841  C  CE  . LYS A 1 106 ? -6.534  12.040  7.382   1.00 33.34  ? 145 LYS A CE  1 
ATOM   842  N  NZ  . LYS A 1 106 ? -5.654  13.101  7.909   1.00 37.99  ? 145 LYS A NZ  1 
ATOM   843  N  N   . VAL A 1 107 ? -3.936  5.652   6.133   1.00 33.53  ? 146 VAL A N   1 
ATOM   844  C  CA  . VAL A 1 107 ? -3.498  4.311   6.593   1.00 29.61  ? 146 VAL A CA  1 
ATOM   845  C  C   . VAL A 1 107 ? -2.190  4.497   7.351   1.00 26.66  ? 146 VAL A C   1 
ATOM   846  O  O   . VAL A 1 107 ? -1.302  5.218   6.882   1.00 28.03  ? 146 VAL A O   1 
ATOM   847  C  CB  . VAL A 1 107 ? -3.354  3.286   5.443   1.00 28.01  ? 146 VAL A CB  1 
ATOM   848  C  CG1 . VAL A 1 107 ? -2.271  3.696   4.447   1.00 29.57  ? 146 VAL A CG1 1 
ATOM   849  C  CG2 . VAL A 1 107 ? -3.081  1.913   6.031   1.00 30.08  ? 146 VAL A CG2 1 
ATOM   850  N  N   . LYS A 1 108 ? -2.082  3.805   8.474   1.00 31.13  ? 147 LYS A N   1 
ATOM   851  C  CA  . LYS A 1 108 ? -0.857  3.822   9.301   1.00 31.27  ? 147 LYS A CA  1 
ATOM   852  C  C   . LYS A 1 108 ? -0.258  2.422   9.362   1.00 29.61  ? 147 LYS A C   1 
ATOM   853  O  O   . LYS A 1 108 ? -0.982  1.473   9.636   1.00 32.60  ? 147 LYS A O   1 
ATOM   854  C  CB  . LYS A 1 108 ? -1.209  4.297   10.709  1.00 35.36  ? 147 LYS A CB  1 
ATOM   855  C  CG  . LYS A 1 108 ? -1.476  5.796   10.771  1.00 41.39  ? 147 LYS A CG  1 
ATOM   856  C  CD  . LYS A 1 108 ? -2.351  6.224   11.916  1.00 47.65  ? 147 LYS A CD  1 
ATOM   857  C  CE  . LYS A 1 108 ? -1.575  6.703   13.114  1.00 49.11  ? 147 LYS A CE  1 
ATOM   858  N  NZ  . LYS A 1 108 ? -2.472  7.423   14.046  1.00 47.60  ? 147 LYS A NZ  1 
ATOM   859  N  N   . LEU A 1 109 ? 1.032   2.347   9.133   1.00 30.61  ? 148 LEU A N   1 
ATOM   860  C  CA  . LEU A 1 109 ? 1.816   1.085   9.116   1.00 30.38  ? 148 LEU A CA  1 
ATOM   861  C  C   . LEU A 1 109 ? 2.508   0.937   10.477  1.00 34.98  ? 148 LEU A C   1 
ATOM   862  O  O   . LEU A 1 109 ? 3.240   1.880   10.880  1.00 31.75  ? 148 LEU A O   1 
ATOM   863  C  CB  . LEU A 1 109 ? 2.817   1.173   7.966   1.00 28.38  ? 148 LEU A CB  1 
ATOM   864  C  CG  . LEU A 1 109 ? 2.215   1.408   6.566   1.00 27.66  ? 148 LEU A CG  1 
ATOM   865  C  CD1 . LEU A 1 109 ? 3.288   1.308   5.492   1.00 27.57  ? 148 LEU A CD1 1 
ATOM   866  C  CD2 . LEU A 1 109 ? 1.069   0.433   6.312   1.00 33.13  ? 148 LEU A CD2 1 
ATOM   867  N  N   . THR A 1 110 ? 2.347   -0.213  11.116  1.00 33.82  ? 149 THR A N   1 
ATOM   868  C  CA  . THR A 1 110 ? 2.918   -0.503  12.463  1.00 34.33  ? 149 THR A CA  1 
ATOM   869  C  C   . THR A 1 110 ? 3.716   -1.813  12.434  1.00 36.44  ? 149 THR A C   1 
ATOM   870  O  O   . THR A 1 110 ? 3.532   -2.640  11.506  1.00 34.65  ? 149 THR A O   1 
ATOM   871  C  CB  . THR A 1 110 ? 1.832   -0.519  13.549  1.00 36.89  ? 149 THR A CB  1 
ATOM   872  O  OG1 . THR A 1 110 ? 2.467   -0.650  14.823  1.00 42.28  ? 149 THR A OG1 1 
ATOM   873  C  CG2 . THR A 1 110 ? 0.825   -1.640  13.421  1.00 33.13  ? 149 THR A CG2 1 
ATOM   874  N  N   . ASN A 1 111 ? 4.524   -2.033  13.468  1.00 37.60  ? 150 ASN A N   1 
ATOM   875  C  CA  . ASN A 1 111 ? 5.246   -3.316  13.685  1.00 41.28  ? 150 ASN A CA  1 
ATOM   876  C  C   . ASN A 1 111 ? 4.695   -4.033  14.918  1.00 46.50  ? 150 ASN A C   1 
ATOM   877  O  O   . ASN A 1 111 ? 5.321   -5.022  15.315  1.00 48.10  ? 150 ASN A O   1 
ATOM   878  C  CB  . ASN A 1 111 ? 6.765   -3.101  13.734  1.00 44.74  ? 150 ASN A CB  1 
ATOM   879  C  CG  . ASN A 1 111 ? 7.232   -2.046  14.722  1.00 42.93  ? 150 ASN A CG  1 
ATOM   880  O  OD1 . ASN A 1 111 ? 8.425   -1.799  14.825  1.00 58.14  ? 150 ASN A OD1 1 
ATOM   881  N  ND2 . ASN A 1 111 ? 6.322   -1.409  15.425  1.00 41.09  ? 150 ASN A ND2 1 
ATOM   882  N  N   . LYS A 1 112 ? 3.564   -3.584  15.480  1.00 51.56  ? 151 LYS A N   1 
ATOM   883  C  CA  . LYS A 1 112 ? 2.959   -4.124  16.734  1.00 55.73  ? 151 LYS A CA  1 
ATOM   884  C  C   . LYS A 1 112 ? 1.458   -4.331  16.529  1.00 61.83  ? 151 LYS A C   1 
ATOM   885  O  O   . LYS A 1 112 ? 0.825   -3.385  16.029  1.00 58.93  ? 151 LYS A O   1 
ATOM   886  C  CB  . LYS A 1 112 ? 3.166   -3.144  17.897  1.00 61.52  ? 151 LYS A CB  1 
ATOM   887  C  CG  . LYS A 1 112 ? 4.601   -2.684  18.127  1.00 61.29  ? 151 LYS A CG  1 
ATOM   888  C  CD  . LYS A 1 112 ? 5.486   -3.761  18.719  1.00 65.83  ? 151 LYS A CD  1 
ATOM   889  C  CE  . LYS A 1 112 ? 6.939   -3.353  18.835  1.00 61.81  ? 151 LYS A CE  1 
ATOM   890  N  NZ  . LYS A 1 112 ? 7.739   -4.438  19.452  1.00 64.45  ? 151 LYS A NZ  1 
ATOM   891  N  N   . LEU A 1 113 ? 0.906   -5.496  16.908  1.00 69.21  ? 152 LEU A N   1 
ATOM   892  C  CA  . LEU A 1 113 ? -0.569  -5.726  16.939  1.00 72.86  ? 152 LEU A CA  1 
ATOM   893  C  C   . LEU A 1 113 ? -1.181  -4.721  17.924  1.00 77.25  ? 152 LEU A C   1 
ATOM   894  O  O   . LEU A 1 113 ? -0.607  -4.512  19.011  1.00 77.35  ? 152 LEU A O   1 
ATOM   895  C  CB  . LEU A 1 113 ? -0.952  -7.184  17.256  1.00 75.15  ? 152 LEU A CB  1 
ATOM   896  C  CG  . LEU A 1 113 ? -0.190  -7.977  18.329  1.00 77.70  ? 152 LEU A CG  1 
ATOM   897  C  CD1 . LEU A 1 113 ? 0.957   -8.781  17.726  1.00 75.99  ? 152 LEU A CD1 1 
ATOM   898  C  CD2 . LEU A 1 113 ? 0.294   -7.126  19.503  1.00 75.60  ? 152 LEU A CD2 1 
ATOM   899  N  N   . ASN A 1 114 ? -2.268  -4.066  17.516  1.00 80.59  ? 153 ASN A N   1 
ATOM   900  C  CA  . ASN A 1 114 ? -2.705  -2.762  18.084  1.00 91.34  ? 153 ASN A CA  1 
ATOM   901  C  C   . ASN A 1 114 ? -4.238  -2.707  18.079  1.00 90.35  ? 153 ASN A C   1 
ATOM   902  O  O   . ASN A 1 114 ? -4.858  -3.647  17.534  1.00 87.34  ? 153 ASN A O   1 
ATOM   903  C  CB  . ASN A 1 114 ? -2.059  -1.590  17.324  1.00 93.18  ? 153 ASN A CB  1 
ATOM   904  C  CG  . ASN A 1 114 ? -0.612  -1.315  17.701  1.00 96.43  ? 153 ASN A CG  1 
ATOM   905  O  OD1 . ASN A 1 114 ? -0.223  -1.423  18.868  1.00 90.66  ? 153 ASN A OD1 1 
ATOM   906  N  ND2 . ASN A 1 114 ? 0.198   -0.932  16.723  1.00 86.94  ? 153 ASN A ND2 1 
ATOM   907  N  N   . GLY A 1 115 ? -4.813  -1.657  18.681  1.00 94.56  ? 154 GLY A N   1 
ATOM   908  C  CA  . GLY A 1 115 ? -6.271  -1.439  18.806  1.00 97.94  ? 154 GLY A CA  1 
ATOM   909  C  C   . GLY A 1 115 ? -6.996  -1.640  17.484  1.00 92.41  ? 154 GLY A C   1 
ATOM   910  O  O   . GLY A 1 115 ? -7.622  -2.707  17.295  1.00 86.16  ? 154 GLY A O   1 
ATOM   911  N  N   . GLY A 1 116 ? -6.911  -0.656  16.589  1.00 88.08  ? 155 GLY A N   1 
ATOM   912  C  CA  . GLY A 1 116 ? -7.566  -0.708  15.269  1.00 85.67  ? 155 GLY A CA  1 
ATOM   913  C  C   . GLY A 1 116 ? -7.051  0.376   14.349  1.00 77.70  ? 155 GLY A C   1 
ATOM   914  O  O   . GLY A 1 116 ? -6.263  1.216   14.799  1.00 79.83  ? 155 GLY A O   1 
ATOM   915  N  N   . GLY A 1 117 ? -7.518  0.381   13.106  1.00 73.08  ? 156 GLY A N   1 
ATOM   916  C  CA  . GLY A 1 117 ? -6.984  1.247   12.042  1.00 71.82  ? 156 GLY A CA  1 
ATOM   917  C  C   . GLY A 1 117 ? -5.673  0.693   11.517  1.00 63.08  ? 156 GLY A C   1 
ATOM   918  O  O   . GLY A 1 117 ? -5.708  0.074   10.436  1.00 63.15  ? 156 GLY A O   1 
ATOM   919  N  N   . GLN A 1 118 ? -4.588  0.834   12.297  1.00 56.90  ? 157 GLN A N   1 
ATOM   920  C  CA  . GLN A 1 118 ? -3.177  0.579   11.876  1.00 50.27  ? 157 GLN A CA  1 
ATOM   921  C  C   . GLN A 1 118 ? -3.051  -0.824  11.279  1.00 46.11  ? 157 GLN A C   1 
ATOM   922  O  O   . GLN A 1 118 ? -3.703  -1.734  11.791  1.00 40.73  ? 157 GLN A O   1 
ATOM   923  C  CB  . GLN A 1 118 ? -2.172  0.628   13.029  1.00 48.56  ? 157 GLN A CB  1 
ATOM   924  C  CG  . GLN A 1 118 ? -2.173  1.912   13.829  1.00 56.07  ? 157 GLN A CG  1 
ATOM   925  C  CD  . GLN A 1 118 ? -2.642  1.692   15.247  1.00 61.54  ? 157 GLN A CD  1 
ATOM   926  O  OE1 . GLN A 1 118 ? -1.946  2.011   16.206  1.00 64.32  ? 157 GLN A OE1 1 
ATOM   927  N  NE2 . GLN A 1 118 ? -3.833  1.138   15.396  1.00 58.86  ? 157 GLN A NE2 1 
ATOM   928  N  N   . ILE A 1 119 ? -2.214  -0.979  10.252  1.00 37.57  ? 158 ILE A N   1 
ATOM   929  C  CA  . ILE A 1 119 ? -1.934  -2.296  9.621   1.00 35.31  ? 158 ILE A CA  1 
ATOM   930  C  C   . ILE A 1 119 ? -0.569  -2.779  10.090  1.00 33.13  ? 158 ILE A C   1 
ATOM   931  O  O   . ILE A 1 119 ? 0.403   -2.054  9.877   1.00 30.47  ? 158 ILE A O   1 
ATOM   932  C  CB  . ILE A 1 119 ? -1.980  -2.169  8.088   1.00 35.38  ? 158 ILE A CB  1 
ATOM   933  C  CG1 . ILE A 1 119 ? -3.342  -1.650  7.608   1.00 32.82  ? 158 ILE A CG1 1 
ATOM   934  C  CG2 . ILE A 1 119 ? -1.550  -3.472  7.463   1.00 35.63  ? 158 ILE A CG2 1 
ATOM   935  C  CD1 . ILE A 1 119 ? -4.557  -2.413  8.098   1.00 35.21  ? 158 ILE A CD1 1 
ATOM   936  N  N   . MET A 1 120 ? -0.506  -3.975  10.682  1.00 37.08  ? 159 MET A N   1 
ATOM   937  C  CA  . MET A 1 120 ? 0.785   -4.517  11.172  1.00 39.14  ? 159 MET A CA  1 
ATOM   938  C  C   . MET A 1 120 ? 1.529   -5.147  10.010  1.00 35.40  ? 159 MET A C   1 
ATOM   939  O  O   . MET A 1 120 ? 0.923   -5.953  9.281   1.00 34.15  ? 159 MET A O   1 
ATOM   940  C  CB  . MET A 1 120 ? 0.621   -5.575  12.261  1.00 45.09  ? 159 MET A CB  1 
ATOM   941  C  CG  . MET A 1 120 ? 1.961   -6.055  12.822  1.00 49.44  ? 159 MET A CG  1 
ATOM   942  S  SD  . MET A 1 120 ? 1.665   -7.193  14.168  1.00 64.85  ? 159 MET A SD  1 
ATOM   943  C  CE  . MET A 1 120 ? 1.234   -8.680  13.261  1.00 67.59  ? 159 MET A CE  1 
ATOM   944  N  N   . LEU A 1 121 ? 2.758   -4.703  9.784   1.00 30.02  ? 160 LEU A N   1 
ATOM   945  C  CA  . LEU A 1 121 ? 3.681   -5.350  8.840   1.00 28.54  ? 160 LEU A CA  1 
ATOM   946  C  C   . LEU A 1 121 ? 4.857   -5.873  9.655   1.00 37.47  ? 160 LEU A C   1 
ATOM   947  O  O   . LEU A 1 121 ? 5.037   -5.395  10.802  1.00 36.03  ? 160 LEU A O   1 
ATOM   948  C  CB  . LEU A 1 121 ? 4.137   -4.349  7.786   1.00 30.94  ? 160 LEU A CB  1 
ATOM   949  C  CG  . LEU A 1 121 ? 3.050   -3.667  6.977   1.00 28.91  ? 160 LEU A CG  1 
ATOM   950  C  CD1 . LEU A 1 121 ? 3.656   -2.686  5.991   1.00 27.01  ? 160 LEU A CD1 1 
ATOM   951  C  CD2 . LEU A 1 121 ? 2.182   -4.685  6.237   1.00 32.98  ? 160 LEU A CD2 1 
ATOM   952  N  N   . ASN A 1 122 ? 5.583   -6.831  9.090   1.00 39.19  ? 161 ASN A N   1 
ATOM   953  C  CA  . ASN A 1 122 ? 6.888   -7.319  9.613   1.00 41.87  ? 161 ASN A CA  1 
ATOM   954  C  C   . ASN A 1 122 ? 8.001   -6.411  9.102   1.00 39.52  ? 161 ASN A C   1 
ATOM   955  O  O   . ASN A 1 122 ? 8.213   -6.284  7.856   1.00 35.86  ? 161 ASN A O   1 
ATOM   956  C  CB  . ASN A 1 122 ? 7.204   -8.755  9.212   1.00 44.20  ? 161 ASN A CB  1 
ATOM   957  C  CG  . ASN A 1 122 ? 6.230   -9.747  9.802   1.00 46.56  ? 161 ASN A CG  1 
ATOM   958  O  OD1 . ASN A 1 122 ? 5.804   -9.606  10.949  1.00 45.42  ? 161 ASN A OD1 1 
ATOM   959  N  ND2 . ASN A 1 122 ? 5.846   -10.724 8.999   1.00 56.58  ? 161 ASN A ND2 1 
ATOM   960  N  N   . SER A 1 123 ? 8.760   -5.840  10.022  1.00 33.67  ? 162 SER A N   1 
ATOM   961  C  CA  . SER A 1 123 ? 9.934   -5.046  9.629   1.00 35.81  ? 162 SER A CA  1 
ATOM   962  C  C   . SER A 1 123 ? 10.892  -5.913  8.806   1.00 30.51  ? 162 SER A C   1 
ATOM   963  O  O   . SER A 1 123 ? 10.964  -7.121  9.108   1.00 34.27  ? 162 SER A O   1 
ATOM   964  C  CB  . SER A 1 123 ? 10.601  -4.442  10.834  1.00 40.67  ? 162 SER A CB  1 
ATOM   965  O  OG  . SER A 1 123 ? 11.525  -3.467  10.378  1.00 46.21  ? 162 SER A OG  1 
ATOM   966  N  N   . LEU A 1 124 ? 11.615  -5.289  7.868   1.00 31.47  ? 163 LEU A N   1 
ATOM   967  C  CA  . LEU A 1 124 ? 12.640  -5.859  6.961   1.00 32.39  ? 163 LEU A CA  1 
ATOM   968  C  C   . LEU A 1 124 ? 12.014  -6.928  6.025   1.00 32.36  ? 163 LEU A C   1 
ATOM   969  O  O   . LEU A 1 124 ? 12.774  -7.703  5.422   1.00 34.67  ? 163 LEU A O   1 
ATOM   970  C  CB  . LEU A 1 124 ? 13.808  -6.427  7.785   1.00 36.98  ? 163 LEU A CB  1 
ATOM   971  C  CG  . LEU A 1 124 ? 14.550  -5.396  8.657   1.00 40.79  ? 163 LEU A CG  1 
ATOM   972  C  CD1 . LEU A 1 124 ? 15.889  -5.935  9.140   1.00 44.88  ? 163 LEU A CD1 1 
ATOM   973  C  CD2 . LEU A 1 124 ? 14.790  -4.093  7.919   1.00 40.61  ? 163 LEU A CD2 1 
ATOM   974  N  N   . HIS A 1 125 ? 10.688  -6.919  5.850   1.00 30.86  ? 164 HIS A N   1 
ATOM   975  C  CA  . HIS A 1 125 ? 10.027  -7.675  4.747   1.00 28.66  ? 164 HIS A CA  1 
ATOM   976  C  C   . HIS A 1 125 ? 9.614   -6.714  3.639   1.00 31.81  ? 164 HIS A C   1 
ATOM   977  O  O   . HIS A 1 125 ? 9.288   -5.500  3.934   1.00 27.71  ? 164 HIS A O   1 
ATOM   978  C  CB  . HIS A 1 125 ? 8.862   -8.513  5.242   1.00 33.57  ? 164 HIS A CB  1 
ATOM   979  C  CG  . HIS A 1 125 ? 9.380   -9.624  6.081   1.00 38.69  ? 164 HIS A CG  1 
ATOM   980  N  ND1 . HIS A 1 125 ? 10.088  -9.383  7.259   1.00 44.68  ? 164 HIS A ND1 1 
ATOM   981  C  CD2 . HIS A 1 125 ? 9.428   -10.956 5.863   1.00 39.76  ? 164 HIS A CD2 1 
ATOM   982  C  CE1 . HIS A 1 125 ? 10.499  -10.544 7.765   1.00 41.26  ? 164 HIS A CE1 1 
ATOM   983  N  NE2 . HIS A 1 125 ? 10.106  -11.523 6.931   1.00 43.87  ? 164 HIS A NE2 1 
ATOM   984  N  N   . LYS A 1 126 ? 9.570   -7.250  2.423   1.00 28.98  ? 165 LYS A N   1 
ATOM   985  C  CA  . LYS A 1 126 ? 9.218   -6.475  1.228   1.00 28.39  ? 165 LYS A CA  1 
ATOM   986  C  C   . LYS A 1 126 ? 7.721   -6.697  0.940   1.00 30.67  ? 165 LYS A C   1 
ATOM   987  O  O   . LYS A 1 126 ? 7.262   -7.852  1.000   1.00 25.79  ? 165 LYS A O   1 
ATOM   988  C  CB  . LYS A 1 126 ? 10.163  -6.891  0.114   1.00 32.40  ? 165 LYS A CB  1 
ATOM   989  C  CG  . LYS A 1 126 ? 9.874   -6.253  -1.232  1.00 37.34  ? 165 LYS A CG  1 
ATOM   990  C  CD  . LYS A 1 126 ? 10.934  -6.552  -2.279  1.00 40.44  ? 165 LYS A CD  1 
ATOM   991  C  CE  . LYS A 1 126 ? 12.257  -5.866  -2.006  1.00 42.48  ? 165 LYS A CE  1 
ATOM   992  N  NZ  . LYS A 1 126 ? 13.128  -5.871  -3.205  1.00 44.61  ? 165 LYS A NZ  1 
ATOM   993  N  N   . TYR A 1 127 ? 7.025   -5.641  0.544   1.00 27.64  ? 166 TYR A N   1 
ATOM   994  C  CA  . TYR A 1 127 ? 5.548   -5.613  0.424   1.00 24.33  ? 166 TYR A CA  1 
ATOM   995  C  C   . TYR A 1 127 ? 5.182   -4.983  -0.901  1.00 23.50  ? 166 TYR A C   1 
ATOM   996  O  O   . TYR A 1 127 ? 5.838   -4.035  -1.364  1.00 24.95  ? 166 TYR A O   1 
ATOM   997  C  CB  . TYR A 1 127 ? 4.873   -4.867  1.584   1.00 22.35  ? 166 TYR A CB  1 
ATOM   998  C  CG  . TYR A 1 127 ? 4.964   -5.628  2.871   1.00 24.40  ? 166 TYR A CG  1 
ATOM   999  C  CD1 . TYR A 1 127 ? 4.175   -6.715  3.129   1.00 27.36  ? 166 TYR A CD1 1 
ATOM   1000 C  CD2 . TYR A 1 127 ? 5.953   -5.326  3.794   1.00 29.58  ? 166 TYR A CD2 1 
ATOM   1001 C  CE1 . TYR A 1 127 ? 4.247   -7.419  4.316   1.00 29.43  ? 166 TYR A CE1 1 
ATOM   1002 C  CE2 . TYR A 1 127 ? 6.082   -6.052  4.965   1.00 28.66  ? 166 TYR A CE2 1 
ATOM   1003 C  CZ  . TYR A 1 127 ? 5.245   -7.110  5.227   1.00 32.57  ? 166 TYR A CZ  1 
ATOM   1004 O  OH  . TYR A 1 127 ? 5.394   -7.826  6.390   1.00 36.75  ? 166 TYR A OH  1 
ATOM   1005 N  N   . GLU A 1 128 ? 4.059   -5.472  -1.452  1.00 24.01  ? 167 GLU A N   1 
ATOM   1006 C  CA  . GLU A 1 128 ? 3.416   -4.934  -2.671  1.00 23.93  ? 167 GLU A CA  1 
ATOM   1007 C  C   . GLU A 1 128 ? 1.992   -4.546  -2.299  1.00 24.60  ? 167 GLU A C   1 
ATOM   1008 O  O   . GLU A 1 128 ? 1.176   -5.391  -1.969  1.00 23.77  ? 167 GLU A O   1 
ATOM   1009 C  CB  . GLU A 1 128 ? 3.371   -6.007  -3.792  1.00 21.25  ? 167 GLU A CB  1 
ATOM   1010 C  CG  . GLU A 1 128 ? 2.875   -5.480  -5.107  1.00 24.37  ? 167 GLU A CG  1 
ATOM   1011 C  CD  . GLU A 1 128 ? 3.126   -6.436  -6.278  1.00 22.69  ? 167 GLU A CD  1 
ATOM   1012 O  OE1 . GLU A 1 128 ? 2.277   -7.374  -6.441  1.00 24.72  ? 167 GLU A OE1 1 
ATOM   1013 O  OE2 . GLU A 1 128 ? 4.048   -6.201  -6.984  1.00 21.08  ? 167 GLU A OE2 1 
ATOM   1014 N  N   . PRO A 1 129 ? 1.721   -3.233  -2.186  1.00 22.30  ? 168 PRO A N   1 
ATOM   1015 C  CA  . PRO A 1 129 ? 0.370   -2.762  -1.981  1.00 23.17  ? 168 PRO A CA  1 
ATOM   1016 C  C   . PRO A 1 129 ? -0.599  -3.351  -3.030  1.00 21.91  ? 168 PRO A C   1 
ATOM   1017 O  O   . PRO A 1 129 ? -0.229  -3.442  -4.212  1.00 23.10  ? 168 PRO A O   1 
ATOM   1018 C  CB  . PRO A 1 129 ? 0.489   -1.256  -2.192  1.00 24.72  ? 168 PRO A CB  1 
ATOM   1019 C  CG  . PRO A 1 129 ? 1.912   -0.992  -1.660  1.00 23.58  ? 168 PRO A CG  1 
ATOM   1020 C  CD  . PRO A 1 129 ? 2.721   -2.148  -2.249  1.00 25.33  ? 168 PRO A CD  1 
ATOM   1021 N  N   . ARG A 1 130 ? -1.809  -3.566  -2.549  1.00 23.97  ? 169 ARG A N   1 
ATOM   1022 C  CA  . ARG A 1 130 ? -2.903  -4.189  -3.324  1.00 23.15  ? 169 ARG A CA  1 
ATOM   1023 C  C   . ARG A 1 130 ? -4.251  -3.608  -2.903  1.00 22.00  ? 169 ARG A C   1 
ATOM   1024 O  O   . ARG A 1 130 ? -4.490  -3.434  -1.666  1.00 23.85  ? 169 ARG A O   1 
ATOM   1025 C  CB  . ARG A 1 130 ? -2.842  -5.696  -3.124  1.00 23.18  ? 169 ARG A CB  1 
ATOM   1026 C  CG  . ARG A 1 130 ? -3.943  -6.423  -3.896  1.00 25.41  ? 169 ARG A CG  1 
ATOM   1027 C  CD  . ARG A 1 130 ? -3.696  -7.912  -3.775  1.00 21.95  ? 169 ARG A CD  1 
ATOM   1028 N  NE  . ARG A 1 130 ? -4.005  -8.370  -2.432  1.00 23.40  ? 169 ARG A NE  1 
ATOM   1029 C  CZ  . ARG A 1 130 ? -4.007  -9.598  -2.011  1.00 25.26  ? 169 ARG A CZ  1 
ATOM   1030 N  NH1 . ARG A 1 130 ? -3.640  -10.586 -2.828  1.00 23.63  ? 169 ARG A NH1 1 
ATOM   1031 N  NH2 . ARG A 1 130 ? -4.364  -9.869  -0.780  1.00 25.57  ? 169 ARG A NH2 1 
ATOM   1032 N  N   . ILE A 1 131 ? -5.115  -3.279  -3.867  1.00 21.40  ? 170 ILE A N   1 
ATOM   1033 C  CA  . ILE A 1 131 ? -6.471  -2.834  -3.460  1.00 22.98  ? 170 ILE A CA  1 
ATOM   1034 C  C   . ILE A 1 131 ? -7.492  -3.905  -3.854  1.00 29.14  ? 170 ILE A C   1 
ATOM   1035 O  O   . ILE A 1 131 ? -7.225  -4.695  -4.771  1.00 25.18  ? 170 ILE A O   1 
ATOM   1036 C  CB  . ILE A 1 131 ? -6.827  -1.440  -3.974  1.00 25.93  ? 170 ILE A CB  1 
ATOM   1037 C  CG1 . ILE A 1 131 ? -6.828  -1.403  -5.492  1.00 28.55  ? 170 ILE A CG1 1 
ATOM   1038 C  CG2 . ILE A 1 131 ? -5.907  -0.379  -3.372  1.00 27.40  ? 170 ILE A CG2 1 
ATOM   1039 C  CD1 . ILE A 1 131 ? -7.462  -0.169  -6.102  1.00 33.15  ? 170 ILE A CD1 1 
ATOM   1040 N  N   . HIS A 1 132 ? -8.616  -3.881  -3.157  1.00 27.67  ? 171 HIS A N   1 
ATOM   1041 C  CA  . HIS A 1 132 ? -9.834  -4.618  -3.510  1.00 25.26  ? 171 HIS A CA  1 
ATOM   1042 C  C   . HIS A 1 132 ? -10.962 -3.605  -3.641  1.00 28.21  ? 171 HIS A C   1 
ATOM   1043 O  O   . HIS A 1 132 ? -11.148 -2.800  -2.677  1.00 26.92  ? 171 HIS A O   1 
ATOM   1044 C  CB  . HIS A 1 132 ? -10.155 -5.687  -2.500  1.00 27.17  ? 171 HIS A CB  1 
ATOM   1045 C  CG  . HIS A 1 132 ? -8.967  -6.483  -2.115  1.00 30.45  ? 171 HIS A CG  1 
ATOM   1046 N  ND1 . HIS A 1 132 ? -8.459  -7.481  -2.939  1.00 28.35  ? 171 HIS A ND1 1 
ATOM   1047 C  CD2 . HIS A 1 132 ? -8.214  -6.473  -1.003  1.00 28.57  ? 171 HIS A CD2 1 
ATOM   1048 C  CE1 . HIS A 1 132 ? -7.432  -8.030  -2.346  1.00 29.69  ? 171 HIS A CE1 1 
ATOM   1049 N  NE2 . HIS A 1 132 ? -7.266  -7.450  -1.139  1.00 29.16  ? 171 HIS A NE2 1 
ATOM   1050 N  N   . ILE A 1 133 ? -11.615 -3.614  -4.800  1.00 29.13  ? 172 ILE A N   1 
ATOM   1051 C  CA  . ILE A 1 133 ? -12.848 -2.799  -5.017  1.00 30.97  ? 172 ILE A CA  1 
ATOM   1052 C  C   . ILE A 1 133 ? -14.024 -3.754  -4.913  1.00 31.95  ? 172 ILE A C   1 
ATOM   1053 O  O   . ILE A 1 133 ? -14.149 -4.726  -5.744  1.00 31.94  ? 172 ILE A O   1 
ATOM   1054 C  CB  . ILE A 1 133 ? -12.830 -2.013  -6.328  1.00 33.62  ? 172 ILE A CB  1 
ATOM   1055 C  CG1 . ILE A 1 133 ? -11.618 -1.102  -6.444  1.00 33.13  ? 172 ILE A CG1 1 
ATOM   1056 C  CG2 . ILE A 1 133 ? -14.120 -1.203  -6.453  1.00 31.97  ? 172 ILE A CG2 1 
ATOM   1057 C  CD1 . ILE A 1 133 ? -11.415 -0.540  -7.810  1.00 32.87  ? 172 ILE A CD1 1 
ATOM   1058 N  N   . VAL A 1 134 ? -14.813 -3.543  -3.860  1.00 30.35  ? 173 VAL A N   1 
ATOM   1059 C  CA  . VAL A 1 134 ? -15.880 -4.488  -3.420  1.00 29.76  ? 173 VAL A CA  1 
ATOM   1060 C  C   . VAL A 1 134 ? -17.228 -3.806  -3.665  1.00 31.46  ? 173 VAL A C   1 
ATOM   1061 O  O   . VAL A 1 134 ? -17.496 -2.789  -3.026  1.00 32.91  ? 173 VAL A O   1 
ATOM   1062 C  CB  . VAL A 1 134 ? -15.719 -4.903  -1.957  1.00 30.30  ? 173 VAL A CB  1 
ATOM   1063 C  CG1 . VAL A 1 134 ? -16.740 -5.975  -1.634  1.00 30.24  ? 173 VAL A CG1 1 
ATOM   1064 C  CG2 . VAL A 1 134 ? -14.302 -5.411  -1.669  1.00 32.72  ? 173 VAL A CG2 1 
ATOM   1065 N  N   . ARG A 1 135 ? -17.998 -4.324  -4.611  1.00 33.93  ? 174 ARG A N   1 
ATOM   1066 C  CA  . ARG A 1 135 ? -19.398 -3.856  -4.804  1.00 37.65  ? 174 ARG A CA  1 
ATOM   1067 C  C   . ARG A 1 135 ? -20.221 -4.473  -3.686  1.00 37.90  ? 174 ARG A C   1 
ATOM   1068 O  O   . ARG A 1 135 ? -20.368 -5.727  -3.675  1.00 42.92  ? 174 ARG A O   1 
ATOM   1069 C  CB  . ARG A 1 135 ? -19.909 -4.222  -6.200  1.00 43.11  ? 174 ARG A CB  1 
ATOM   1070 C  CG  . ARG A 1 135 ? -21.213 -3.541  -6.579  1.00 46.67  ? 174 ARG A CG  1 
ATOM   1071 C  CD  . ARG A 1 135 ? -21.556 -3.888  -8.005  1.00 56.65  ? 174 ARG A CD  1 
ATOM   1072 N  NE  . ARG A 1 135 ? -22.787 -3.233  -8.441  1.00 65.07  ? 174 ARG A NE  1 
ATOM   1073 C  CZ  . ARG A 1 135 ? -23.271 -3.286  -9.685  1.00 67.00  ? 174 ARG A CZ  1 
ATOM   1074 N  NH1 . ARG A 1 135 ? -22.631 -3.968  -10.621 1.00 66.50  ? 174 ARG A NH1 1 
ATOM   1075 N  NH2 . ARG A 1 135 ? -24.382 -2.641  -9.994  1.00 71.14  ? 174 ARG A NH2 1 
ATOM   1076 N  N   . VAL A 1 136 ? -20.801 -3.609  -2.845  1.00 43.92  ? 175 VAL A N   1 
ATOM   1077 C  CA  . VAL A 1 136 ? -21.586 -3.953  -1.626  1.00 46.06  ? 175 VAL A CA  1 
ATOM   1078 C  C   . VAL A 1 136 ? -23.071 -3.607  -1.852  1.00 58.66  ? 175 VAL A C   1 
ATOM   1079 O  O   . VAL A 1 136 ? -23.401 -2.731  -2.708  1.00 49.57  ? 175 VAL A O   1 
ATOM   1080 C  CB  . VAL A 1 136 ? -21.005 -3.198  -0.406  1.00 46.17  ? 175 VAL A CB  1 
ATOM   1081 C  CG1 . VAL A 1 136 ? -19.606 -3.692  -0.047  1.00 49.12  ? 175 VAL A CG1 1 
ATOM   1082 C  CG2 . VAL A 1 136 ? -20.943 -1.692  -0.621  1.00 48.71  ? 175 VAL A CG2 1 
ATOM   1083 N  N   . GLY A 1 137 ? -23.965 -4.241  -1.095  1.00 69.52  ? 176 GLY A N   1 
ATOM   1084 C  CA  . GLY A 1 137 ? -25.380 -3.823  -1.004  1.00 77.70  ? 176 GLY A CA  1 
ATOM   1085 C  C   . GLY A 1 137 ? -26.187 -4.121  -2.261  1.00 83.37  ? 176 GLY A C   1 
ATOM   1086 O  O   . GLY A 1 137 ? -27.435 -4.001  -2.189  1.00 78.06  ? 176 GLY A O   1 
ATOM   1087 N  N   . GLY A 1 138 ? -25.517 -4.430  -3.382  1.00 83.50  ? 177 GLY A N   1 
ATOM   1088 C  CA  . GLY A 1 138 ? -26.134 -5.052  -4.569  1.00 84.63  ? 177 GLY A CA  1 
ATOM   1089 C  C   . GLY A 1 138 ? -26.655 -6.444  -4.219  1.00 86.19  ? 177 GLY A C   1 
ATOM   1090 O  O   . GLY A 1 138 ? -26.409 -6.956  -3.129  1.00 73.96  ? 177 GLY A O   1 
ATOM   1091 N  N   . PRO A 1 139 ? -27.412 -7.102  -5.118  1.00 95.18  ? 178 PRO A N   1 
ATOM   1092 C  CA  . PRO A 1 139 ? -27.732 -8.514  -4.920  1.00 91.01  ? 178 PRO A CA  1 
ATOM   1093 C  C   . PRO A 1 139 ? -26.412 -9.259  -5.141  1.00 86.99  ? 178 PRO A C   1 
ATOM   1094 O  O   . PRO A 1 139 ? -25.977 -9.994  -4.266  1.00 78.85  ? 178 PRO A O   1 
ATOM   1095 C  CB  . PRO A 1 139 ? -28.796 -8.821  -5.984  1.00 96.79  ? 178 PRO A CB  1 
ATOM   1096 C  CG  . PRO A 1 139 ? -28.636 -7.723  -7.044  1.00 99.54  ? 178 PRO A CG  1 
ATOM   1097 C  CD  . PRO A 1 139 ? -27.953 -6.547  -6.369  1.00 97.68  ? 178 PRO A CD  1 
ATOM   1098 N  N   . GLN A 1 140 ? -25.794 -8.949  -6.287  1.00 87.76  ? 179 GLN A N   1 
ATOM   1099 C  CA  . GLN A 1 140 ? -24.564 -9.562  -6.841  1.00 82.50  ? 179 GLN A CA  1 
ATOM   1100 C  C   . GLN A 1 140 ? -23.343 -8.871  -6.215  1.00 66.54  ? 179 GLN A C   1 
ATOM   1101 O  O   . GLN A 1 140 ? -22.934 -7.778  -6.679  1.00 66.49  ? 179 GLN A O   1 
ATOM   1102 C  CB  . GLN A 1 140 ? -24.573 -9.460  -8.377  1.00 94.96  ? 179 GLN A CB  1 
ATOM   1103 C  CG  . GLN A 1 140 ? -24.218 -8.074  -8.931  1.00 107.09 ? 179 GLN A CG  1 
ATOM   1104 C  CD  . GLN A 1 140 ? -25.283 -7.411  -9.775  1.00 110.73 ? 179 GLN A CD  1 
ATOM   1105 O  OE1 . GLN A 1 140 ? -25.172 -7.316  -10.998 1.00 111.63 ? 179 GLN A OE1 1 
ATOM   1106 N  NE2 . GLN A 1 140 ? -26.309 -6.893  -9.116  1.00 106.32 ? 179 GLN A NE2 1 
ATOM   1107 N  N   . ARG A 1 141 ? -22.790 -9.508  -5.181  0.50 60.37  ? 180 ARG A N   1 
ATOM   1108 C  CA  . ARG A 1 141 ? -21.435 -9.242  -4.633  0.50 56.60  ? 180 ARG A CA  1 
ATOM   1109 C  C   . ARG A 1 141 ? -20.412 -9.279  -5.778  0.50 50.76  ? 180 ARG A C   1 
ATOM   1110 O  O   . ARG A 1 141 ? -20.612 -10.082 -6.717  0.50 44.25  ? 180 ARG A O   1 
ATOM   1111 C  CB  . ARG A 1 141 ? -21.134 -10.290 -3.559  0.50 59.37  ? 180 ARG A CB  1 
ATOM   1112 C  CG  . ARG A 1 141 ? -21.810 -9.986  -2.233  0.50 61.80  ? 180 ARG A CG  1 
ATOM   1113 C  CD  . ARG A 1 141 ? -21.694 -8.499  -1.960  0.50 62.67  ? 180 ARG A CD  1 
ATOM   1114 N  NE  . ARG A 1 141 ? -22.023 -8.159  -0.588  0.50 64.38  ? 180 ARG A NE  1 
ATOM   1115 C  CZ  . ARG A 1 141 ? -22.312 -9.049  0.356   0.50 66.91  ? 180 ARG A CZ  1 
ATOM   1116 N  NH1 . ARG A 1 141 ? -22.599 -8.639  1.577   0.50 68.44  ? 180 ARG A NH1 1 
ATOM   1117 N  NH2 . ARG A 1 141 ? -22.311 -10.341 0.076   0.50 66.17  ? 180 ARG A NH2 1 
ATOM   1118 N  N   . MET A 1 142 ? -19.389 -8.413  -5.743  1.00 46.29  ? 181 MET A N   1 
ATOM   1119 C  CA  . MET A 1 142 ? -18.252 -8.509  -6.702  1.00 42.30  ? 181 MET A CA  1 
ATOM   1120 C  C   . MET A 1 142 ? -16.998 -7.882  -6.080  1.00 38.99  ? 181 MET A C   1 
ATOM   1121 O  O   . MET A 1 142 ? -17.084 -6.840  -5.384  1.00 29.83  ? 181 MET A O   1 
ATOM   1122 C  CB  . MET A 1 142 ? -18.556 -7.855  -8.057  1.00 38.74  ? 181 MET A CB  1 
ATOM   1123 C  CG  . MET A 1 142 ? -17.509 -8.084  -9.156  1.00 42.00  ? 181 MET A CG  1 
ATOM   1124 S  SD  . MET A 1 142 ? -16.884 -9.799  -9.418  1.00 42.54  ? 181 MET A SD  1 
ATOM   1125 C  CE  . MET A 1 142 ? -15.553 -9.527  -10.585 1.00 51.64  ? 181 MET A CE  1 
ATOM   1126 N  N   . ILE A 1 143 ? -15.863 -8.522  -6.319  1.00 35.67  ? 182 ILE A N   1 
ATOM   1127 C  CA  . ILE A 1 143 ? -14.527 -7.997  -5.929  1.00 32.80  ? 182 ILE A CA  1 
ATOM   1128 C  C   . ILE A 1 143 ? -13.681 -7.867  -7.187  1.00 33.46  ? 182 ILE A C   1 
ATOM   1129 O  O   . ILE A 1 143 ? -13.594 -8.881  -7.934  1.00 32.02  ? 182 ILE A O   1 
ATOM   1130 C  CB  . ILE A 1 143 ? -13.843 -8.885  -4.898  1.00 31.83  ? 182 ILE A CB  1 
ATOM   1131 C  CG1 . ILE A 1 143 ? -14.691 -9.006  -3.635  1.00 32.28  ? 182 ILE A CG1 1 
ATOM   1132 C  CG2 . ILE A 1 143 ? -12.421 -8.348  -4.649  1.00 32.60  ? 182 ILE A CG2 1 
ATOM   1133 C  CD1 . ILE A 1 143 ? -14.289 -10.120 -2.735  1.00 38.27  ? 182 ILE A CD1 1 
ATOM   1134 N  N   . THR A 1 144 ? -13.021 -6.726  -7.360  1.00 30.57  ? 183 THR A N   1 
ATOM   1135 C  CA  . THR A 1 144 ? -11.922 -6.548  -8.342  1.00 34.10  ? 183 THR A CA  1 
ATOM   1136 C  C   . THR A 1 144 ? -10.654 -6.203  -7.558  1.00 32.16  ? 183 THR A C   1 
ATOM   1137 O  O   . THR A 1 144 ? -10.708 -5.283  -6.709  1.00 31.67  ? 183 THR A O   1 
ATOM   1138 C  CB  . THR A 1 144 ? -12.235 -5.515  -9.410  1.00 36.61  ? 183 THR A CB  1 
ATOM   1139 O  OG1 . THR A 1 144 ? -12.182 -4.217  -8.832  1.00 65.15  ? 183 THR A OG1 1 
ATOM   1140 C  CG2 . THR A 1 144 ? -13.600 -5.695  -10.030 1.00 34.95  ? 183 THR A CG2 1 
ATOM   1141 N  N   . SER A 1 145 ? -9.564  -6.901  -7.844  1.00 31.16  ? 184 SER A N   1 
ATOM   1142 C  CA  . SER A 1 145 ? -8.301  -6.627  -7.124  1.00 30.53  ? 184 SER A CA  1 
ATOM   1143 C  C   . SER A 1 145 ? -7.304  -6.026  -8.087  1.00 30.81  ? 184 SER A C   1 
ATOM   1144 O  O   . SER A 1 145 ? -7.317  -6.313  -9.294  1.00 31.35  ? 184 SER A O   1 
ATOM   1145 C  CB  . SER A 1 145 ? -7.810  -7.814  -6.424  1.00 32.28  ? 184 SER A CB  1 
ATOM   1146 O  OG  . SER A 1 145 ? -8.793  -8.272  -5.502  1.00 33.19  ? 184 SER A OG  1 
ATOM   1147 N  N   . HIS A 1 146 ? -6.401  -5.212  -7.571  1.00 26.17  ? 185 HIS A N   1 
ATOM   1148 C  CA  . HIS A 1 146 ? -5.296  -4.676  -8.376  1.00 26.80  ? 185 HIS A CA  1 
ATOM   1149 C  C   . HIS A 1 146 ? -4.071  -4.463  -7.482  1.00 25.88  ? 185 HIS A C   1 
ATOM   1150 O  O   . HIS A 1 146 ? -4.182  -3.803  -6.399  1.00 28.32  ? 185 HIS A O   1 
ATOM   1151 C  CB  . HIS A 1 146 ? -5.759  -3.378  -9.005  1.00 28.99  ? 185 HIS A CB  1 
ATOM   1152 C  CG  . HIS A 1 146 ? -4.927  -2.975  -10.153 1.00 33.56  ? 185 HIS A CG  1 
ATOM   1153 N  ND1 . HIS A 1 146 ? -3.773  -2.217  -10.002 1.00 40.50  ? 185 HIS A ND1 1 
ATOM   1154 C  CD2 . HIS A 1 146 ? -5.054  -3.228  -11.464 1.00 34.52  ? 185 HIS A CD2 1 
ATOM   1155 C  CE1 . HIS A 1 146 ? -3.236  -2.027  -11.175 1.00 36.89  ? 185 HIS A CE1 1 
ATOM   1156 N  NE2 . HIS A 1 146 ? -3.987  -2.654  -12.078 1.00 36.80  ? 185 HIS A NE2 1 
ATOM   1157 N  N   A CYS A 1 147 ? -2.919  -4.947  -7.961  0.25 28.05  ? 186 CYS A N   1 
ATOM   1158 N  N   B CYS A 1 147 ? -2.906  -4.936  -7.897  0.25 24.90  ? 186 CYS A N   1 
ATOM   1159 C  CA  A CYS A 1 147 ? -1.567  -4.775  -7.357  0.25 27.42  ? 186 CYS A CA  1 
ATOM   1160 C  CA  B CYS A 1 147 ? -1.652  -4.698  -7.136  0.25 22.48  ? 186 CYS A CA  1 
ATOM   1161 C  C   A CYS A 1 147 ? -0.855  -3.578  -7.944  0.25 26.92  ? 186 CYS A C   1 
ATOM   1162 C  C   B CYS A 1 147 ? -0.762  -3.734  -7.915  0.25 23.17  ? 186 CYS A C   1 
ATOM   1163 O  O   A CYS A 1 147 ? -1.119  -3.248  -9.117  0.25 28.65  ? 186 CYS A O   1 
ATOM   1164 O  O   B CYS A 1 147 ? -0.880  -3.652  -9.137  0.25 24.22  ? 186 CYS A O   1 
ATOM   1165 C  CB  A CYS A 1 147 ? -0.623  -5.910  -7.709  0.25 31.18  ? 186 CYS A CB  1 
ATOM   1166 C  CB  B CYS A 1 147 ? -0.926  -5.998  -6.849  0.25 21.94  ? 186 CYS A CB  1 
ATOM   1167 S  SG  A CYS A 1 147 ? -1.176  -7.488  -7.045  0.25 27.35  ? 186 CYS A SG  1 
ATOM   1168 S  SG  B CYS A 1 147 ? -0.653  -6.949  -8.368  0.25 18.45  ? 186 CYS A SG  1 
ATOM   1169 N  N   . PHE A 1 148 ? 0.079   -3.001  -7.182  1.00 25.89  ? 187 PHE A N   1 
ATOM   1170 C  CA  . PHE A 1 148 ? 0.838   -1.863  -7.696  1.00 26.59  ? 187 PHE A CA  1 
ATOM   1171 C  C   . PHE A 1 148 ? 2.316   -2.138  -7.534  1.00 28.31  ? 187 PHE A C   1 
ATOM   1172 O  O   . PHE A 1 148 ? 2.935   -1.665  -6.594  1.00 26.88  ? 187 PHE A O   1 
ATOM   1173 C  CB  . PHE A 1 148 ? 0.381   -0.641  -6.931  1.00 28.76  ? 187 PHE A CB  1 
ATOM   1174 C  CG  . PHE A 1 148 ? -1.048  -0.271  -7.202  1.00 25.77  ? 187 PHE A CG  1 
ATOM   1175 C  CD1 . PHE A 1 148 ? -1.381  0.477   -8.316  1.00 30.52  ? 187 PHE A CD1 1 
ATOM   1176 C  CD2 . PHE A 1 148 ? -2.038  -0.708  -6.356  1.00 26.73  ? 187 PHE A CD2 1 
ATOM   1177 C  CE1 . PHE A 1 148 ? -2.703  0.806   -8.578  1.00 33.56  ? 187 PHE A CE1 1 
ATOM   1178 C  CE2 . PHE A 1 148 ? -3.362  -0.360  -6.600  1.00 31.50  ? 187 PHE A CE2 1 
ATOM   1179 C  CZ  . PHE A 1 148 ? -3.683  0.403   -7.700  1.00 29.02  ? 187 PHE A CZ  1 
ATOM   1180 N  N   . PRO A 1 149 ? 2.924   -2.885  -8.474  1.00 26.24  ? 188 PRO A N   1 
ATOM   1181 C  CA  . PRO A 1 149 ? 4.354   -3.163  -8.411  1.00 24.33  ? 188 PRO A CA  1 
ATOM   1182 C  C   . PRO A 1 149 ? 5.238   -1.919  -8.187  1.00 24.99  ? 188 PRO A C   1 
ATOM   1183 O  O   . PRO A 1 149 ? 6.246   -2.086  -7.520  1.00 26.31  ? 188 PRO A O   1 
ATOM   1184 C  CB  . PRO A 1 149 ? 4.658   -3.814  -9.763  1.00 27.81  ? 188 PRO A CB  1 
ATOM   1185 C  CG  . PRO A 1 149 ? 3.333   -4.279  -10.337 1.00 32.66  ? 188 PRO A CG  1 
ATOM   1186 C  CD  . PRO A 1 149 ? 2.236   -3.570  -9.566  1.00 28.86  ? 188 PRO A CD  1 
ATOM   1187 N  N   . GLU A 1 150 ? 4.876   -0.782  -8.793  1.00 25.18  ? 189 GLU A N   1 
ATOM   1188 C  CA  . GLU A 1 150 ? 5.620   0.514   -8.733  1.00 28.34  ? 189 GLU A CA  1 
ATOM   1189 C  C   . GLU A 1 150 ? 5.742   0.950   -7.273  1.00 26.18  ? 189 GLU A C   1 
ATOM   1190 O  O   . GLU A 1 150 ? 6.613   1.816   -6.977  1.00 27.21  ? 189 GLU A O   1 
ATOM   1191 C  CB  . GLU A 1 150 ? 4.876   1.528   -9.601  1.00 32.55  ? 189 GLU A CB  1 
ATOM   1192 C  CG  . GLU A 1 150 ? 4.289   0.882   -10.871 1.00 38.07  ? 189 GLU A CG  1 
ATOM   1193 C  CD  . GLU A 1 150 ? 2.773   0.630   -11.027 1.00 37.83  ? 189 GLU A CD  1 
ATOM   1194 O  OE1 . GLU A 1 150 ? 2.234   1.180   -12.028 1.00 52.57  ? 189 GLU A OE1 1 
ATOM   1195 O  OE2 . GLU A 1 150 ? 2.089   -0.094  -10.216 1.00 25.39  ? 189 GLU A OE2 1 
ATOM   1196 N  N   . THR A 1 151 ? 4.866   0.453   -6.391  1.00 26.35  ? 190 THR A N   1 
ATOM   1197 C  CA  . THR A 1 151 ? 4.700   0.978   -5.010  1.00 25.65  ? 190 THR A CA  1 
ATOM   1198 C  C   . THR A 1 151 ? 5.342   -0.003  -4.025  1.00 26.52  ? 190 THR A C   1 
ATOM   1199 O  O   . THR A 1 151 ? 5.116   0.129   -2.841  1.00 29.69  ? 190 THR A O   1 
ATOM   1200 C  CB  . THR A 1 151 ? 3.244   1.285   -4.649  1.00 26.01  ? 190 THR A CB  1 
ATOM   1201 O  OG1 . THR A 1 151 ? 2.488   0.069   -4.567  1.00 24.80  ? 190 THR A OG1 1 
ATOM   1202 C  CG2 . THR A 1 151 ? 2.640   2.242   -5.658  1.00 29.05  ? 190 THR A CG2 1 
ATOM   1203 N  N   . GLN A 1 152 ? 6.036   -1.032  -4.518  1.00 22.83  ? 191 GLN A N   1 
ATOM   1204 C  CA  . GLN A 1 152 ? 6.731   -1.975  -3.620  1.00 23.81  ? 191 GLN A CA  1 
ATOM   1205 C  C   . GLN A 1 152 ? 7.680   -1.233  -2.657  1.00 26.51  ? 191 GLN A C   1 
ATOM   1206 O  O   . GLN A 1 152 ? 8.317   -0.229  -3.058  1.00 26.85  ? 191 GLN A O   1 
ATOM   1207 C  CB  . GLN A 1 152 ? 7.563   -3.015  -4.351  1.00 26.46  ? 191 GLN A CB  1 
ATOM   1208 C  CG  . GLN A 1 152 ? 6.688   -4.178  -4.820  1.00 29.35  ? 191 GLN A CG  1 
ATOM   1209 C  CD  . GLN A 1 152 ? 7.574   -5.213  -5.456  1.00 38.28  ? 191 GLN A CD  1 
ATOM   1210 O  OE1 . GLN A 1 152 ? 8.774   -4.976  -5.607  1.00 43.07  ? 191 GLN A OE1 1 
ATOM   1211 N  NE2 . GLN A 1 152 ? 6.969   -6.306  -5.933  1.00 39.96  ? 191 GLN A NE2 1 
ATOM   1212 N  N   . PHE A 1 153 ? 7.745   -1.737  -1.440  1.00 26.10  ? 192 PHE A N   1 
ATOM   1213 C  CA  . PHE A 1 153 ? 8.690   -1.215  -0.436  1.00 27.21  ? 192 PHE A CA  1 
ATOM   1214 C  C   . PHE A 1 153 ? 9.111   -2.302  0.538   1.00 26.03  ? 192 PHE A C   1 
ATOM   1215 O  O   . PHE A 1 153 ? 8.437   -3.285  0.848   1.00 26.98  ? 192 PHE A O   1 
ATOM   1216 C  CB  . PHE A 1 153 ? 8.047   -0.020  0.319   1.00 24.40  ? 192 PHE A CB  1 
ATOM   1217 C  CG  . PHE A 1 153 ? 6.824   -0.374  1.116   1.00 24.39  ? 192 PHE A CG  1 
ATOM   1218 C  CD1 . PHE A 1 153 ? 6.965   -0.853  2.402   1.00 22.98  ? 192 PHE A CD1 1 
ATOM   1219 C  CD2 . PHE A 1 153 ? 5.530   -0.288  0.606   1.00 23.19  ? 192 PHE A CD2 1 
ATOM   1220 C  CE1 . PHE A 1 153 ? 5.878   -1.256  3.160   1.00 24.05  ? 192 PHE A CE1 1 
ATOM   1221 C  CE2 . PHE A 1 153 ? 4.446   -0.667  1.385   1.00 21.67  ? 192 PHE A CE2 1 
ATOM   1222 C  CZ  . PHE A 1 153 ? 4.613   -1.153  2.650   1.00 25.30  ? 192 PHE A CZ  1 
ATOM   1223 N  N   . ILE A 1 154 ? 10.183  -1.966  1.296   1.00 24.87  ? 193 ILE A N   1 
ATOM   1224 C  CA  . ILE A 1 154 ? 10.579  -2.724  2.499   1.00 23.84  ? 193 ILE A CA  1 
ATOM   1225 C  C   . ILE A 1 154 ? 10.194  -1.920  3.728   1.00 28.61  ? 193 ILE A C   1 
ATOM   1226 O  O   . ILE A 1 154 ? 10.443  -0.714  3.680   1.00 28.68  ? 193 ILE A O   1 
ATOM   1227 C  CB  . ILE A 1 154 ? 12.106  -2.955  2.480   1.00 28.84  ? 193 ILE A CB  1 
ATOM   1228 C  CG1 . ILE A 1 154 ? 12.527  -3.723  1.226   1.00 30.68  ? 193 ILE A CG1 1 
ATOM   1229 C  CG2 . ILE A 1 154 ? 12.553  -3.627  3.777   1.00 30.78  ? 193 ILE A CG2 1 
ATOM   1230 C  CD1 . ILE A 1 154 ? 14.020  -3.769  0.975   1.00 35.70  ? 193 ILE A CD1 1 
ATOM   1231 N  N   . ALA A 1 155 ? 9.519   -2.560  4.672   1.00 28.44  ? 194 ALA A N   1 
ATOM   1232 C  CA  . ALA A 1 155 ? 9.086   -2.007  5.966   1.00 28.20  ? 194 ALA A CA  1 
ATOM   1233 C  C   . ALA A 1 155 ? 10.366  -1.890  6.819   1.00 29.62  ? 194 ALA A C   1 
ATOM   1234 O  O   . ALA A 1 155 ? 11.147  -2.845  6.830   1.00 31.68  ? 194 ALA A O   1 
ATOM   1235 C  CB  . ALA A 1 155 ? 8.049   -2.913  6.570   1.00 32.83  ? 194 ALA A CB  1 
ATOM   1236 N  N   . VAL A 1 156 ? 10.641  -0.722  7.399   1.00 30.95  ? 195 VAL A N   1 
ATOM   1237 C  CA  . VAL A 1 156 ? 11.904  -0.438  8.169   1.00 30.16  ? 195 VAL A CA  1 
ATOM   1238 C  C   . VAL A 1 156 ? 11.504  0.361   9.409   1.00 30.78  ? 195 VAL A C   1 
ATOM   1239 O  O   . VAL A 1 156 ? 10.520  1.070   9.326   1.00 29.66  ? 195 VAL A O   1 
ATOM   1240 C  CB  . VAL A 1 156 ? 12.956  0.303   7.319   1.00 29.47  ? 195 VAL A CB  1 
ATOM   1241 C  CG1 . VAL A 1 156 ? 13.379  -0.512  6.094   1.00 32.62  ? 195 VAL A CG1 1 
ATOM   1242 C  CG2 . VAL A 1 156 ? 12.496  1.706   6.918   1.00 28.07  ? 195 VAL A CG2 1 
ATOM   1243 N  N   . THR A 1 157 ? 12.185  0.202   10.551  1.00 32.20  ? 196 THR A N   1 
ATOM   1244 C  CA  . THR A 1 157 ? 11.898  1.062   11.733  1.00 36.61  ? 196 THR A CA  1 
ATOM   1245 C  C   . THR A 1 157 ? 12.694  2.374   11.647  1.00 32.37  ? 196 THR A C   1 
ATOM   1246 O  O   . THR A 1 157 ? 12.287  3.300   12.353  1.00 31.98  ? 196 THR A O   1 
ATOM   1247 C  CB  . THR A 1 157 ? 12.203  0.357   13.063  1.00 37.19  ? 196 THR A CB  1 
ATOM   1248 O  OG1 . THR A 1 157 ? 13.588  0.042   12.995  1.00 37.19  ? 196 THR A OG1 1 
ATOM   1249 C  CG2 . THR A 1 157 ? 11.361  -0.876  13.296  1.00 38.58  ? 196 THR A CG2 1 
ATOM   1250 N  N   . ALA A 1 158 ? 13.686  2.476   10.769  1.00 34.93  ? 197 ALA A N   1 
ATOM   1251 C  CA  . ALA A 1 158 ? 14.327  3.751   10.345  1.00 36.93  ? 197 ALA A CA  1 
ATOM   1252 C  C   . ALA A 1 158 ? 14.915  3.608   8.951   1.00 29.41  ? 197 ALA A C   1 
ATOM   1253 O  O   . ALA A 1 158 ? 15.313  2.498   8.586   1.00 33.49  ? 197 ALA A O   1 
ATOM   1254 C  CB  . ALA A 1 158 ? 15.417  4.134   11.327  1.00 37.41  ? 197 ALA A CB  1 
ATOM   1255 N  N   . TYR A 1 159 ? 15.050  4.699   8.196   1.00 29.69  ? 198 TYR A N   1 
ATOM   1256 C  CA  . TYR A 1 159 ? 15.577  4.609   6.830   1.00 28.97  ? 198 TYR A CA  1 
ATOM   1257 C  C   . TYR A 1 159 ? 17.034  4.144   6.812   1.00 35.45  ? 198 TYR A C   1 
ATOM   1258 O  O   . TYR A 1 159 ? 17.854  4.551   7.668   1.00 32.50  ? 198 TYR A O   1 
ATOM   1259 C  CB  . TYR A 1 159 ? 15.459  5.922   6.072   1.00 32.96  ? 198 TYR A CB  1 
ATOM   1260 C  CG  . TYR A 1 159 ? 14.045  6.347   5.860   1.00 31.94  ? 198 TYR A CG  1 
ATOM   1261 C  CD1 . TYR A 1 159 ? 13.110  5.480   5.285   1.00 32.66  ? 198 TYR A CD1 1 
ATOM   1262 C  CD2 . TYR A 1 159 ? 13.628  7.590   6.275   1.00 33.69  ? 198 TYR A CD2 1 
ATOM   1263 C  CE1 . TYR A 1 159 ? 11.792  5.864   5.134   1.00 33.93  ? 198 TYR A CE1 1 
ATOM   1264 C  CE2 . TYR A 1 159 ? 12.322  7.995   6.114   1.00 36.31  ? 198 TYR A CE2 1 
ATOM   1265 C  CZ  . TYR A 1 159 ? 11.408  7.130   5.544   1.00 37.91  ? 198 TYR A CZ  1 
ATOM   1266 O  OH  . TYR A 1 159 ? 10.158  7.593   5.354   1.00 34.22  ? 198 TYR A OH  1 
ATOM   1267 N  N   . GLN A 1 160 ? 17.391  3.338   5.810   1.00 29.09  ? 199 GLN A N   1 
ATOM   1268 C  CA  . GLN A 1 160 ? 18.748  2.783   5.660   1.00 27.89  ? 199 GLN A CA  1 
ATOM   1269 C  C   . GLN A 1 160 ? 19.447  3.517   4.544   1.00 32.79  ? 199 GLN A C   1 
ATOM   1270 O  O   . GLN A 1 160 ? 20.614  3.966   4.755   1.00 31.69  ? 199 GLN A O   1 
ATOM   1271 C  CB  . GLN A 1 160 ? 18.704  1.266   5.459   1.00 29.62  ? 199 GLN A CB  1 
ATOM   1272 C  CG  . GLN A 1 160 ? 17.982  0.547   6.580   1.00 33.43  ? 199 GLN A CG  1 
ATOM   1273 C  CD  . GLN A 1 160 ? 18.716  0.753   7.876   1.00 39.56  ? 199 GLN A CD  1 
ATOM   1274 O  OE1 . GLN A 1 160 ? 19.904  0.472   7.965   1.00 47.42  ? 199 GLN A OE1 1 
ATOM   1275 N  NE2 . GLN A 1 160 ? 18.015  1.287   8.860   1.00 39.33  ? 199 GLN A NE2 1 
ATOM   1276 N  N   . ASN A 1 161 ? 18.763  3.673   3.411   1.00 29.46  ? 200 ASN A N   1 
ATOM   1277 C  CA  . ASN A 1 161 ? 19.352  4.310   2.224   1.00 29.95  ? 200 ASN A CA  1 
ATOM   1278 C  C   . ASN A 1 161 ? 19.059  5.815   2.310   1.00 30.09  ? 200 ASN A C   1 
ATOM   1279 O  O   . ASN A 1 161 ? 17.907  6.213   2.267   1.00 27.97  ? 200 ASN A O   1 
ATOM   1280 C  CB  . ASN A 1 161 ? 18.803  3.680   0.951   1.00 31.08  ? 200 ASN A CB  1 
ATOM   1281 C  CG  . ASN A 1 161 ? 19.308  4.329   -0.303  1.00 32.00  ? 200 ASN A CG  1 
ATOM   1282 O  OD1 . ASN A 1 161 ? 20.183  5.188   -0.273  1.00 31.72  ? 200 ASN A OD1 1 
ATOM   1283 N  ND2 . ASN A 1 161 ? 18.772  3.903   -1.442  1.00 33.75  ? 200 ASN A ND2 1 
ATOM   1284 N  N   . GLU A 1 162 ? 20.080  6.658   2.451   1.00 31.00  ? 201 GLU A N   1 
ATOM   1285 C  CA  . GLU A 1 162 ? 19.803  8.105   2.645   1.00 30.42  ? 201 GLU A CA  1 
ATOM   1286 C  C   . GLU A 1 162 ? 19.233  8.688   1.342   1.00 29.59  ? 201 GLU A C   1 
ATOM   1287 O  O   . GLU A 1 162 ? 18.588  9.710   1.398   1.00 30.53  ? 201 GLU A O   1 
ATOM   1288 C  CB  . GLU A 1 162 ? 21.085  8.821   3.121   1.00 30.17  ? 201 GLU A CB  1 
ATOM   1289 C  CG  . GLU A 1 162 ? 22.196  8.877   2.110   1.00 33.30  ? 201 GLU A CG  1 
ATOM   1290 C  CD  . GLU A 1 162 ? 23.337  9.812   2.534   1.00 45.80  ? 201 GLU A CD  1 
ATOM   1291 O  OE1 . GLU A 1 162 ? 24.095  10.328  1.637   1.00 43.11  ? 201 GLU A OE1 1 
ATOM   1292 O  OE2 . GLU A 1 162 ? 23.453  10.048  3.766   1.00 48.97  ? 201 GLU A OE2 1 
ATOM   1293 N  N   . GLU A 1 163 ? 19.458  8.053   0.195   1.00 30.08  ? 202 GLU A N   1 
ATOM   1294 C  CA  . GLU A 1 163 ? 18.875  8.508   -1.091  1.00 31.47  ? 202 GLU A CA  1 
ATOM   1295 C  C   . GLU A 1 163 ? 17.349  8.496   -0.951  1.00 26.97  ? 202 GLU A C   1 
ATOM   1296 O  O   . GLU A 1 163 ? 16.702  9.362   -1.561  1.00 28.43  ? 202 GLU A O   1 
ATOM   1297 C  CB  . GLU A 1 163 ? 19.292  7.631   -2.272  1.00 33.49  ? 202 GLU A CB  1 
ATOM   1298 C  CG  . GLU A 1 163 ? 20.750  7.682   -2.649  1.00 36.68  ? 202 GLU A CG  1 
ATOM   1299 C  CD  . GLU A 1 163 ? 21.127  6.587   -3.650  1.00 48.10  ? 202 GLU A CD  1 
ATOM   1300 O  OE1 . GLU A 1 163 ? 22.000  6.855   -4.505  1.00 55.59  ? 202 GLU A OE1 1 
ATOM   1301 O  OE2 . GLU A 1 163 ? 20.499  5.484   -3.617  1.00 53.46  ? 202 GLU A OE2 1 
ATOM   1302 N  N   . ILE A 1 164 ? 16.787  7.553   -0.197  1.00 28.22  ? 203 ILE A N   1 
ATOM   1303 C  CA  . ILE A 1 164 ? 15.328  7.486   0.069   1.00 27.81  ? 203 ILE A CA  1 
ATOM   1304 C  C   . ILE A 1 164 ? 14.949  8.618   1.013   1.00 29.36  ? 203 ILE A C   1 
ATOM   1305 O  O   . ILE A 1 164 ? 13.970  9.291   0.771   1.00 27.55  ? 203 ILE A O   1 
ATOM   1306 C  CB  . ILE A 1 164 ? 14.926  6.111   0.635   1.00 26.90  ? 203 ILE A CB  1 
ATOM   1307 C  CG1 . ILE A 1 164 ? 15.116  5.046   -0.432  1.00 28.06  ? 203 ILE A CG1 1 
ATOM   1308 C  CG2 . ILE A 1 164 ? 13.529  6.126   1.217   1.00 29.36  ? 203 ILE A CG2 1 
ATOM   1309 C  CD1 . ILE A 1 164 ? 14.054  5.115   -1.568  1.00 34.30  ? 203 ILE A CD1 1 
ATOM   1310 N  N   . THR A 1 165 ? 15.696  8.771   2.096   1.00 28.31  ? 204 THR A N   1 
ATOM   1311 C  CA  . THR A 1 165 ? 15.432  9.838   3.072   1.00 28.91  ? 204 THR A CA  1 
ATOM   1312 C  C   . THR A 1 165 ? 15.333  11.142  2.297   1.00 25.03  ? 204 THR A C   1 
ATOM   1313 O  O   . THR A 1 165 ? 14.363  11.846  2.509   1.00 28.39  ? 204 THR A O   1 
ATOM   1314 C  CB  . THR A 1 165 ? 16.507  9.865   4.150   1.00 30.01  ? 204 THR A CB  1 
ATOM   1315 O  OG1 . THR A 1 165 ? 16.646  8.519   4.606   1.00 30.12  ? 204 THR A OG1 1 
ATOM   1316 C  CG2 . THR A 1 165 ? 16.149  10.836  5.255   1.00 28.54  ? 204 THR A CG2 1 
ATOM   1317 N  N   . ALA A 1 166 ? 16.258  11.391  1.392   1.00 29.20  ? 205 ALA A N   1 
ATOM   1318 C  CA  . ALA A 1 166 ? 16.373  12.687  0.677   1.00 29.64  ? 205 ALA A CA  1 
ATOM   1319 C  C   . ALA A 1 166 ? 15.173  12.856  -0.261  1.00 31.96  ? 205 ALA A C   1 
ATOM   1320 O  O   . ALA A 1 166 ? 14.634  13.973  -0.372  1.00 27.08  ? 205 ALA A O   1 
ATOM   1321 C  CB  . ALA A 1 166 ? 17.665  12.777  -0.066  1.00 35.57  ? 205 ALA A CB  1 
ATOM   1322 N  N   . LEU A 1 167 ? 14.771  11.789  -0.979  1.00 31.29  ? 206 LEU A N   1 
ATOM   1323 C  CA  . LEU A 1 167 ? 13.597  11.904  -1.884  1.00 29.47  ? 206 LEU A CA  1 
ATOM   1324 C  C   . LEU A 1 167 ? 12.327  12.153  -1.093  1.00 25.46  ? 206 LEU A C   1 
ATOM   1325 O  O   . LEU A 1 167 ? 11.484  12.908  -1.592  1.00 28.95  ? 206 LEU A O   1 
ATOM   1326 C  CB  . LEU A 1 167 ? 13.406  10.607  -2.667  1.00 30.62  ? 206 LEU A CB  1 
ATOM   1327 C  CG  . LEU A 1 167 ? 13.805  10.560  -4.132  1.00 41.40  ? 206 LEU A CG  1 
ATOM   1328 C  CD1 . LEU A 1 167 ? 12.926  9.507   -4.830  1.00 35.59  ? 206 LEU A CD1 1 
ATOM   1329 C  CD2 . LEU A 1 167 ? 13.713  11.910  -4.842  1.00 40.92  ? 206 LEU A CD2 1 
ATOM   1330 N  N   . LYS A 1 168 ? 12.170  11.489  0.043   1.00 25.43  ? 207 LYS A N   1 
ATOM   1331 C  CA  . LYS A 1 168 ? 10.995  11.634  0.919   1.00 26.66  ? 207 LYS A CA  1 
ATOM   1332 C  C   . LYS A 1 168 ? 10.876  13.124  1.270   1.00 32.54  ? 207 LYS A C   1 
ATOM   1333 O  O   . LYS A 1 168 ? 9.774   13.708  1.170   1.00 32.30  ? 207 LYS A O   1 
ATOM   1334 C  CB  . LYS A 1 168 ? 11.092  10.762  2.167   1.00 29.84  ? 207 LYS A CB  1 
ATOM   1335 C  CG  . LYS A 1 168 ? 11.119  9.248   1.907   1.00 32.49  ? 207 LYS A CG  1 
ATOM   1336 C  CD  . LYS A 1 168 ? 9.836   8.545   2.159   1.00 34.11  ? 207 LYS A CD  1 
ATOM   1337 C  CE  . LYS A 1 168 ? 9.993   7.054   1.888   1.00 30.30  ? 207 LYS A CE  1 
ATOM   1338 N  NZ  . LYS A 1 168 ? 8.841   6.296   2.359   1.00 33.12  ? 207 LYS A NZ  1 
ATOM   1339 N  N   . ILE A 1 169 ? 11.985  13.729  1.696   1.00 28.62  ? 208 ILE A N   1 
ATOM   1340 C  CA  . ILE A 1 169 ? 11.898  15.139  2.184   1.00 27.72  ? 208 ILE A CA  1 
ATOM   1341 C  C   . ILE A 1 169 ? 11.654  16.041  0.976   1.00 25.70  ? 208 ILE A C   1 
ATOM   1342 O  O   . ILE A 1 169 ? 10.843  16.994  1.056   1.00 28.65  ? 208 ILE A O   1 
ATOM   1343 C  CB  . ILE A 1 169 ? 13.172  15.489  2.966   1.00 27.39  ? 208 ILE A CB  1 
ATOM   1344 C  CG1 . ILE A 1 169 ? 13.239  14.720  4.273   1.00 25.36  ? 208 ILE A CG1 1 
ATOM   1345 C  CG2 . ILE A 1 169 ? 13.288  16.995  3.219   1.00 28.45  ? 208 ILE A CG2 1 
ATOM   1346 C  CD1 . ILE A 1 169 ? 14.596  14.619  4.809   1.00 29.46  ? 208 ILE A CD1 1 
ATOM   1347 N  N   . LYS A 1 170 ? 12.336  15.774  -0.119  1.00 27.95  ? 209 LYS A N   1 
ATOM   1348 C  CA  . LYS A 1 170 ? 12.262  16.656  -1.306  1.00 28.84  ? 209 LYS A CA  1 
ATOM   1349 C  C   . LYS A 1 170 ? 10.796  16.776  -1.738  1.00 31.35  ? 209 LYS A C   1 
ATOM   1350 O  O   . LYS A 1 170 ? 10.375  17.885  -2.179  1.00 30.20  ? 209 LYS A O   1 
ATOM   1351 C  CB  . LYS A 1 170 ? 13.170  16.130  -2.414  1.00 32.03  ? 209 LYS A CB  1 
ATOM   1352 C  CG  . LYS A 1 170 ? 13.222  16.963  -3.687  1.00 35.59  ? 209 LYS A CG  1 
ATOM   1353 C  CD  . LYS A 1 170 ? 14.374  16.538  -4.612  1.00 37.66  ? 209 LYS A CD  1 
ATOM   1354 C  CE  . LYS A 1 170 ? 14.793  17.572  -5.643  1.00 43.00  ? 209 LYS A CE  1 
ATOM   1355 N  NZ  . LYS A 1 170 ? 13.778  17.670  -6.716  1.00 43.54  ? 209 LYS A NZ  1 
ATOM   1356 N  N   . TYR A 1 171 ? 10.053  15.677  -1.700  1.00 30.20  ? 210 TYR A N   1 
ATOM   1357 C  CA  . TYR A 1 171 ? 8.709   15.603  -2.315  1.00 33.79  ? 210 TYR A CA  1 
ATOM   1358 C  C   . TYR A 1 171 ? 7.591   15.718  -1.285  1.00 31.67  ? 210 TYR A C   1 
ATOM   1359 O  O   . TYR A 1 171 ? 6.428   15.838  -1.688  1.00 36.84  ? 210 TYR A O   1 
ATOM   1360 C  CB  . TYR A 1 171 ? 8.655   14.404  -3.263  1.00 35.32  ? 210 TYR A CB  1 
ATOM   1361 C  CG  . TYR A 1 171 ? 9.448   14.739  -4.496  1.00 35.01  ? 210 TYR A CG  1 
ATOM   1362 C  CD1 . TYR A 1 171 ? 9.040   15.766  -5.333  1.00 38.29  ? 210 TYR A CD1 1 
ATOM   1363 C  CD2 . TYR A 1 171 ? 10.669  14.148  -4.747  1.00 36.56  ? 210 TYR A CD2 1 
ATOM   1364 C  CE1 . TYR A 1 171 ? 9.778   16.122  -6.451  1.00 42.68  ? 210 TYR A CE1 1 
ATOM   1365 C  CE2 . TYR A 1 171 ? 11.432  14.504  -5.845  1.00 38.13  ? 210 TYR A CE2 1 
ATOM   1366 C  CZ  . TYR A 1 171 ? 10.976  15.482  -6.713  1.00 41.15  ? 210 TYR A CZ  1 
ATOM   1367 O  OH  . TYR A 1 171 ? 11.743  15.854  -7.787  1.00 42.61  ? 210 TYR A OH  1 
ATOM   1368 N  N   . ASN A 1 172 ? 7.879   15.711  0.008   1.00 33.01  ? 211 ASN A N   1 
ATOM   1369 C  CA  . ASN A 1 172 ? 6.803   15.782  1.016   1.00 35.13  ? 211 ASN A CA  1 
ATOM   1370 C  C   . ASN A 1 172 ? 6.510   17.282  1.235   1.00 51.23  ? 211 ASN A C   1 
ATOM   1371 O  O   . ASN A 1 172 ? 7.171   18.146  0.637   1.00 44.96  ? 211 ASN A O   1 
ATOM   1372 C  CB  . ASN A 1 172 ? 7.100   14.873  2.216   1.00 37.76  ? 211 ASN A CB  1 
ATOM   1373 C  CG  . ASN A 1 172 ? 8.113   15.410  3.223   1.00 45.30  ? 211 ASN A CG  1 
ATOM   1374 O  OD1 . ASN A 1 172 ? 8.517   14.688  4.148   1.00 46.00  ? 211 ASN A OD1 1 
ATOM   1375 N  ND2 . ASN A 1 172 ? 8.515   16.664  3.076   1.00 41.44  ? 211 ASN A ND2 1 
HETATM 1376 CD CD  . CD  B 2 .   ? 0.754   -8.878  -7.453  0.50 23.92  ? 301 CD  A CD  1 
HETATM 1377 CD CD  . CD  C 2 .   ? 4.219   -8.077  -8.130  1.00 25.90  ? 302 CD  A CD  1 
HETATM 1378 CD CD  . CD  D 2 .   ? -5.440  -6.398  12.293  1.00 61.36  ? 303 CD  A CD  1 
HETATM 1379 CD CD  . CD  E 2 .   ? 12.728  -17.863 -1.529  1.00 33.52  ? 304 CD  A CD  1 
HETATM 1380 CD CD  . CD  F 2 .   ? -7.381  -8.911  10.326  1.00 59.43  ? 305 CD  A CD  1 
HETATM 1381 N  N1  . NZ4 G 3 .   ? 16.101  -20.692 -0.268  0.70 56.94  ? 306 NZ4 A N1  1 
HETATM 1382 C  C4  . NZ4 G 3 .   ? 18.224  -17.989 2.137   0.70 61.34  ? 306 NZ4 A C4  1 
HETATM 1383 C  C5  . NZ4 G 3 .   ? 17.936  -19.256 2.617   0.70 61.41  ? 306 NZ4 A C5  1 
HETATM 1384 C  C6  . NZ4 G 3 .   ? 17.238  -20.160 1.843   0.70 60.58  ? 306 NZ4 A C6  1 
HETATM 1385 C  C7  . NZ4 G 3 .   ? 16.820  -19.800 0.561   0.70 57.44  ? 306 NZ4 A C7  1 
HETATM 1386 C  C8  . NZ4 G 3 .   ? 16.122  -22.061 -0.165  0.70 55.84  ? 306 NZ4 A C8  1 
HETATM 1387 C  C10 . NZ4 G 3 .   ? 13.614  -24.596 -0.326  0.70 58.68  ? 306 NZ4 A C10 1 
HETATM 1388 C  C13 . NZ4 G 3 .   ? 17.116  -18.526 0.080   0.70 59.55  ? 306 NZ4 A C13 1 
HETATM 1389 C  C1  . NZ4 G 3 .   ? 17.797  -15.875 -1.081  0.70 63.95  ? 306 NZ4 A C1  1 
HETATM 1390 C  C11 . NZ4 G 3 .   ? 13.070  -23.090 -2.064  0.70 54.17  ? 306 NZ4 A C11 1 
HETATM 1391 C  C12 . NZ4 G 3 .   ? 13.967  -22.074 -1.401  0.70 53.91  ? 306 NZ4 A C12 1 
HETATM 1392 C  C2  . NZ4 G 3 .   ? 18.123  -16.236 0.337   0.70 65.07  ? 306 NZ4 A C2  1 
HETATM 1393 C  C3  . NZ4 G 3 .   ? 17.816  -17.608 0.862   0.70 61.90  ? 306 NZ4 A C3  1 
HETATM 1394 C  C9  . NZ4 G 3 .   ? 14.996  -24.183 -0.773  0.70 56.63  ? 306 NZ4 A C9  1 
HETATM 1395 N  N2  . NZ4 G 3 .   ? 15.097  -22.729 -0.753  0.70 54.34  ? 306 NZ4 A N2  1 
HETATM 1396 O  O1  . NZ4 G 3 .   ? 18.642  -15.406 1.073   0.70 69.94  ? 306 NZ4 A O1  1 
HETATM 1397 O  O2  . NZ4 G 3 .   ? 17.027  -22.650 0.430   0.70 54.83  ? 306 NZ4 A O2  1 
HETATM 1398 O  O3  . NZ4 G 3 .   ? 12.577  -24.062 -1.147  0.70 58.77  ? 306 NZ4 A O3  1 
HETATM 1399 N  N1  . NZ4 H 3 .   ? 17.212  -24.731 -4.580  0.70 32.21  ? 307 NZ4 A N1  1 
HETATM 1400 C  C4  . NZ4 H 3 .   ? 17.431  -20.642 -3.710  0.70 31.16  ? 307 NZ4 A C4  1 
HETATM 1401 C  C5  . NZ4 H 3 .   ? 16.468  -21.141 -4.566  0.70 30.46  ? 307 NZ4 A C5  1 
HETATM 1402 C  C6  . NZ4 H 3 .   ? 16.398  -22.490 -4.837  0.70 30.19  ? 307 NZ4 A C6  1 
HETATM 1403 C  C7  . NZ4 H 3 .   ? 17.309  -23.363 -4.240  0.70 30.36  ? 307 NZ4 A C7  1 
HETATM 1404 C  C8  . NZ4 H 3 .   ? 17.087  -25.170 -5.871  0.70 30.65  ? 307 NZ4 A C8  1 
HETATM 1405 C  C10 . NZ4 H 3 .   ? 17.030  -28.800 -5.252  0.70 38.06  ? 307 NZ4 A C10 1 
HETATM 1406 C  C13 . NZ4 H 3 .   ? 18.295  -22.851 -3.396  0.70 30.06  ? 307 NZ4 A C13 1 
HETATM 1407 C  C1  . NZ4 H 3 .   ? 19.765  -19.508 -2.160  0.70 38.88  ? 307 NZ4 A C1  1 
HETATM 1408 C  C11 . NZ4 H 3 .   ? 17.135  -28.443 -7.522  0.70 37.42  ? 307 NZ4 A C11 1 
HETATM 1409 C  C12 . NZ4 H 3 .   ? 16.671  -27.016 -7.411  0.70 35.57  ? 307 NZ4 A C12 1 
HETATM 1410 C  C2  . NZ4 H 3 .   ? 19.431  -20.967 -2.196  0.70 36.40  ? 307 NZ4 A C2  1 
HETATM 1411 C  C3  . NZ4 H 3 .   ? 18.358  -21.487 -3.112  0.70 34.12  ? 307 NZ4 A C3  1 
HETATM 1412 C  C9  . NZ4 H 3 .   ? 16.509  -27.416 -4.966  0.70 36.43  ? 307 NZ4 A C9  1 
HETATM 1413 N  N2  . NZ4 H 3 .   ? 16.813  -26.488 -6.054  0.70 34.46  ? 307 NZ4 A N2  1 
HETATM 1414 O  O1  . NZ4 H 3 .   ? 20.076  -21.745 -1.508  0.70 45.43  ? 307 NZ4 A O1  1 
HETATM 1415 O  O2  . NZ4 H 3 .   ? 17.192  -24.387 -6.822  0.70 30.05  ? 307 NZ4 A O2  1 
HETATM 1416 O  O3  . NZ4 H 3 .   ? 16.567  -29.257 -6.510  0.70 37.89  ? 307 NZ4 A O3  1 
HETATM 1417 O  O   . HOH I 4 .   ? 15.150  -14.738 4.851   1.00 51.97  ? 401 HOH A O   1 
HETATM 1418 O  O   . HOH I 4 .   ? -19.290 -2.265  -11.006 1.00 44.27  ? 402 HOH A O   1 
HETATM 1419 O  O   . HOH I 4 .   ? -12.579 8.365   -12.705 1.00 57.60  ? 403 HOH A O   1 
HETATM 1420 O  O   . HOH I 4 .   ? 8.584   -6.406  12.418  1.00 50.87  ? 404 HOH A O   1 
HETATM 1421 O  O   . HOH I 4 .   ? 17.862  10.839  -3.194  1.00 42.64  ? 405 HOH A O   1 
HETATM 1422 O  O   . HOH I 4 .   ? -8.539  5.869   8.413   1.00 34.28  ? 406 HOH A O   1 
HETATM 1423 O  O   . HOH I 4 .   ? -12.883 11.927  -0.555  1.00 38.12  ? 407 HOH A O   1 
HETATM 1424 O  O   . HOH I 4 .   ? -0.023  7.518   -6.007  1.00 32.27  ? 408 HOH A O   1 
HETATM 1425 O  O   . HOH I 4 .   ? 10.158  -9.993  2.330   1.00 29.87  ? 409 HOH A O   1 
HETATM 1426 O  O   . HOH I 4 .   ? 7.722   2.633   17.723  1.00 56.08  ? 410 HOH A O   1 
HETATM 1427 O  O   . HOH I 4 .   ? 4.766   4.358   6.777   1.00 34.33  ? 411 HOH A O   1 
HETATM 1428 O  O   . HOH I 4 .   ? -20.197 6.799   3.217   0.50 55.86  ? 412 HOH A O   1 
HETATM 1429 O  O   . HOH I 4 .   ? 0.808   9.869   -4.559  1.00 40.85  ? 413 HOH A O   1 
HETATM 1430 O  O   . HOH I 4 .   ? -1.642  -6.712  9.347   1.00 38.84  ? 414 HOH A O   1 
HETATM 1431 O  O   . HOH I 4 .   ? -5.468  -9.323  2.978   1.00 40.45  ? 415 HOH A O   1 
HETATM 1432 O  O   . HOH I 4 .   ? -0.757  -4.703  -11.601 1.00 45.12  ? 416 HOH A O   1 
HETATM 1433 O  O   . HOH I 4 .   ? -11.475 -10.480 -8.352  1.00 36.12  ? 417 HOH A O   1 
HETATM 1434 O  O   . HOH I 4 .   ? 16.661  1.727   -0.109  1.00 31.04  ? 418 HOH A O   1 
HETATM 1435 O  O   . HOH I 4 .   ? -0.850  6.767   4.701   1.00 28.02  ? 419 HOH A O   1 
HETATM 1436 O  O   . HOH I 4 .   ? 8.093   2.004   -4.586  1.00 25.01  ? 420 HOH A O   1 
HETATM 1437 O  O   . HOH I 4 .   ? -9.733  -10.634 -6.509  1.00 31.38  ? 421 HOH A O   1 
HETATM 1438 O  O   . HOH I 4 .   ? -1.056  12.474  13.038  1.00 47.61  ? 422 HOH A O   1 
HETATM 1439 O  O   . HOH I 4 .   ? -9.664  -8.798  -9.909  1.00 34.22  ? 423 HOH A O   1 
HETATM 1440 O  O   . HOH I 4 .   ? -6.102  -7.721  -11.404 1.00 47.96  ? 424 HOH A O   1 
HETATM 1441 O  O   . HOH I 4 .   ? 10.943  -0.667  -3.968  1.00 31.49  ? 425 HOH A O   1 
HETATM 1442 O  O   . HOH I 4 .   ? -10.819 7.691   -9.424  1.00 38.05  ? 426 HOH A O   1 
HETATM 1443 O  O   . HOH I 4 .   ? -11.214 11.230  2.602   1.00 35.16  ? 427 HOH A O   1 
HETATM 1444 O  O   . HOH I 4 .   ? 11.312  20.274  -3.357  1.00 31.58  ? 428 HOH A O   1 
HETATM 1445 O  O   . HOH I 4 .   ? -11.866 8.829   -2.274  1.00 34.75  ? 429 HOH A O   1 
HETATM 1446 O  O   . HOH I 4 .   ? -9.442  10.048  -1.555  1.00 30.15  ? 430 HOH A O   1 
HETATM 1447 O  O   . HOH I 4 .   ? -6.728  6.758   3.869   1.00 28.30  ? 431 HOH A O   1 
HETATM 1448 O  O   . HOH I 4 .   ? -0.975  5.228   1.182   1.00 26.95  ? 432 HOH A O   1 
HETATM 1449 O  O   . HOH I 4 .   ? 0.654   8.626   -12.965 1.00 52.27  ? 433 HOH A O   1 
HETATM 1450 O  O   . HOH I 4 .   ? 22.739  5.510   2.895   1.00 43.07  ? 434 HOH A O   1 
HETATM 1451 O  O   . HOH I 4 .   ? -4.546  2.658   9.685   1.00 37.74  ? 435 HOH A O   1 
HETATM 1452 O  O   . HOH I 4 .   ? 14.647  7.255   9.580   1.00 35.59  ? 436 HOH A O   1 
HETATM 1453 O  O   . HOH I 4 .   ? 19.604  -1.932  -2.621  1.00 42.69  ? 437 HOH A O   1 
HETATM 1454 O  O   . HOH I 4 .   ? -12.525 9.849   -4.782  1.00 34.42  ? 438 HOH A O   1 
HETATM 1455 O  O   . HOH I 4 .   ? -15.774 -5.060  -8.174  1.00 47.18  ? 439 HOH A O   1 
HETATM 1456 O  O   . HOH I 4 .   ? 12.920  6.208   12.602  1.00 48.92  ? 440 HOH A O   1 
HETATM 1457 O  O   . HOH I 4 .   ? -17.876 6.935   5.110   1.00 43.69  ? 441 HOH A O   1 
HETATM 1458 O  O   . HOH I 4 .   ? -2.736  -10.625 -5.683  1.00 27.38  ? 442 HOH A O   1 
HETATM 1459 O  O   . HOH I 4 .   ? 2.095   9.319   10.862  1.00 38.44  ? 443 HOH A O   1 
HETATM 1460 O  O   . HOH I 4 .   ? 3.097   10.007  -13.545 1.00 42.17  ? 444 HOH A O   1 
HETATM 1461 O  O   . HOH I 4 .   ? 14.628  -18.910 -2.294  1.00 23.86  ? 445 HOH A O   1 
HETATM 1462 O  O   . HOH I 4 .   ? 14.600  -1.755  10.418  1.00 43.53  ? 446 HOH A O   1 
HETATM 1463 O  O   . HOH I 4 .   ? -6.105  12.371  10.944  1.00 43.56  ? 447 HOH A O   1 
HETATM 1464 O  O   . HOH I 4 .   ? -8.442  -7.600  8.425   1.00 37.03  ? 448 HOH A O   1 
HETATM 1465 O  O   . HOH I 4 .   ? 1.903   11.477  -2.131  1.00 33.98  ? 449 HOH A O   1 
HETATM 1466 O  O   . HOH I 4 .   ? -7.119  -2.147  -14.628 1.00 43.89  ? 450 HOH A O   1 
HETATM 1467 O  O   . HOH I 4 .   ? -8.273  9.013   3.201   1.00 37.15  ? 451 HOH A O   1 
HETATM 1468 O  O   . HOH I 4 .   ? 0.058   -9.510  -5.380  0.50 26.22  ? 452 HOH A O   1 
HETATM 1469 O  O   . HOH I 4 .   ? 7.514   -1.113  -11.521 1.00 44.11  ? 453 HOH A O   1 
HETATM 1470 O  O   . HOH I 4 .   ? -3.234  -5.317  12.053  1.00 35.75  ? 454 HOH A O   1 
HETATM 1471 O  O   . HOH I 4 .   ? -3.359  -6.784  -10.723 1.00 24.10  ? 455 HOH A O   1 
HETATM 1472 O  O   . HOH I 4 .   ? -9.222  10.529  1.131   1.00 36.50  ? 456 HOH A O   1 
HETATM 1473 O  O   . HOH I 4 .   ? -6.473  -3.809  11.284  1.00 47.77  ? 457 HOH A O   1 
HETATM 1474 O  O   . HOH I 4 .   ? 12.143  -16.154 -3.130  1.00 31.02  ? 458 HOH A O   1 
HETATM 1475 O  O   . HOH I 4 .   ? -21.399 10.655  -4.771  1.00 40.75  ? 459 HOH A O   1 
HETATM 1476 O  O   . HOH I 4 .   ? 5.822   -9.523  -6.985  1.00 20.14  ? 460 HOH A O   1 
HETATM 1477 O  O   . HOH I 4 .   ? 11.132  -19.457 -0.892  1.00 27.98  ? 461 HOH A O   1 
HETATM 1478 O  O   . HOH I 4 .   ? 16.768  13.694  -3.666  1.00 42.47  ? 462 HOH A O   1 
HETATM 1479 O  O   . HOH I 4 .   ? 14.205  19.286  -0.001  1.00 36.23  ? 463 HOH A O   1 
HETATM 1480 O  O   . HOH I 4 .   ? 12.180  11.596  5.854   1.00 58.54  ? 464 HOH A O   1 
HETATM 1481 O  O   . HOH I 4 .   ? 21.919  10.859  -4.814  1.00 38.63  ? 465 HOH A O   1 
HETATM 1482 O  O   . HOH I 4 .   ? -9.654  8.298   8.840   1.00 33.13  ? 466 HOH A O   1 
HETATM 1483 O  O   . HOH I 4 .   ? -17.848 -4.528  -9.767  1.00 37.35  ? 467 HOH A O   1 
HETATM 1484 O  O   . HOH I 4 .   ? 13.952  11.405  7.754   1.00 60.16  ? 468 HOH A O   1 
HETATM 1485 O  O   . HOH I 4 .   ? -7.995  -7.207  12.362  1.00 42.79  ? 469 HOH A O   1 
HETATM 1486 O  O   . HOH I 4 .   ? -6.506  -10.429 12.106  1.00 50.93  ? 470 HOH A O   1 
# 
